data_4R3I
# 
_entry.id   4R3I 
# 
_audit_conform.dict_name       mmcif_pdbx.dic 
_audit_conform.dict_version    5.389 
_audit_conform.dict_location   http://mmcif.pdb.org/dictionaries/ascii/mmcif_pdbx.dic 
# 
loop_
_database_2.database_id 
_database_2.database_code 
_database_2.pdbx_database_accession 
_database_2.pdbx_DOI 
PDB   4R3I         pdb_00004r3i 10.2210/pdb4r3i/pdb 
NDB   NA3143       ?            ?                   
RCSB  RCSB086852   ?            ?                   
WWPDB D_1000086852 ?            ?                   
# 
loop_
_pdbx_audit_revision_history.ordinal 
_pdbx_audit_revision_history.data_content_type 
_pdbx_audit_revision_history.major_revision 
_pdbx_audit_revision_history.minor_revision 
_pdbx_audit_revision_history.revision_date 
1 'Structure model' 1 0 2014-09-17 
2 'Structure model' 1 1 2014-10-01 
3 'Structure model' 1 2 2014-11-19 
4 'Structure model' 2 0 2024-02-28 
5 'Structure model' 2 1 2024-04-03 
# 
_pdbx_audit_revision_details.ordinal             1 
_pdbx_audit_revision_details.revision_ordinal    1 
_pdbx_audit_revision_details.data_content_type   'Structure model' 
_pdbx_audit_revision_details.provider            repository 
_pdbx_audit_revision_details.type                'Initial release' 
_pdbx_audit_revision_details.description         ? 
_pdbx_audit_revision_details.details             ? 
# 
loop_
_pdbx_audit_revision_group.ordinal 
_pdbx_audit_revision_group.revision_ordinal 
_pdbx_audit_revision_group.data_content_type 
_pdbx_audit_revision_group.group 
1 2 'Structure model' 'Database references'    
2 3 'Structure model' 'Database references'    
3 4 'Structure model' 'Data collection'        
4 4 'Structure model' 'Database references'    
5 4 'Structure model' 'Derived calculations'   
6 4 'Structure model' 'Polymer sequence'       
7 5 'Structure model' 'Refinement description' 
# 
loop_
_pdbx_audit_revision_category.ordinal 
_pdbx_audit_revision_category.revision_ordinal 
_pdbx_audit_revision_category.data_content_type 
_pdbx_audit_revision_category.category 
1 4 'Structure model' chem_comp_atom                
2 4 'Structure model' chem_comp_bond                
3 4 'Structure model' database_2                    
4 4 'Structure model' entity_poly                   
5 4 'Structure model' struct_conn                   
6 4 'Structure model' struct_ref_seq_dif            
7 5 'Structure model' pdbx_initial_refinement_model 
# 
loop_
_pdbx_audit_revision_item.ordinal 
_pdbx_audit_revision_item.revision_ordinal 
_pdbx_audit_revision_item.data_content_type 
_pdbx_audit_revision_item.item 
1 4 'Structure model' '_database_2.pdbx_DOI'                      
2 4 'Structure model' '_database_2.pdbx_database_accession'       
3 4 'Structure model' '_entity_poly.pdbx_seq_one_letter_code_can' 
4 4 'Structure model' '_struct_conn.pdbx_leaving_atom_flag'       
5 4 'Structure model' '_struct_ref_seq_dif.details'               
# 
_pdbx_database_status.entry_id                        4R3I 
_pdbx_database_status.status_code                     REL 
_pdbx_database_status.methods_development_category    ? 
_pdbx_database_status.deposit_site                    RCSB 
_pdbx_database_status.process_site                    RCSB 
_pdbx_database_status.recvd_initial_deposition_date   2014-08-15 
_pdbx_database_status.status_code_sf                  REL 
_pdbx_database_status.status_code_mr                  ? 
_pdbx_database_status.SG_entry                        Y 
_pdbx_database_status.status_code_cs                  ? 
_pdbx_database_status.pdb_format_compatible           Y 
_pdbx_database_status.status_code_nmr_data            ? 
# 
_pdbx_database_related.db_name        PDB 
_pdbx_database_related.db_id          4R3H 
_pdbx_database_related.details        . 
_pdbx_database_related.content_type   unspecified 
# 
loop_
_audit_author.name 
_audit_author.pdbx_ordinal 
'Tempel, W.'                           1 
'Xu, C.'                               2 
'Liu, K.'                              3 
'Li, Y.'                               4 
'Bountra, C.'                          5 
'Arrowsmith, C.H.'                     6 
'Edwards, A.M.'                        7 
'Min, J.'                              8 
'Structural Genomics Consortium (SGC)' 9 
# 
_citation.id                        primary 
_citation.title                     'Structural basis for selective binding of m(6)A RNA by the YTHDC1 YTH domain.' 
_citation.journal_abbrev            Nat.Chem.Biol. 
_citation.journal_volume            10 
_citation.page_first                927 
_citation.page_last                 929 
_citation.year                      2014 
_citation.journal_id_ASTM           ? 
_citation.country                   US 
_citation.journal_id_ISSN           1552-4450 
_citation.journal_id_CSD            ? 
_citation.book_publisher            ? 
_citation.pdbx_database_id_PubMed   25242552 
_citation.pdbx_database_id_DOI      10.1038/nchembio.1654 
# 
loop_
_citation_author.citation_id 
_citation_author.name 
_citation_author.ordinal 
_citation_author.identifier_ORCID 
primary 'Xu, C.'          1 ? 
primary 'Wang, X.'        2 ? 
primary 'Liu, K.'         3 ? 
primary 'Roundtree, I.A.' 4 ? 
primary 'Tempel, W.'      5 ? 
primary 'Li, Y.'          6 ? 
primary 'Lu, Z.'          7 ? 
primary 'He, C.'          8 ? 
primary 'Min, J.'         9 ? 
# 
loop_
_entity.id 
_entity.type 
_entity.src_method 
_entity.pdbx_description 
_entity.formula_weight 
_entity.pdbx_number_of_molecules 
_entity.pdbx_ec 
_entity.pdbx_mutation 
_entity.pdbx_fragment 
_entity.details 
1 polymer     man 'YTH domain-containing protein 1'   18823.826 1  ? ? ? ? 
2 polymer     syn 
;RNA (5'-R(*GP*GP*(6MZ)P*CP*U)-3')
;
1600.035  1  ? ? ? ? 
3 non-polymer syn 'UNKNOWN ATOM OR ION'               ?         7  ? ? ? ? 
4 water       nat water                               18.015    89 ? ? ? ? 
# 
_entity_name_com.entity_id   1 
_entity_name_com.name        'Putative splicing factor YT521, YT521-B' 
# 
loop_
_entity_poly.entity_id 
_entity_poly.type 
_entity_poly.nstd_linkage 
_entity_poly.nstd_monomer 
_entity_poly.pdbx_seq_one_letter_code 
_entity_poly.pdbx_seq_one_letter_code_can 
_entity_poly.pdbx_strand_id 
_entity_poly.pdbx_target_identifier 
1 'polypeptide(L)'   no no  
;GTSKLKYVLQDARFFLIKSNNHENVSLAKAKGVWSTLPVNEKKLNLAFRSARSVILIFSVRESGKFQGFARLSSESHHGG
SPIHWVLPAGMSAKMLGGVFKIDWICRRELPFTKSAHLTNPWNEHKPVKIGRDGQEIELECGTQLCLLFPPDESIDLYQV
IHKMRH
;
;GTSKLKYVLQDARFFLIKSNNHENVSLAKAKGVWSTLPVNEKKLNLAFRSARSVILIFSVRESGKFQGFARLSSESHHGG
SPIHWVLPAGMSAKMLGGVFKIDWICRRELPFTKSAHLTNPWNEHKPVKIGRDGQEIELECGTQLCLLFPPDESIDLYQV
IHKMRH
;
A ? 
2 polyribonucleotide no yes 'GG(6MZ)CU' GGACU B ? 
# 
loop_
_pdbx_entity_nonpoly.entity_id 
_pdbx_entity_nonpoly.name 
_pdbx_entity_nonpoly.comp_id 
3 'UNKNOWN ATOM OR ION' UNX 
4 water                 HOH 
# 
loop_
_entity_poly_seq.entity_id 
_entity_poly_seq.num 
_entity_poly_seq.mon_id 
_entity_poly_seq.hetero 
1 1   GLY n 
1 2   THR n 
1 3   SER n 
1 4   LYS n 
1 5   LEU n 
1 6   LYS n 
1 7   TYR n 
1 8   VAL n 
1 9   LEU n 
1 10  GLN n 
1 11  ASP n 
1 12  ALA n 
1 13  ARG n 
1 14  PHE n 
1 15  PHE n 
1 16  LEU n 
1 17  ILE n 
1 18  LYS n 
1 19  SER n 
1 20  ASN n 
1 21  ASN n 
1 22  HIS n 
1 23  GLU n 
1 24  ASN n 
1 25  VAL n 
1 26  SER n 
1 27  LEU n 
1 28  ALA n 
1 29  LYS n 
1 30  ALA n 
1 31  LYS n 
1 32  GLY n 
1 33  VAL n 
1 34  TRP n 
1 35  SER n 
1 36  THR n 
1 37  LEU n 
1 38  PRO n 
1 39  VAL n 
1 40  ASN n 
1 41  GLU n 
1 42  LYS n 
1 43  LYS n 
1 44  LEU n 
1 45  ASN n 
1 46  LEU n 
1 47  ALA n 
1 48  PHE n 
1 49  ARG n 
1 50  SER n 
1 51  ALA n 
1 52  ARG n 
1 53  SER n 
1 54  VAL n 
1 55  ILE n 
1 56  LEU n 
1 57  ILE n 
1 58  PHE n 
1 59  SER n 
1 60  VAL n 
1 61  ARG n 
1 62  GLU n 
1 63  SER n 
1 64  GLY n 
1 65  LYS n 
1 66  PHE n 
1 67  GLN n 
1 68  GLY n 
1 69  PHE n 
1 70  ALA n 
1 71  ARG n 
1 72  LEU n 
1 73  SER n 
1 74  SER n 
1 75  GLU n 
1 76  SER n 
1 77  HIS n 
1 78  HIS n 
1 79  GLY n 
1 80  GLY n 
1 81  SER n 
1 82  PRO n 
1 83  ILE n 
1 84  HIS n 
1 85  TRP n 
1 86  VAL n 
1 87  LEU n 
1 88  PRO n 
1 89  ALA n 
1 90  GLY n 
1 91  MET n 
1 92  SER n 
1 93  ALA n 
1 94  LYS n 
1 95  MET n 
1 96  LEU n 
1 97  GLY n 
1 98  GLY n 
1 99  VAL n 
1 100 PHE n 
1 101 LYS n 
1 102 ILE n 
1 103 ASP n 
1 104 TRP n 
1 105 ILE n 
1 106 CYS n 
1 107 ARG n 
1 108 ARG n 
1 109 GLU n 
1 110 LEU n 
1 111 PRO n 
1 112 PHE n 
1 113 THR n 
1 114 LYS n 
1 115 SER n 
1 116 ALA n 
1 117 HIS n 
1 118 LEU n 
1 119 THR n 
1 120 ASN n 
1 121 PRO n 
1 122 TRP n 
1 123 ASN n 
1 124 GLU n 
1 125 HIS n 
1 126 LYS n 
1 127 PRO n 
1 128 VAL n 
1 129 LYS n 
1 130 ILE n 
1 131 GLY n 
1 132 ARG n 
1 133 ASP n 
1 134 GLY n 
1 135 GLN n 
1 136 GLU n 
1 137 ILE n 
1 138 GLU n 
1 139 LEU n 
1 140 GLU n 
1 141 CYS n 
1 142 GLY n 
1 143 THR n 
1 144 GLN n 
1 145 LEU n 
1 146 CYS n 
1 147 LEU n 
1 148 LEU n 
1 149 PHE n 
1 150 PRO n 
1 151 PRO n 
1 152 ASP n 
1 153 GLU n 
1 154 SER n 
1 155 ILE n 
1 156 ASP n 
1 157 LEU n 
1 158 TYR n 
1 159 GLN n 
1 160 VAL n 
1 161 ILE n 
1 162 HIS n 
1 163 LYS n 
1 164 MET n 
1 165 ARG n 
1 166 HIS n 
2 1   G   n 
2 2   G   n 
2 3   6MZ n 
2 4   C   n 
2 5   U   n 
# 
_entity_src_gen.entity_id                          1 
_entity_src_gen.pdbx_src_id                        1 
_entity_src_gen.pdbx_alt_source_flag               sample 
_entity_src_gen.pdbx_seq_type                      ? 
_entity_src_gen.pdbx_beg_seq_num                   ? 
_entity_src_gen.pdbx_end_seq_num                   ? 
_entity_src_gen.gene_src_common_name               human 
_entity_src_gen.gene_src_genus                     ? 
_entity_src_gen.pdbx_gene_src_gene                 'YTHDC1, KIAA1966, YT521' 
_entity_src_gen.gene_src_species                   ? 
_entity_src_gen.gene_src_strain                    ? 
_entity_src_gen.gene_src_tissue                    ? 
_entity_src_gen.gene_src_tissue_fraction           ? 
_entity_src_gen.gene_src_details                   ? 
_entity_src_gen.pdbx_gene_src_fragment             ? 
_entity_src_gen.pdbx_gene_src_scientific_name      'Homo sapiens' 
_entity_src_gen.pdbx_gene_src_ncbi_taxonomy_id     9606 
_entity_src_gen.pdbx_gene_src_variant              ? 
_entity_src_gen.pdbx_gene_src_cell_line            ? 
_entity_src_gen.pdbx_gene_src_atcc                 ? 
_entity_src_gen.pdbx_gene_src_organ                ? 
_entity_src_gen.pdbx_gene_src_organelle            ? 
_entity_src_gen.pdbx_gene_src_cell                 ? 
_entity_src_gen.pdbx_gene_src_cellular_location    ? 
_entity_src_gen.host_org_common_name               ? 
_entity_src_gen.pdbx_host_org_scientific_name      'Escherichia coli' 
_entity_src_gen.pdbx_host_org_ncbi_taxonomy_id     562 
_entity_src_gen.host_org_genus                     ? 
_entity_src_gen.pdbx_host_org_gene                 ? 
_entity_src_gen.pdbx_host_org_organ                ? 
_entity_src_gen.host_org_species                   ? 
_entity_src_gen.pdbx_host_org_tissue               ? 
_entity_src_gen.pdbx_host_org_tissue_fraction      ? 
_entity_src_gen.pdbx_host_org_strain               BL21-V2R-pRARE2 
_entity_src_gen.pdbx_host_org_variant              ? 
_entity_src_gen.pdbx_host_org_cell_line            ? 
_entity_src_gen.pdbx_host_org_atcc                 ? 
_entity_src_gen.pdbx_host_org_culture_collection   ? 
_entity_src_gen.pdbx_host_org_cell                 ? 
_entity_src_gen.pdbx_host_org_organelle            ? 
_entity_src_gen.pdbx_host_org_cellular_location    ? 
_entity_src_gen.pdbx_host_org_vector_type          plasmid 
_entity_src_gen.pdbx_host_org_vector               ? 
_entity_src_gen.host_org_details                   ? 
_entity_src_gen.expression_system_id               ? 
_entity_src_gen.plasmid_name                       pET28-MHL 
_entity_src_gen.plasmid_details                    ? 
_entity_src_gen.pdbx_description                   ? 
# 
_pdbx_entity_src_syn.entity_id              2 
_pdbx_entity_src_syn.pdbx_src_id            1 
_pdbx_entity_src_syn.pdbx_alt_source_flag   sample 
_pdbx_entity_src_syn.pdbx_beg_seq_num       ? 
_pdbx_entity_src_syn.pdbx_end_seq_num       ? 
_pdbx_entity_src_syn.organism_scientific    'synthetic construct' 
_pdbx_entity_src_syn.organism_common_name   ? 
_pdbx_entity_src_syn.ncbi_taxonomy_id       32630 
_pdbx_entity_src_syn.details                ? 
# 
loop_
_chem_comp.id 
_chem_comp.type 
_chem_comp.mon_nstd_flag 
_chem_comp.name 
_chem_comp.pdbx_synonyms 
_chem_comp.formula 
_chem_comp.formula_weight 
6MZ 'RNA linking'       n "N6-METHYLADENOSINE-5'-MONOPHOSPHATE" ? 'C11 H16 N5 O7 P' 361.248 
ALA 'L-peptide linking' y ALANINE                               ? 'C3 H7 N O2'      89.093  
ARG 'L-peptide linking' y ARGININE                              ? 'C6 H15 N4 O2 1'  175.209 
ASN 'L-peptide linking' y ASPARAGINE                            ? 'C4 H8 N2 O3'     132.118 
ASP 'L-peptide linking' y 'ASPARTIC ACID'                       ? 'C4 H7 N O4'      133.103 
C   'RNA linking'       y "CYTIDINE-5'-MONOPHOSPHATE"           ? 'C9 H14 N3 O8 P'  323.197 
CYS 'L-peptide linking' y CYSTEINE                              ? 'C3 H7 N O2 S'    121.158 
G   'RNA linking'       y "GUANOSINE-5'-MONOPHOSPHATE"          ? 'C10 H14 N5 O8 P' 363.221 
GLN 'L-peptide linking' y GLUTAMINE                             ? 'C5 H10 N2 O3'    146.144 
GLU 'L-peptide linking' y 'GLUTAMIC ACID'                       ? 'C5 H9 N O4'      147.129 
GLY 'peptide linking'   y GLYCINE                               ? 'C2 H5 N O2'      75.067  
HIS 'L-peptide linking' y HISTIDINE                             ? 'C6 H10 N3 O2 1'  156.162 
HOH non-polymer         . WATER                                 ? 'H2 O'            18.015  
ILE 'L-peptide linking' y ISOLEUCINE                            ? 'C6 H13 N O2'     131.173 
LEU 'L-peptide linking' y LEUCINE                               ? 'C6 H13 N O2'     131.173 
LYS 'L-peptide linking' y LYSINE                                ? 'C6 H15 N2 O2 1'  147.195 
MET 'L-peptide linking' y METHIONINE                            ? 'C5 H11 N O2 S'   149.211 
PHE 'L-peptide linking' y PHENYLALANINE                         ? 'C9 H11 N O2'     165.189 
PRO 'L-peptide linking' y PROLINE                               ? 'C5 H9 N O2'      115.130 
SER 'L-peptide linking' y SERINE                                ? 'C3 H7 N O3'      105.093 
THR 'L-peptide linking' y THREONINE                             ? 'C4 H9 N O3'      119.119 
TRP 'L-peptide linking' y TRYPTOPHAN                            ? 'C11 H12 N2 O2'   204.225 
TYR 'L-peptide linking' y TYROSINE                              ? 'C9 H11 N O3'     181.189 
U   'RNA linking'       y "URIDINE-5'-MONOPHOSPHATE"            ? 'C9 H13 N2 O9 P'  324.181 
UNX non-polymer         . 'UNKNOWN ATOM OR ION'                 ? ?                 ?       
VAL 'L-peptide linking' y VALINE                                ? 'C5 H11 N O2'     117.146 
# 
loop_
_pdbx_poly_seq_scheme.asym_id 
_pdbx_poly_seq_scheme.entity_id 
_pdbx_poly_seq_scheme.seq_id 
_pdbx_poly_seq_scheme.mon_id 
_pdbx_poly_seq_scheme.ndb_seq_num 
_pdbx_poly_seq_scheme.pdb_seq_num 
_pdbx_poly_seq_scheme.auth_seq_num 
_pdbx_poly_seq_scheme.pdb_mon_id 
_pdbx_poly_seq_scheme.auth_mon_id 
_pdbx_poly_seq_scheme.pdb_strand_id 
_pdbx_poly_seq_scheme.pdb_ins_code 
_pdbx_poly_seq_scheme.hetero 
A 1 1   GLY 1   344 344 GLY GLY A . n 
A 1 2   THR 2   345 345 THR THR A . n 
A 1 3   SER 3   346 346 SER SER A . n 
A 1 4   LYS 4   347 347 LYS LYS A . n 
A 1 5   LEU 5   348 348 LEU LEU A . n 
A 1 6   LYS 6   349 349 LYS LYS A . n 
A 1 7   TYR 7   350 350 TYR TYR A . n 
A 1 8   VAL 8   351 351 VAL VAL A . n 
A 1 9   LEU 9   352 352 LEU LEU A . n 
A 1 10  GLN 10  353 353 GLN GLN A . n 
A 1 11  ASP 11  354 354 ASP ASP A . n 
A 1 12  ALA 12  355 355 ALA ALA A . n 
A 1 13  ARG 13  356 356 ARG ARG A . n 
A 1 14  PHE 14  357 357 PHE PHE A . n 
A 1 15  PHE 15  358 358 PHE PHE A . n 
A 1 16  LEU 16  359 359 LEU LEU A . n 
A 1 17  ILE 17  360 360 ILE ILE A . n 
A 1 18  LYS 18  361 361 LYS LYS A . n 
A 1 19  SER 19  362 362 SER SER A . n 
A 1 20  ASN 20  363 363 ASN ASN A . n 
A 1 21  ASN 21  364 364 ASN ASN A . n 
A 1 22  HIS 22  365 365 HIS HIS A . n 
A 1 23  GLU 23  366 366 GLU GLU A . n 
A 1 24  ASN 24  367 367 ASN ASN A . n 
A 1 25  VAL 25  368 368 VAL VAL A . n 
A 1 26  SER 26  369 369 SER SER A . n 
A 1 27  LEU 27  370 370 LEU LEU A . n 
A 1 28  ALA 28  371 371 ALA ALA A . n 
A 1 29  LYS 29  372 372 LYS LYS A . n 
A 1 30  ALA 30  373 373 ALA ALA A . n 
A 1 31  LYS 31  374 374 LYS LYS A . n 
A 1 32  GLY 32  375 375 GLY GLY A . n 
A 1 33  VAL 33  376 376 VAL VAL A . n 
A 1 34  TRP 34  377 377 TRP TRP A . n 
A 1 35  SER 35  378 378 SER SER A . n 
A 1 36  THR 36  379 379 THR THR A . n 
A 1 37  LEU 37  380 380 LEU LEU A . n 
A 1 38  PRO 38  381 381 PRO PRO A . n 
A 1 39  VAL 39  382 382 VAL VAL A . n 
A 1 40  ASN 40  383 383 ASN ASN A . n 
A 1 41  GLU 41  384 384 GLU GLU A . n 
A 1 42  LYS 42  385 385 LYS LYS A . n 
A 1 43  LYS 43  386 386 LYS LYS A . n 
A 1 44  LEU 44  387 387 LEU LEU A . n 
A 1 45  ASN 45  388 388 ASN ASN A . n 
A 1 46  LEU 46  389 389 LEU LEU A . n 
A 1 47  ALA 47  390 390 ALA ALA A . n 
A 1 48  PHE 48  391 391 PHE PHE A . n 
A 1 49  ARG 49  392 392 ARG ARG A . n 
A 1 50  SER 50  393 393 SER SER A . n 
A 1 51  ALA 51  394 394 ALA ALA A . n 
A 1 52  ARG 52  395 395 ARG ARG A . n 
A 1 53  SER 53  396 396 SER SER A . n 
A 1 54  VAL 54  397 397 VAL VAL A . n 
A 1 55  ILE 55  398 398 ILE ILE A . n 
A 1 56  LEU 56  399 399 LEU LEU A . n 
A 1 57  ILE 57  400 400 ILE ILE A . n 
A 1 58  PHE 58  401 401 PHE PHE A . n 
A 1 59  SER 59  402 402 SER SER A . n 
A 1 60  VAL 60  403 403 VAL VAL A . n 
A 1 61  ARG 61  404 404 ARG ARG A . n 
A 1 62  GLU 62  405 405 GLU GLU A . n 
A 1 63  SER 63  406 406 SER SER A . n 
A 1 64  GLY 64  407 407 GLY GLY A . n 
A 1 65  LYS 65  408 408 LYS LYS A . n 
A 1 66  PHE 66  409 409 PHE PHE A . n 
A 1 67  GLN 67  410 410 GLN GLN A . n 
A 1 68  GLY 68  411 411 GLY GLY A . n 
A 1 69  PHE 69  412 412 PHE PHE A . n 
A 1 70  ALA 70  413 413 ALA ALA A . n 
A 1 71  ARG 71  414 414 ARG ARG A . n 
A 1 72  LEU 72  415 415 LEU LEU A . n 
A 1 73  SER 73  416 416 SER SER A . n 
A 1 74  SER 74  417 417 SER SER A . n 
A 1 75  GLU 75  418 418 GLU GLU A . n 
A 1 76  SER 76  419 419 SER SER A . n 
A 1 77  HIS 77  420 420 HIS HIS A . n 
A 1 78  HIS 78  421 421 HIS HIS A . n 
A 1 79  GLY 79  422 422 GLY GLY A . n 
A 1 80  GLY 80  423 423 GLY GLY A . n 
A 1 81  SER 81  424 424 SER SER A . n 
A 1 82  PRO 82  425 425 PRO PRO A . n 
A 1 83  ILE 83  426 426 ILE ILE A . n 
A 1 84  HIS 84  427 427 HIS HIS A . n 
A 1 85  TRP 85  428 428 TRP TRP A . n 
A 1 86  VAL 86  429 429 VAL VAL A . n 
A 1 87  LEU 87  430 430 LEU LEU A . n 
A 1 88  PRO 88  431 431 PRO PRO A . n 
A 1 89  ALA 89  432 432 ALA ALA A . n 
A 1 90  GLY 90  433 433 GLY GLY A . n 
A 1 91  MET 91  434 434 MET MET A . n 
A 1 92  SER 92  435 435 SER SER A . n 
A 1 93  ALA 93  436 436 ALA ALA A . n 
A 1 94  LYS 94  437 437 LYS LYS A . n 
A 1 95  MET 95  438 438 MET MET A . n 
A 1 96  LEU 96  439 439 LEU LEU A . n 
A 1 97  GLY 97  440 440 GLY GLY A . n 
A 1 98  GLY 98  441 441 GLY GLY A . n 
A 1 99  VAL 99  442 442 VAL VAL A . n 
A 1 100 PHE 100 443 443 PHE PHE A . n 
A 1 101 LYS 101 444 444 LYS LYS A . n 
A 1 102 ILE 102 445 445 ILE ILE A . n 
A 1 103 ASP 103 446 446 ASP ASP A . n 
A 1 104 TRP 104 447 447 TRP TRP A . n 
A 1 105 ILE 105 448 448 ILE ILE A . n 
A 1 106 CYS 106 449 449 CYS CYS A . n 
A 1 107 ARG 107 450 450 ARG ARG A . n 
A 1 108 ARG 108 451 451 ARG ARG A . n 
A 1 109 GLU 109 452 452 GLU GLU A . n 
A 1 110 LEU 110 453 453 LEU LEU A . n 
A 1 111 PRO 111 454 454 PRO PRO A . n 
A 1 112 PHE 112 455 455 PHE PHE A . n 
A 1 113 THR 113 456 456 THR THR A . n 
A 1 114 LYS 114 457 457 LYS LYS A . n 
A 1 115 SER 115 458 458 SER SER A . n 
A 1 116 ALA 116 459 459 ALA ALA A . n 
A 1 117 HIS 117 460 460 HIS HIS A . n 
A 1 118 LEU 118 461 461 LEU LEU A . n 
A 1 119 THR 119 462 462 THR THR A . n 
A 1 120 ASN 120 463 463 ASN ASN A . n 
A 1 121 PRO 121 464 464 PRO PRO A . n 
A 1 122 TRP 122 465 465 TRP TRP A . n 
A 1 123 ASN 123 466 466 ASN ASN A . n 
A 1 124 GLU 124 467 467 GLU GLU A . n 
A 1 125 HIS 125 468 468 HIS HIS A . n 
A 1 126 LYS 126 469 469 LYS LYS A . n 
A 1 127 PRO 127 470 470 PRO PRO A . n 
A 1 128 VAL 128 471 471 VAL VAL A . n 
A 1 129 LYS 129 472 472 LYS LYS A . n 
A 1 130 ILE 130 473 473 ILE ILE A . n 
A 1 131 GLY 131 474 474 GLY GLY A . n 
A 1 132 ARG 132 475 475 ARG ARG A . n 
A 1 133 ASP 133 476 476 ASP ASP A . n 
A 1 134 GLY 134 477 477 GLY GLY A . n 
A 1 135 GLN 135 478 478 GLN GLN A . n 
A 1 136 GLU 136 479 479 GLU GLU A . n 
A 1 137 ILE 137 480 480 ILE ILE A . n 
A 1 138 GLU 138 481 481 GLU GLU A . n 
A 1 139 LEU 139 482 482 LEU LEU A . n 
A 1 140 GLU 140 483 483 GLU GLU A . n 
A 1 141 CYS 141 484 484 CYS CYS A . n 
A 1 142 GLY 142 485 485 GLY GLY A . n 
A 1 143 THR 143 486 486 THR THR A . n 
A 1 144 GLN 144 487 487 GLN GLN A . n 
A 1 145 LEU 145 488 488 LEU LEU A . n 
A 1 146 CYS 146 489 489 CYS CYS A . n 
A 1 147 LEU 147 490 490 LEU LEU A . n 
A 1 148 LEU 148 491 491 LEU LEU A . n 
A 1 149 PHE 149 492 492 PHE PHE A . n 
A 1 150 PRO 150 493 493 PRO PRO A . n 
A 1 151 PRO 151 494 494 PRO PRO A . n 
A 1 152 ASP 152 495 495 ASP ASP A . n 
A 1 153 GLU 153 496 496 GLU GLU A . n 
A 1 154 SER 154 497 497 SER SER A . n 
A 1 155 ILE 155 498 498 ILE ILE A . n 
A 1 156 ASP 156 499 499 ASP ASP A . n 
A 1 157 LEU 157 500 500 LEU LEU A . n 
A 1 158 TYR 158 501 501 TYR TYR A . n 
A 1 159 GLN 159 502 502 GLN GLN A . n 
A 1 160 VAL 160 503 503 VAL VAL A . n 
A 1 161 ILE 161 504 504 ILE ILE A . n 
A 1 162 HIS 162 505 505 HIS HIS A . n 
A 1 163 LYS 163 506 506 LYS LYS A . n 
A 1 164 MET 164 507 507 MET MET A . n 
A 1 165 ARG 165 508 ?   ?   ?   A . n 
A 1 166 HIS 166 509 ?   ?   ?   A . n 
B 2 1   G   1   1   1   G   G   B . n 
B 2 2   G   2   2   2   G   G   B . n 
B 2 3   6MZ 3   3   3   6MZ 6MZ B . n 
B 2 4   C   4   4   4   C   C   B . n 
B 2 5   U   5   5   5   U   U   B . n 
# 
loop_
_pdbx_nonpoly_scheme.asym_id 
_pdbx_nonpoly_scheme.entity_id 
_pdbx_nonpoly_scheme.mon_id 
_pdbx_nonpoly_scheme.ndb_seq_num 
_pdbx_nonpoly_scheme.pdb_seq_num 
_pdbx_nonpoly_scheme.auth_seq_num 
_pdbx_nonpoly_scheme.pdb_mon_id 
_pdbx_nonpoly_scheme.auth_mon_id 
_pdbx_nonpoly_scheme.pdb_strand_id 
_pdbx_nonpoly_scheme.pdb_ins_code 
C 3 UNX 1  601 1   UNX UNX A . 
D 3 UNX 1  602 2   UNX UNX A . 
E 3 UNX 1  603 3   UNX UNX A . 
F 3 UNX 1  604 4   UNX UNX A . 
G 3 UNX 1  605 5   UNX UNX A . 
H 3 UNX 1  606 6   UNX UNX A . 
I 3 UNX 1  607 7   UNX UNX A . 
J 4 HOH 1  701 1   HOH HOH A . 
J 4 HOH 2  702 3   HOH HOH A . 
J 4 HOH 3  703 6   HOH HOH A . 
J 4 HOH 4  704 9   HOH HOH A . 
J 4 HOH 5  705 10  HOH HOH A . 
J 4 HOH 6  706 11  HOH HOH A . 
J 4 HOH 7  707 12  HOH HOH A . 
J 4 HOH 8  708 13  HOH HOH A . 
J 4 HOH 9  709 14  HOH HOH A . 
J 4 HOH 10 710 18  HOH HOH A . 
J 4 HOH 11 711 19  HOH HOH A . 
J 4 HOH 12 712 20  HOH HOH A . 
J 4 HOH 13 713 21  HOH HOH A . 
J 4 HOH 14 714 22  HOH HOH A . 
J 4 HOH 15 715 23  HOH HOH A . 
J 4 HOH 16 716 24  HOH HOH A . 
J 4 HOH 17 717 25  HOH HOH A . 
J 4 HOH 18 718 26  HOH HOH A . 
J 4 HOH 19 719 27  HOH HOH A . 
J 4 HOH 20 720 28  HOH HOH A . 
J 4 HOH 21 721 29  HOH HOH A . 
J 4 HOH 22 722 30  HOH HOH A . 
J 4 HOH 23 723 34  HOH HOH A . 
J 4 HOH 24 724 36  HOH HOH A . 
J 4 HOH 25 725 37  HOH HOH A . 
J 4 HOH 26 726 39  HOH HOH A . 
J 4 HOH 27 727 40  HOH HOH A . 
J 4 HOH 28 728 44  HOH HOH A . 
J 4 HOH 29 729 45  HOH HOH A . 
J 4 HOH 30 730 46  HOH HOH A . 
J 4 HOH 31 731 47  HOH HOH A . 
J 4 HOH 32 732 48  HOH HOH A . 
J 4 HOH 33 733 51  HOH HOH A . 
J 4 HOH 34 734 52  HOH HOH A . 
J 4 HOH 35 735 54  HOH HOH A . 
J 4 HOH 36 736 56  HOH HOH A . 
J 4 HOH 37 737 58  HOH HOH A . 
J 4 HOH 38 738 59  HOH HOH A . 
J 4 HOH 39 739 60  HOH HOH A . 
J 4 HOH 40 740 62  HOH HOH A . 
J 4 HOH 41 741 63  HOH HOH A . 
J 4 HOH 42 742 64  HOH HOH A . 
J 4 HOH 43 743 65  HOH HOH A . 
J 4 HOH 44 744 66  HOH HOH A . 
J 4 HOH 45 745 67  HOH HOH A . 
J 4 HOH 46 746 68  HOH HOH A . 
J 4 HOH 47 747 69  HOH HOH A . 
J 4 HOH 48 748 70  HOH HOH A . 
J 4 HOH 49 749 71  HOH HOH A . 
J 4 HOH 50 750 72  HOH HOH A . 
J 4 HOH 51 751 73  HOH HOH A . 
J 4 HOH 52 752 74  HOH HOH A . 
J 4 HOH 53 753 75  HOH HOH A . 
J 4 HOH 54 754 76  HOH HOH A . 
J 4 HOH 55 755 77  HOH HOH A . 
J 4 HOH 56 756 79  HOH HOH A . 
J 4 HOH 57 757 80  HOH HOH A . 
J 4 HOH 58 758 81  HOH HOH A . 
J 4 HOH 59 759 82  HOH HOH A . 
J 4 HOH 60 760 83  HOH HOH A . 
J 4 HOH 61 761 86  HOH HOH A . 
J 4 HOH 62 762 87  HOH HOH A . 
J 4 HOH 63 763 88  HOH HOH A . 
J 4 HOH 64 764 89  HOH HOH A . 
J 4 HOH 65 765 90  HOH HOH A . 
J 4 HOH 66 766 91  HOH HOH A . 
J 4 HOH 67 767 92  HOH HOH A . 
J 4 HOH 68 768 94  HOH HOH A . 
J 4 HOH 69 769 95  HOH HOH A . 
J 4 HOH 70 770 96  HOH HOH A . 
J 4 HOH 71 771 97  HOH HOH A . 
J 4 HOH 72 772 98  HOH HOH A . 
J 4 HOH 73 773 99  HOH HOH A . 
J 4 HOH 74 774 100 HOH HOH A . 
K 4 HOH 1  101 5   HOH HOH B . 
K 4 HOH 2  102 7   HOH HOH B . 
K 4 HOH 3  103 8   HOH HOH B . 
K 4 HOH 4  104 31  HOH HOH B . 
K 4 HOH 5  105 32  HOH HOH B . 
K 4 HOH 6  106 33  HOH HOH B . 
K 4 HOH 7  107 35  HOH HOH B . 
K 4 HOH 8  108 41  HOH HOH B . 
K 4 HOH 9  109 49  HOH HOH B . 
K 4 HOH 10 110 50  HOH HOH B . 
K 4 HOH 11 111 53  HOH HOH B . 
K 4 HOH 12 112 55  HOH HOH B . 
K 4 HOH 13 113 57  HOH HOH B . 
K 4 HOH 14 114 61  HOH HOH B . 
K 4 HOH 15 115 85  HOH HOH B . 
# 
loop_
_pdbx_unobs_or_zero_occ_atoms.id 
_pdbx_unobs_or_zero_occ_atoms.PDB_model_num 
_pdbx_unobs_or_zero_occ_atoms.polymer_flag 
_pdbx_unobs_or_zero_occ_atoms.occupancy_flag 
_pdbx_unobs_or_zero_occ_atoms.auth_asym_id 
_pdbx_unobs_or_zero_occ_atoms.auth_comp_id 
_pdbx_unobs_or_zero_occ_atoms.auth_seq_id 
_pdbx_unobs_or_zero_occ_atoms.PDB_ins_code 
_pdbx_unobs_or_zero_occ_atoms.auth_atom_id 
_pdbx_unobs_or_zero_occ_atoms.label_alt_id 
_pdbx_unobs_or_zero_occ_atoms.label_asym_id 
_pdbx_unobs_or_zero_occ_atoms.label_comp_id 
_pdbx_unobs_or_zero_occ_atoms.label_seq_id 
_pdbx_unobs_or_zero_occ_atoms.label_atom_id 
1  1 Y 1 A THR 345 ? OG1 ? A THR 2   OG1 
2  1 Y 1 A THR 345 ? CG2 ? A THR 2   CG2 
3  1 Y 1 A SER 346 ? OG  ? A SER 3   OG  
4  1 Y 1 A LYS 349 ? CE  ? A LYS 6   CE  
5  1 Y 1 A LYS 349 ? NZ  ? A LYS 6   NZ  
6  1 Y 1 A LYS 374 ? CD  ? A LYS 31  CD  
7  1 Y 1 A LYS 374 ? CE  ? A LYS 31  CE  
8  1 Y 1 A LYS 374 ? NZ  ? A LYS 31  NZ  
9  1 Y 1 A LYS 386 ? CD  ? A LYS 43  CD  
10 1 Y 1 A LYS 386 ? CE  ? A LYS 43  CE  
11 1 Y 1 A LYS 386 ? NZ  ? A LYS 43  NZ  
12 1 Y 1 A ARG 392 ? NE  ? A ARG 49  NE  
13 1 Y 1 A ARG 392 ? CZ  ? A ARG 49  CZ  
14 1 Y 1 A ARG 392 ? NH1 ? A ARG 49  NH1 
15 1 Y 1 A ARG 392 ? NH2 ? A ARG 49  NH2 
16 1 Y 1 A LYS 408 ? NZ  ? A LYS 65  NZ  
17 1 Y 1 A LYS 437 ? CG  ? A LYS 94  CG  
18 1 Y 1 A LYS 437 ? CD  ? A LYS 94  CD  
19 1 Y 1 A LYS 437 ? CE  ? A LYS 94  CE  
20 1 Y 1 A LYS 437 ? NZ  ? A LYS 94  NZ  
21 1 Y 1 A GLN 502 ? CG  ? A GLN 159 CG  
22 1 Y 1 A GLN 502 ? CD  ? A GLN 159 CD  
23 1 Y 1 A GLN 502 ? OE1 ? A GLN 159 OE1 
24 1 Y 1 A GLN 502 ? NE2 ? A GLN 159 NE2 
25 1 Y 1 A HIS 505 ? CG  ? A HIS 162 CG  
26 1 Y 1 A HIS 505 ? ND1 ? A HIS 162 ND1 
27 1 Y 1 A HIS 505 ? CD2 ? A HIS 162 CD2 
28 1 Y 1 A HIS 505 ? CE1 ? A HIS 162 CE1 
29 1 Y 1 A HIS 505 ? NE2 ? A HIS 162 NE2 
# 
loop_
_software.pdbx_ordinal 
_software.name 
_software.version 
_software.date 
_software.type 
_software.contact_author 
_software.contact_author_email 
_software.classification 
_software.location 
_software.language 
_software.citation_id 
1 Aimless     0.2.17 07/01/14        program 'Phil Evans'         ?                           'data scaling'    
http://www.mrc-lmb.cam.ac.uk/harry/pre/aimless.html ?          ? 
2 PHASER      .      ?               program 'Randy J. Read'      cimr-phaser@lists.cam.ac.uk phasing           
http://www-structmed.cimr.cam.ac.uk/phaser/         ?          ? 
3 REFMAC      .      ?               program 'Garib N. Murshudov' garib@ysbl.york.ac.uk       refinement        
http://www.ccp4.ac.uk/dist/html/refmac5.html        Fortran_77 ? 
4 PDB_EXTRACT 3.14   'Dec. 10, 2013' package PDB                  deposit@deposit.rcsb.org    'data extraction' 
http://sw-tools.pdb.org/apps/PDB_EXTRACT/           C++        ? 
5 XDS         .      ?               ?       ?                    ?                           'data reduction'  ? ?          ? 
# 
_cell.entry_id           4R3I 
_cell.length_a           35.728 
_cell.length_b           39.748 
_cell.length_c           56.238 
_cell.angle_alpha        90.000 
_cell.angle_beta         103.560 
_cell.angle_gamma        90.000 
_cell.pdbx_unique_axis   ? 
_cell.Z_PDB              2 
_cell.length_a_esd       ? 
_cell.length_b_esd       ? 
_cell.length_c_esd       ? 
_cell.angle_alpha_esd    ? 
_cell.angle_beta_esd     ? 
_cell.angle_gamma_esd    ? 
# 
_symmetry.entry_id                         4R3I 
_symmetry.space_group_name_H-M             'P 1 21 1' 
_symmetry.Int_Tables_number                4 
_symmetry.pdbx_full_space_group_name_H-M   ? 
_symmetry.cell_setting                     ? 
_symmetry.space_group_name_Hall            ? 
# 
_exptl.crystals_number   1 
_exptl.entry_id          4R3I 
_exptl.method            'X-RAY DIFFRACTION' 
# 
_exptl_crystal.id                    1 
_exptl_crystal.density_percent_sol   35.8 
_exptl_crystal.density_Matthews      1.9 
_exptl_crystal.pdbx_mosaicity        ? 
_exptl_crystal.density_meas          ? 
_exptl_crystal.description           ? 
_exptl_crystal.F_000                 ? 
_exptl_crystal.preparation           ? 
# 
_exptl_crystal_grow.crystal_id      1 
_exptl_crystal_grow.method          'VAPOR DIFFUSION' 
_exptl_crystal_grow.pH              6.5 
_exptl_crystal_grow.temp            291 
_exptl_crystal_grow.pdbx_details    '25% PEG3350, 0.2 M amonium sulfate, 0.1 M bis-tris, pH 6.5, vapor diffusion, temperature 291K' 
_exptl_crystal_grow.temp_details    ? 
_exptl_crystal_grow.pdbx_pH_range   ? 
# 
_diffrn.id                     1 
_diffrn.ambient_temp           100 
_diffrn.ambient_temp_details   ? 
_diffrn.crystal_id             1 
# 
_diffrn_detector.diffrn_id              1 
_diffrn_detector.detector               'IMAGE PLATE' 
_diffrn_detector.type                   'RIGAKU RAXIS' 
_diffrn_detector.pdbx_collection_date   2014-01-21 
_diffrn_detector.details                ? 
# 
_diffrn_radiation.diffrn_id                        1 
_diffrn_radiation.pdbx_diffrn_protocol             'SINGLE WAVELENGTH' 
_diffrn_radiation.monochromator                    ? 
_diffrn_radiation.wavelength_id                    1 
_diffrn_radiation.pdbx_monochromatic_or_laue_m_l   M 
_diffrn_radiation.pdbx_scattering_type             x-ray 
# 
_diffrn_radiation_wavelength.id           1 
_diffrn_radiation_wavelength.wavelength   1.5418 
_diffrn_radiation_wavelength.wt           1.0 
# 
_diffrn_source.diffrn_id                   1 
_diffrn_source.source                      'ROTATING ANODE' 
_diffrn_source.type                        RIGAKU 
_diffrn_source.pdbx_wavelength_list        1.5418 
_diffrn_source.pdbx_wavelength             ? 
_diffrn_source.pdbx_synchrotron_site       ? 
_diffrn_source.pdbx_synchrotron_beamline   ? 
# 
_reflns.entry_id                     4R3I 
_reflns.d_resolution_high            1.800 
_reflns.d_resolution_low             34.730 
_reflns.number_obs                   14029 
_reflns.pdbx_Rmerge_I_obs            0.112 
_reflns.pdbx_netI_over_sigmaI        8.500 
_reflns.pdbx_redundancy              3.600 
_reflns.percent_possible_obs         97.100 
_reflns.observed_criterion_sigma_F   ? 
_reflns.observed_criterion_sigma_I   ? 
_reflns.number_all                   ? 
_reflns.pdbx_Rsym_value              ? 
_reflns.B_iso_Wilson_estimate        ? 
_reflns.R_free_details               ? 
_reflns.limit_h_max                  ? 
_reflns.limit_h_min                  ? 
_reflns.limit_k_max                  ? 
_reflns.limit_k_min                  ? 
_reflns.limit_l_max                  ? 
_reflns.limit_l_min                  ? 
_reflns.observed_criterion_F_max     ? 
_reflns.observed_criterion_F_min     ? 
_reflns.pdbx_chi_squared             ? 
_reflns.pdbx_scaling_rejects         ? 
_reflns.pdbx_ordinal                 1 
_reflns.pdbx_diffrn_id               1 
# 
loop_
_reflns_shell.d_res_high 
_reflns_shell.d_res_low 
_reflns_shell.number_measured_obs 
_reflns_shell.number_measured_all 
_reflns_shell.number_unique_obs 
_reflns_shell.pdbx_rejects 
_reflns_shell.Rmerge_I_obs 
_reflns_shell.meanI_over_sigI_obs 
_reflns_shell.pdbx_Rsym_value 
_reflns_shell.pdbx_chi_squared 
_reflns_shell.pdbx_redundancy 
_reflns_shell.percent_possible_obs 
_reflns_shell.pdbx_netI_over_sigmaI_obs 
_reflns_shell.number_possible 
_reflns_shell.number_unique_all 
_reflns_shell.Rmerge_F_all 
_reflns_shell.Rmerge_F_obs 
_reflns_shell.Rmerge_I_all 
_reflns_shell.meanI_over_sigI_all 
_reflns_shell.percent_possible_all 
_reflns_shell.pdbx_Rrim_I_all 
_reflns_shell.pdbx_Rpim_I_all 
_reflns_shell.pdbx_ordinal 
_reflns_shell.pdbx_diffrn_id 
1.800 1.840  ? 2551 ? ? 0.587 2.300  ? ? 3.300 ? ? ? 773 ? ? ? ? 90.700 ? 0.369 1 1 
8.990 34.730 ? 366  ? ? 0.041 23.600 ? ? 3.200 ? ? ? 114 ? ? ? ? 92.000 ? 0.027 2 1 
# 
_refine.entry_id                                 4R3I 
_refine.ls_d_res_high                            1.8000 
_refine.ls_d_res_low                             30.0000 
_refine.pdbx_ls_sigma_F                          0.000 
_refine.pdbx_data_cutoff_high_absF               ? 
_refine.pdbx_data_cutoff_low_absF                ? 
_refine.ls_percent_reflns_obs                    97.1700 
_refine.ls_number_reflns_obs                     14013 
_refine.ls_number_reflns_all                     ? 
_refine.pdbx_ls_cross_valid_method               THROUGHOUT 
_refine.pdbx_R_Free_selection_details            RANDOM 
_refine.details                                  
;Diffraction data for molecular replacement and early refinement were reduced with HKL3000. COOT was used for interactive model building. Model geometry was evaluated with MOLPROBITY.
;
_refine.ls_R_factor_all                          ? 
_refine.ls_R_factor_obs                          0.2064 
_refine.ls_R_factor_R_work                       0.2034 
_refine.ls_wR_factor_R_work                      0.1859 
_refine.ls_R_factor_R_free                       0.2636 
_refine.ls_wR_factor_R_free                      0.2466 
_refine.ls_percent_reflns_R_free                 5.0000 
_refine.ls_number_reflns_R_free                  700 
_refine.ls_R_factor_R_free_error                 ? 
_refine.B_iso_mean                               21.3503 
_refine.solvent_model_param_bsol                 ? 
_refine.solvent_model_param_ksol                 ? 
_refine.pdbx_isotropic_thermal_model             ? 
_refine.aniso_B[1][1]                            -1.3300 
_refine.aniso_B[2][2]                            -1.5700 
_refine.aniso_B[3][3]                            2.2800 
_refine.aniso_B[1][2]                            -0.0000 
_refine.aniso_B[1][3]                            0.7400 
_refine.aniso_B[2][3]                            -0.0000 
_refine.correlation_coeff_Fo_to_Fc               0.9450 
_refine.correlation_coeff_Fo_to_Fc_free          0.8920 
_refine.overall_SU_R_Cruickshank_DPI             0.1687 
_refine.overall_SU_R_free                        0.1627 
_refine.pdbx_overall_ESU_R                       0.1690 
_refine.pdbx_overall_ESU_R_Free                  0.1630 
_refine.overall_SU_ML                            0.1280 
_refine.overall_SU_B                             4.2370 
_refine.solvent_model_details                    MASK 
_refine.pdbx_solvent_vdw_probe_radii             1.2000 
_refine.pdbx_solvent_ion_probe_radii             0.8000 
_refine.pdbx_solvent_shrinkage_radii             0.8000 
_refine.ls_number_parameters                     ? 
_refine.ls_number_restraints                     ? 
_refine.pdbx_starting_model                      'a different crystal form of same protein' 
_refine.pdbx_method_to_determine_struct          'MOLECULAR REPLACEMENT' 
_refine.pdbx_stereochemistry_target_values       'MAXIMUM LIKELIHOOD' 
_refine.pdbx_stereochem_target_val_spec_case     ? 
_refine.overall_FOM_work_R_set                   0.7846 
_refine.B_iso_max                                73.530 
_refine.B_iso_min                                2.110 
_refine.pdbx_overall_phase_error                 ? 
_refine.occupancy_max                            1.000 
_refine.occupancy_min                            0.500 
_refine.pdbx_ls_sigma_I                          ? 
_refine.ls_redundancy_reflns_obs                 ? 
_refine.ls_R_factor_R_free_error_details         ? 
_refine.pdbx_data_cutoff_high_rms_absF           ? 
_refine.overall_FOM_free_R_set                   ? 
_refine.pdbx_diffrn_id                           1 
_refine.pdbx_refine_id                           'X-RAY DIFFRACTION' 
_refine.pdbx_TLS_residual_ADP_flag               ? 
_refine.pdbx_overall_SU_R_free_Cruickshank_DPI   ? 
_refine.pdbx_overall_SU_R_Blow_DPI               ? 
_refine.pdbx_overall_SU_R_free_Blow_DPI          ? 
# 
_refine_hist.pdbx_refine_id                   'X-RAY DIFFRACTION' 
_refine_hist.cycle_id                         LAST 
_refine_hist.pdbx_number_atoms_protein        1275 
_refine_hist.pdbx_number_atoms_nucleic_acid   106 
_refine_hist.pdbx_number_atoms_ligand         7 
_refine_hist.number_atoms_solvent             89 
_refine_hist.number_atoms_total               1477 
_refine_hist.d_res_high                       1.8000 
_refine_hist.d_res_low                        30.0000 
# 
loop_
_refine_ls_restr.type 
_refine_ls_restr.number 
_refine_ls_restr.dev_ideal 
_refine_ls_restr.dev_ideal_target 
_refine_ls_restr.weight 
_refine_ls_restr.pdbx_restraint_function 
_refine_ls_restr.pdbx_refine_id 
r_bond_refined_d       1430 0.012  0.019  ? ? 'X-RAY DIFFRACTION' 
r_bond_other_d         1308 0.001  0.020  ? ? 'X-RAY DIFFRACTION' 
r_angle_refined_deg    1957 1.371  1.923  ? ? 'X-RAY DIFFRACTION' 
r_angle_other_deg      3013 0.792  3.000  ? ? 'X-RAY DIFFRACTION' 
r_dihedral_angle_1_deg 163  6.206  5.000  ? ? 'X-RAY DIFFRACTION' 
r_dihedral_angle_2_deg 55   31.952 23.636 ? ? 'X-RAY DIFFRACTION' 
r_dihedral_angle_3_deg 225  11.705 15.000 ? ? 'X-RAY DIFFRACTION' 
r_dihedral_angle_4_deg 7    15.135 15.000 ? ? 'X-RAY DIFFRACTION' 
r_chiral_restr         215  0.077  0.200  ? ? 'X-RAY DIFFRACTION' 
r_gen_planes_refined   1525 0.007  0.021  ? ? 'X-RAY DIFFRACTION' 
r_gen_planes_other     326  0.001  0.020  ? ? 'X-RAY DIFFRACTION' 
r_mcbond_it            655  1.826  2.108  ? ? 'X-RAY DIFFRACTION' 
r_mcbond_other         654  1.825  2.102  ? ? 'X-RAY DIFFRACTION' 
r_mcangle_it           817  2.749  3.144  ? ? 'X-RAY DIFFRACTION' 
# 
_refine_ls_shell.d_res_high                       1.8000 
_refine_ls_shell.d_res_low                        1.8470 
_refine_ls_shell.pdbx_total_number_of_bins_used   20 
_refine_ls_shell.percent_reflns_obs               94.4100 
_refine_ls_shell.number_reflns_R_work             932 
_refine_ls_shell.R_factor_all                     ? 
_refine_ls_shell.R_factor_R_work                  0.2660 
_refine_ls_shell.R_factor_R_free                  0.2910 
_refine_ls_shell.percent_reflns_R_free            ? 
_refine_ls_shell.number_reflns_R_free             48 
_refine_ls_shell.R_factor_R_free_error            ? 
_refine_ls_shell.number_reflns_all                980 
_refine_ls_shell.number_reflns_obs                ? 
_refine_ls_shell.pdbx_refine_id                   'X-RAY DIFFRACTION' 
_refine_ls_shell.redundancy_reflns_obs            ? 
# 
_struct.entry_id                  4R3I 
_struct.title                     'The crystal structure of an RNA complex' 
_struct.pdbx_model_details        ? 
_struct.pdbx_CASP_flag            ? 
_struct.pdbx_model_type_details   ? 
# 
_struct_keywords.entry_id        4R3I 
_struct_keywords.text            'structural genomics, Structural Genomics Consortium, SGC, RNA BINDING PROTEIN-RNA complex' 
_struct_keywords.pdbx_keywords   'RNA BINDING PROTEIN/RNA' 
# 
loop_
_struct_asym.id 
_struct_asym.pdbx_blank_PDB_chainid_flag 
_struct_asym.pdbx_modified 
_struct_asym.entity_id 
_struct_asym.details 
A N N 1 ? 
B N N 2 ? 
C N N 3 ? 
D N N 3 ? 
E N N 3 ? 
F N N 3 ? 
G N N 3 ? 
H N N 3 ? 
I N N 3 ? 
J N N 4 ? 
K N N 4 ? 
# 
loop_
_struct_ref.id 
_struct_ref.db_name 
_struct_ref.db_code 
_struct_ref.pdbx_db_accession 
_struct_ref.entity_id 
_struct_ref.pdbx_seq_one_letter_code 
_struct_ref.pdbx_align_begin 
_struct_ref.pdbx_db_isoform 
1 UNP YTDC1_HUMAN Q96MU7 1 
;TSKLKYVLQDARFFLIKSNNHENVSLAKAKGVWSTLPVNEKKLNLAFRSARSVILIFSVRESGKFQGFARLSSESHHGGS
PIHWVLPAGMSAKMLGGVFKIDWICRRELPFTKSAHLTNPWNEHKPVKIGRDGQEIELECGTQLCLLFPPDESIDLYQVI
HKMRH
;
345 ? 
2 PDB 4R3I        4R3I   2 ? ?   ? 
# 
loop_
_struct_ref_seq.align_id 
_struct_ref_seq.ref_id 
_struct_ref_seq.pdbx_PDB_id_code 
_struct_ref_seq.pdbx_strand_id 
_struct_ref_seq.seq_align_beg 
_struct_ref_seq.pdbx_seq_align_beg_ins_code 
_struct_ref_seq.seq_align_end 
_struct_ref_seq.pdbx_seq_align_end_ins_code 
_struct_ref_seq.pdbx_db_accession 
_struct_ref_seq.db_align_beg 
_struct_ref_seq.pdbx_db_align_beg_ins_code 
_struct_ref_seq.db_align_end 
_struct_ref_seq.pdbx_db_align_end_ins_code 
_struct_ref_seq.pdbx_auth_seq_align_beg 
_struct_ref_seq.pdbx_auth_seq_align_end 
1 1 4R3I A 2 ? 166 ? Q96MU7 345 ? 509 ? 345 509 
2 2 4R3I B 1 ? 5   ? 4R3I   1   ? 5   ? 1   5   
# 
_struct_ref_seq_dif.align_id                     1 
_struct_ref_seq_dif.pdbx_pdb_id_code             4R3I 
_struct_ref_seq_dif.mon_id                       GLY 
_struct_ref_seq_dif.pdbx_pdb_strand_id           A 
_struct_ref_seq_dif.seq_num                      1 
_struct_ref_seq_dif.pdbx_pdb_ins_code            ? 
_struct_ref_seq_dif.pdbx_seq_db_name             UNP 
_struct_ref_seq_dif.pdbx_seq_db_accession_code   Q96MU7 
_struct_ref_seq_dif.db_mon_id                    ? 
_struct_ref_seq_dif.pdbx_seq_db_seq_num          ? 
_struct_ref_seq_dif.details                      'expression tag' 
_struct_ref_seq_dif.pdbx_auth_seq_num            344 
_struct_ref_seq_dif.pdbx_ordinal                 1 
# 
_pdbx_struct_assembly.id                   1 
_pdbx_struct_assembly.details              software_defined_assembly 
_pdbx_struct_assembly.method_details       PISA 
_pdbx_struct_assembly.oligomeric_details   dimeric 
_pdbx_struct_assembly.oligomeric_count     2 
# 
loop_
_pdbx_struct_assembly_prop.biol_id 
_pdbx_struct_assembly_prop.type 
_pdbx_struct_assembly_prop.value 
_pdbx_struct_assembly_prop.details 
1 'ABSA (A^2)' 1990 ? 
1 MORE         -9   ? 
1 'SSA (A^2)'  8310 ? 
# 
_pdbx_struct_assembly_gen.assembly_id       1 
_pdbx_struct_assembly_gen.oper_expression   1 
_pdbx_struct_assembly_gen.asym_id_list      A,B,C,D,E,F,G,H,I,J,K 
# 
_pdbx_struct_oper_list.id                   1 
_pdbx_struct_oper_list.type                 'identity operation' 
_pdbx_struct_oper_list.name                 1_555 
_pdbx_struct_oper_list.symmetry_operation   x,y,z 
_pdbx_struct_oper_list.matrix[1][1]         1.0000000000 
_pdbx_struct_oper_list.matrix[1][2]         0.0000000000 
_pdbx_struct_oper_list.matrix[1][3]         0.0000000000 
_pdbx_struct_oper_list.vector[1]            0.0000000000 
_pdbx_struct_oper_list.matrix[2][1]         0.0000000000 
_pdbx_struct_oper_list.matrix[2][2]         1.0000000000 
_pdbx_struct_oper_list.matrix[2][3]         0.0000000000 
_pdbx_struct_oper_list.vector[2]            0.0000000000 
_pdbx_struct_oper_list.matrix[3][1]         0.0000000000 
_pdbx_struct_oper_list.matrix[3][2]         0.0000000000 
_pdbx_struct_oper_list.matrix[3][3]         1.0000000000 
_pdbx_struct_oper_list.vector[3]            0.0000000000 
# 
_struct_biol.id        1 
_struct_biol.details   ? 
# 
loop_
_struct_conf.conf_type_id 
_struct_conf.id 
_struct_conf.pdbx_PDB_helix_id 
_struct_conf.beg_label_comp_id 
_struct_conf.beg_label_asym_id 
_struct_conf.beg_label_seq_id 
_struct_conf.pdbx_beg_PDB_ins_code 
_struct_conf.end_label_comp_id 
_struct_conf.end_label_asym_id 
_struct_conf.end_label_seq_id 
_struct_conf.pdbx_end_PDB_ins_code 
_struct_conf.beg_auth_comp_id 
_struct_conf.beg_auth_asym_id 
_struct_conf.beg_auth_seq_id 
_struct_conf.end_auth_comp_id 
_struct_conf.end_auth_asym_id 
_struct_conf.end_auth_seq_id 
_struct_conf.pdbx_PDB_helix_class 
_struct_conf.details 
_struct_conf.pdbx_PDB_helix_length 
HELX_P HELX_P1 1 GLY A 1   ? GLN A 10  ? GLY A 344 GLN A 353 1 ? 10 
HELX_P HELX_P2 2 ASN A 21  ? GLY A 32  ? ASN A 364 GLY A 375 1 ? 12 
HELX_P HELX_P3 3 LEU A 37  ? ARG A 49  ? LEU A 380 ARG A 392 1 ? 13 
HELX_P HELX_P4 4 ALA A 93  ? GLY A 97  ? ALA A 436 GLY A 440 5 ? 5  
HELX_P HELX_P5 5 THR A 113 ? ALA A 116 ? THR A 456 ALA A 459 5 ? 4  
HELX_P HELX_P6 6 ASN A 120 ? GLU A 124 ? ASN A 463 GLU A 467 5 ? 5  
HELX_P HELX_P7 7 GLU A 138 ? PHE A 149 ? GLU A 481 PHE A 492 1 ? 12 
HELX_P HELX_P8 8 ASP A 156 ? MET A 164 ? ASP A 499 MET A 507 1 ? 9  
# 
_struct_conf_type.id          HELX_P 
_struct_conf_type.criteria    ? 
_struct_conf_type.reference   ? 
# 
loop_
_struct_conn.id 
_struct_conn.conn_type_id 
_struct_conn.pdbx_leaving_atom_flag 
_struct_conn.pdbx_PDB_id 
_struct_conn.ptnr1_label_asym_id 
_struct_conn.ptnr1_label_comp_id 
_struct_conn.ptnr1_label_seq_id 
_struct_conn.ptnr1_label_atom_id 
_struct_conn.pdbx_ptnr1_label_alt_id 
_struct_conn.pdbx_ptnr1_PDB_ins_code 
_struct_conn.pdbx_ptnr1_standard_comp_id 
_struct_conn.ptnr1_symmetry 
_struct_conn.ptnr2_label_asym_id 
_struct_conn.ptnr2_label_comp_id 
_struct_conn.ptnr2_label_seq_id 
_struct_conn.ptnr2_label_atom_id 
_struct_conn.pdbx_ptnr2_label_alt_id 
_struct_conn.pdbx_ptnr2_PDB_ins_code 
_struct_conn.ptnr1_auth_asym_id 
_struct_conn.ptnr1_auth_comp_id 
_struct_conn.ptnr1_auth_seq_id 
_struct_conn.ptnr2_auth_asym_id 
_struct_conn.ptnr2_auth_comp_id 
_struct_conn.ptnr2_auth_seq_id 
_struct_conn.ptnr2_symmetry 
_struct_conn.pdbx_ptnr3_label_atom_id 
_struct_conn.pdbx_ptnr3_label_seq_id 
_struct_conn.pdbx_ptnr3_label_comp_id 
_struct_conn.pdbx_ptnr3_label_asym_id 
_struct_conn.pdbx_ptnr3_label_alt_id 
_struct_conn.pdbx_ptnr3_PDB_ins_code 
_struct_conn.details 
_struct_conn.pdbx_dist_value 
_struct_conn.pdbx_value_order 
_struct_conn.pdbx_role 
covale1 covale both ? B G   2 "O3'" ? ? ? 1_555 B 6MZ 3 P ? ? B G   2 B 6MZ 3 1_555 ? ? ? ? ? ? ? 1.610 ? ? 
covale2 covale both ? B 6MZ 3 "O3'" ? ? ? 1_555 B C   4 P ? ? B 6MZ 3 B C   4 1_555 ? ? ? ? ? ? ? 1.591 ? ? 
# 
_struct_conn_type.id          covale 
_struct_conn_type.criteria    ? 
_struct_conn_type.reference   ? 
# 
loop_
_struct_sheet.id 
_struct_sheet.type 
_struct_sheet.number_strands 
_struct_sheet.details 
A ? 6 ? 
B ? 2 ? 
# 
loop_
_struct_sheet_order.sheet_id 
_struct_sheet_order.range_id_1 
_struct_sheet_order.range_id_2 
_struct_sheet_order.offset 
_struct_sheet_order.sense 
A 1 2 ? anti-parallel 
A 2 3 ? anti-parallel 
A 3 4 ? anti-parallel 
A 4 5 ? parallel      
A 5 6 ? anti-parallel 
B 1 2 ? anti-parallel 
# 
loop_
_struct_sheet_range.sheet_id 
_struct_sheet_range.id 
_struct_sheet_range.beg_label_comp_id 
_struct_sheet_range.beg_label_asym_id 
_struct_sheet_range.beg_label_seq_id 
_struct_sheet_range.pdbx_beg_PDB_ins_code 
_struct_sheet_range.end_label_comp_id 
_struct_sheet_range.end_label_asym_id 
_struct_sheet_range.end_label_seq_id 
_struct_sheet_range.pdbx_end_PDB_ins_code 
_struct_sheet_range.beg_auth_comp_id 
_struct_sheet_range.beg_auth_asym_id 
_struct_sheet_range.beg_auth_seq_id 
_struct_sheet_range.end_auth_comp_id 
_struct_sheet_range.end_auth_asym_id 
_struct_sheet_range.end_auth_seq_id 
A 1 VAL A 33  ? TRP A 34  ? VAL A 376 TRP A 377 
A 2 PHE A 100 ? CYS A 106 ? PHE A 443 CYS A 449 
A 3 GLY A 68  ? LEU A 72  ? GLY A 411 LEU A 415 
A 4 SER A 53  ? VAL A 60  ? SER A 396 VAL A 403 
A 5 ALA A 12  ? SER A 19  ? ALA A 355 SER A 362 
A 6 GLU A 136 ? ILE A 137 ? GLU A 479 ILE A 480 
B 1 LYS A 65  ? PHE A 66  ? LYS A 408 PHE A 409 
B 2 LEU A 110 ? PRO A 111 ? LEU A 453 PRO A 454 
# 
loop_
_pdbx_struct_sheet_hbond.sheet_id 
_pdbx_struct_sheet_hbond.range_id_1 
_pdbx_struct_sheet_hbond.range_id_2 
_pdbx_struct_sheet_hbond.range_1_label_atom_id 
_pdbx_struct_sheet_hbond.range_1_label_comp_id 
_pdbx_struct_sheet_hbond.range_1_label_asym_id 
_pdbx_struct_sheet_hbond.range_1_label_seq_id 
_pdbx_struct_sheet_hbond.range_1_PDB_ins_code 
_pdbx_struct_sheet_hbond.range_1_auth_atom_id 
_pdbx_struct_sheet_hbond.range_1_auth_comp_id 
_pdbx_struct_sheet_hbond.range_1_auth_asym_id 
_pdbx_struct_sheet_hbond.range_1_auth_seq_id 
_pdbx_struct_sheet_hbond.range_2_label_atom_id 
_pdbx_struct_sheet_hbond.range_2_label_comp_id 
_pdbx_struct_sheet_hbond.range_2_label_asym_id 
_pdbx_struct_sheet_hbond.range_2_label_seq_id 
_pdbx_struct_sheet_hbond.range_2_PDB_ins_code 
_pdbx_struct_sheet_hbond.range_2_auth_atom_id 
_pdbx_struct_sheet_hbond.range_2_auth_comp_id 
_pdbx_struct_sheet_hbond.range_2_auth_asym_id 
_pdbx_struct_sheet_hbond.range_2_auth_seq_id 
A 1 2 N TRP A 34  ? N TRP A 377 O PHE A 100 ? O PHE A 443 
A 2 3 O ILE A 105 ? O ILE A 448 N PHE A 69  ? N PHE A 412 
A 3 4 O ALA A 70  ? O ALA A 413 N LEU A 56  ? N LEU A 399 
A 4 5 O ILE A 55  ? O ILE A 398 N ARG A 13  ? N ARG A 356 
A 5 6 N PHE A 14  ? N PHE A 357 O ILE A 137 ? O ILE A 480 
B 1 2 N PHE A 66  ? N PHE A 409 O LEU A 110 ? O LEU A 453 
# 
_pdbx_validate_torsion.id              1 
_pdbx_validate_torsion.PDB_model_num   1 
_pdbx_validate_torsion.auth_comp_id    GLU 
_pdbx_validate_torsion.auth_asym_id    A 
_pdbx_validate_torsion.auth_seq_id     405 
_pdbx_validate_torsion.PDB_ins_code    ? 
_pdbx_validate_torsion.label_alt_id    ? 
_pdbx_validate_torsion.phi             53.71 
_pdbx_validate_torsion.psi             16.26 
# 
_pdbx_SG_project.id                    1 
_pdbx_SG_project.project_name          ? 
_pdbx_SG_project.full_name_of_center   'Structural Genomics Consortium' 
_pdbx_SG_project.initial_of_center     SGC 
# 
_pdbx_struct_mod_residue.id               1 
_pdbx_struct_mod_residue.label_asym_id    B 
_pdbx_struct_mod_residue.label_comp_id    6MZ 
_pdbx_struct_mod_residue.label_seq_id     3 
_pdbx_struct_mod_residue.auth_asym_id     B 
_pdbx_struct_mod_residue.auth_comp_id     6MZ 
_pdbx_struct_mod_residue.auth_seq_id      3 
_pdbx_struct_mod_residue.PDB_ins_code     ? 
_pdbx_struct_mod_residue.parent_comp_id   A 
_pdbx_struct_mod_residue.details          "N6-METHYLADENOSINE-5'-MONOPHOSPHATE" 
# 
_phasing.method   MR 
# 
loop_
_pdbx_unobs_or_zero_occ_residues.id 
_pdbx_unobs_or_zero_occ_residues.PDB_model_num 
_pdbx_unobs_or_zero_occ_residues.polymer_flag 
_pdbx_unobs_or_zero_occ_residues.occupancy_flag 
_pdbx_unobs_or_zero_occ_residues.auth_asym_id 
_pdbx_unobs_or_zero_occ_residues.auth_comp_id 
_pdbx_unobs_or_zero_occ_residues.auth_seq_id 
_pdbx_unobs_or_zero_occ_residues.PDB_ins_code 
_pdbx_unobs_or_zero_occ_residues.label_asym_id 
_pdbx_unobs_or_zero_occ_residues.label_comp_id 
_pdbx_unobs_or_zero_occ_residues.label_seq_id 
1 1 Y 1 A ARG 508 ? A ARG 165 
2 1 Y 1 A HIS 509 ? A HIS 166 
# 
loop_
_chem_comp_atom.comp_id 
_chem_comp_atom.atom_id 
_chem_comp_atom.type_symbol 
_chem_comp_atom.pdbx_aromatic_flag 
_chem_comp_atom.pdbx_stereo_config 
_chem_comp_atom.pdbx_ordinal 
6MZ C2     C Y N 1   
6MZ C4     C Y N 2   
6MZ C5     C Y N 3   
6MZ O1P    O N N 4   
6MZ O2P    O N N 5   
6MZ N9     N Y N 6   
6MZ N3     N Y N 7   
6MZ N1     N Y N 8   
6MZ C6     C Y N 9   
6MZ N6     N N N 10  
6MZ C9     C N N 11  
6MZ N7     N Y N 12  
6MZ C8     C Y N 13  
6MZ "O5'"  O N N 14  
6MZ "C5'"  C N N 15  
6MZ "C4'"  C N R 16  
6MZ "O4'"  O N N 17  
6MZ "C1'"  C N R 18  
6MZ "C2'"  C N R 19  
6MZ "O2'"  O N N 20  
6MZ "C3'"  C N S 21  
6MZ "O3'"  O N N 22  
6MZ P      P N N 23  
6MZ O3P    O N N 24  
6MZ H2     H N N 25  
6MZ H1P    H N N 26  
6MZ H8     H N N 27  
6MZ "H1'"  H N N 28  
6MZ H9C1   H N N 29  
6MZ H9C2   H N N 30  
6MZ "H5'1" H N N 31  
6MZ "H5'2" H N N 32  
6MZ "H4'"  H N N 33  
6MZ "H3'"  H N N 34  
6MZ "H2'"  H N N 35  
6MZ HA     H N N 36  
6MZ HB     H N N 37  
6MZ H3P    H N N 38  
6MZ H6     H N N 39  
6MZ H9     H N N 40  
ALA N      N N N 41  
ALA CA     C N S 42  
ALA C      C N N 43  
ALA O      O N N 44  
ALA CB     C N N 45  
ALA OXT    O N N 46  
ALA H      H N N 47  
ALA H2     H N N 48  
ALA HA     H N N 49  
ALA HB1    H N N 50  
ALA HB2    H N N 51  
ALA HB3    H N N 52  
ALA HXT    H N N 53  
ARG N      N N N 54  
ARG CA     C N S 55  
ARG C      C N N 56  
ARG O      O N N 57  
ARG CB     C N N 58  
ARG CG     C N N 59  
ARG CD     C N N 60  
ARG NE     N N N 61  
ARG CZ     C N N 62  
ARG NH1    N N N 63  
ARG NH2    N N N 64  
ARG OXT    O N N 65  
ARG H      H N N 66  
ARG H2     H N N 67  
ARG HA     H N N 68  
ARG HB2    H N N 69  
ARG HB3    H N N 70  
ARG HG2    H N N 71  
ARG HG3    H N N 72  
ARG HD2    H N N 73  
ARG HD3    H N N 74  
ARG HE     H N N 75  
ARG HH11   H N N 76  
ARG HH12   H N N 77  
ARG HH21   H N N 78  
ARG HH22   H N N 79  
ARG HXT    H N N 80  
ASN N      N N N 81  
ASN CA     C N S 82  
ASN C      C N N 83  
ASN O      O N N 84  
ASN CB     C N N 85  
ASN CG     C N N 86  
ASN OD1    O N N 87  
ASN ND2    N N N 88  
ASN OXT    O N N 89  
ASN H      H N N 90  
ASN H2     H N N 91  
ASN HA     H N N 92  
ASN HB2    H N N 93  
ASN HB3    H N N 94  
ASN HD21   H N N 95  
ASN HD22   H N N 96  
ASN HXT    H N N 97  
ASP N      N N N 98  
ASP CA     C N S 99  
ASP C      C N N 100 
ASP O      O N N 101 
ASP CB     C N N 102 
ASP CG     C N N 103 
ASP OD1    O N N 104 
ASP OD2    O N N 105 
ASP OXT    O N N 106 
ASP H      H N N 107 
ASP H2     H N N 108 
ASP HA     H N N 109 
ASP HB2    H N N 110 
ASP HB3    H N N 111 
ASP HD2    H N N 112 
ASP HXT    H N N 113 
C   OP3    O N N 114 
C   P      P N N 115 
C   OP1    O N N 116 
C   OP2    O N N 117 
C   "O5'"  O N N 118 
C   "C5'"  C N N 119 
C   "C4'"  C N R 120 
C   "O4'"  O N N 121 
C   "C3'"  C N S 122 
C   "O3'"  O N N 123 
C   "C2'"  C N R 124 
C   "O2'"  O N N 125 
C   "C1'"  C N R 126 
C   N1     N N N 127 
C   C2     C N N 128 
C   O2     O N N 129 
C   N3     N N N 130 
C   C4     C N N 131 
C   N4     N N N 132 
C   C5     C N N 133 
C   C6     C N N 134 
C   HOP3   H N N 135 
C   HOP2   H N N 136 
C   "H5'"  H N N 137 
C   "H5''" H N N 138 
C   "H4'"  H N N 139 
C   "H3'"  H N N 140 
C   "HO3'" H N N 141 
C   "H2'"  H N N 142 
C   "HO2'" H N N 143 
C   "H1'"  H N N 144 
C   H41    H N N 145 
C   H42    H N N 146 
C   H5     H N N 147 
C   H6     H N N 148 
CYS N      N N N 149 
CYS CA     C N R 150 
CYS C      C N N 151 
CYS O      O N N 152 
CYS CB     C N N 153 
CYS SG     S N N 154 
CYS OXT    O N N 155 
CYS H      H N N 156 
CYS H2     H N N 157 
CYS HA     H N N 158 
CYS HB2    H N N 159 
CYS HB3    H N N 160 
CYS HG     H N N 161 
CYS HXT    H N N 162 
G   OP3    O N N 163 
G   P      P N N 164 
G   OP1    O N N 165 
G   OP2    O N N 166 
G   "O5'"  O N N 167 
G   "C5'"  C N N 168 
G   "C4'"  C N R 169 
G   "O4'"  O N N 170 
G   "C3'"  C N S 171 
G   "O3'"  O N N 172 
G   "C2'"  C N R 173 
G   "O2'"  O N N 174 
G   "C1'"  C N R 175 
G   N9     N Y N 176 
G   C8     C Y N 177 
G   N7     N Y N 178 
G   C5     C Y N 179 
G   C6     C N N 180 
G   O6     O N N 181 
G   N1     N N N 182 
G   C2     C N N 183 
G   N2     N N N 184 
G   N3     N N N 185 
G   C4     C Y N 186 
G   HOP3   H N N 187 
G   HOP2   H N N 188 
G   "H5'"  H N N 189 
G   "H5''" H N N 190 
G   "H4'"  H N N 191 
G   "H3'"  H N N 192 
G   "HO3'" H N N 193 
G   "H2'"  H N N 194 
G   "HO2'" H N N 195 
G   "H1'"  H N N 196 
G   H8     H N N 197 
G   H1     H N N 198 
G   H21    H N N 199 
G   H22    H N N 200 
GLN N      N N N 201 
GLN CA     C N S 202 
GLN C      C N N 203 
GLN O      O N N 204 
GLN CB     C N N 205 
GLN CG     C N N 206 
GLN CD     C N N 207 
GLN OE1    O N N 208 
GLN NE2    N N N 209 
GLN OXT    O N N 210 
GLN H      H N N 211 
GLN H2     H N N 212 
GLN HA     H N N 213 
GLN HB2    H N N 214 
GLN HB3    H N N 215 
GLN HG2    H N N 216 
GLN HG3    H N N 217 
GLN HE21   H N N 218 
GLN HE22   H N N 219 
GLN HXT    H N N 220 
GLU N      N N N 221 
GLU CA     C N S 222 
GLU C      C N N 223 
GLU O      O N N 224 
GLU CB     C N N 225 
GLU CG     C N N 226 
GLU CD     C N N 227 
GLU OE1    O N N 228 
GLU OE2    O N N 229 
GLU OXT    O N N 230 
GLU H      H N N 231 
GLU H2     H N N 232 
GLU HA     H N N 233 
GLU HB2    H N N 234 
GLU HB3    H N N 235 
GLU HG2    H N N 236 
GLU HG3    H N N 237 
GLU HE2    H N N 238 
GLU HXT    H N N 239 
GLY N      N N N 240 
GLY CA     C N N 241 
GLY C      C N N 242 
GLY O      O N N 243 
GLY OXT    O N N 244 
GLY H      H N N 245 
GLY H2     H N N 246 
GLY HA2    H N N 247 
GLY HA3    H N N 248 
GLY HXT    H N N 249 
HIS N      N N N 250 
HIS CA     C N S 251 
HIS C      C N N 252 
HIS O      O N N 253 
HIS CB     C N N 254 
HIS CG     C Y N 255 
HIS ND1    N Y N 256 
HIS CD2    C Y N 257 
HIS CE1    C Y N 258 
HIS NE2    N Y N 259 
HIS OXT    O N N 260 
HIS H      H N N 261 
HIS H2     H N N 262 
HIS HA     H N N 263 
HIS HB2    H N N 264 
HIS HB3    H N N 265 
HIS HD1    H N N 266 
HIS HD2    H N N 267 
HIS HE1    H N N 268 
HIS HE2    H N N 269 
HIS HXT    H N N 270 
HOH O      O N N 271 
HOH H1     H N N 272 
HOH H2     H N N 273 
ILE N      N N N 274 
ILE CA     C N S 275 
ILE C      C N N 276 
ILE O      O N N 277 
ILE CB     C N S 278 
ILE CG1    C N N 279 
ILE CG2    C N N 280 
ILE CD1    C N N 281 
ILE OXT    O N N 282 
ILE H      H N N 283 
ILE H2     H N N 284 
ILE HA     H N N 285 
ILE HB     H N N 286 
ILE HG12   H N N 287 
ILE HG13   H N N 288 
ILE HG21   H N N 289 
ILE HG22   H N N 290 
ILE HG23   H N N 291 
ILE HD11   H N N 292 
ILE HD12   H N N 293 
ILE HD13   H N N 294 
ILE HXT    H N N 295 
LEU N      N N N 296 
LEU CA     C N S 297 
LEU C      C N N 298 
LEU O      O N N 299 
LEU CB     C N N 300 
LEU CG     C N N 301 
LEU CD1    C N N 302 
LEU CD2    C N N 303 
LEU OXT    O N N 304 
LEU H      H N N 305 
LEU H2     H N N 306 
LEU HA     H N N 307 
LEU HB2    H N N 308 
LEU HB3    H N N 309 
LEU HG     H N N 310 
LEU HD11   H N N 311 
LEU HD12   H N N 312 
LEU HD13   H N N 313 
LEU HD21   H N N 314 
LEU HD22   H N N 315 
LEU HD23   H N N 316 
LEU HXT    H N N 317 
LYS N      N N N 318 
LYS CA     C N S 319 
LYS C      C N N 320 
LYS O      O N N 321 
LYS CB     C N N 322 
LYS CG     C N N 323 
LYS CD     C N N 324 
LYS CE     C N N 325 
LYS NZ     N N N 326 
LYS OXT    O N N 327 
LYS H      H N N 328 
LYS H2     H N N 329 
LYS HA     H N N 330 
LYS HB2    H N N 331 
LYS HB3    H N N 332 
LYS HG2    H N N 333 
LYS HG3    H N N 334 
LYS HD2    H N N 335 
LYS HD3    H N N 336 
LYS HE2    H N N 337 
LYS HE3    H N N 338 
LYS HZ1    H N N 339 
LYS HZ2    H N N 340 
LYS HZ3    H N N 341 
LYS HXT    H N N 342 
MET N      N N N 343 
MET CA     C N S 344 
MET C      C N N 345 
MET O      O N N 346 
MET CB     C N N 347 
MET CG     C N N 348 
MET SD     S N N 349 
MET CE     C N N 350 
MET OXT    O N N 351 
MET H      H N N 352 
MET H2     H N N 353 
MET HA     H N N 354 
MET HB2    H N N 355 
MET HB3    H N N 356 
MET HG2    H N N 357 
MET HG3    H N N 358 
MET HE1    H N N 359 
MET HE2    H N N 360 
MET HE3    H N N 361 
MET HXT    H N N 362 
PHE N      N N N 363 
PHE CA     C N S 364 
PHE C      C N N 365 
PHE O      O N N 366 
PHE CB     C N N 367 
PHE CG     C Y N 368 
PHE CD1    C Y N 369 
PHE CD2    C Y N 370 
PHE CE1    C Y N 371 
PHE CE2    C Y N 372 
PHE CZ     C Y N 373 
PHE OXT    O N N 374 
PHE H      H N N 375 
PHE H2     H N N 376 
PHE HA     H N N 377 
PHE HB2    H N N 378 
PHE HB3    H N N 379 
PHE HD1    H N N 380 
PHE HD2    H N N 381 
PHE HE1    H N N 382 
PHE HE2    H N N 383 
PHE HZ     H N N 384 
PHE HXT    H N N 385 
PRO N      N N N 386 
PRO CA     C N S 387 
PRO C      C N N 388 
PRO O      O N N 389 
PRO CB     C N N 390 
PRO CG     C N N 391 
PRO CD     C N N 392 
PRO OXT    O N N 393 
PRO H      H N N 394 
PRO HA     H N N 395 
PRO HB2    H N N 396 
PRO HB3    H N N 397 
PRO HG2    H N N 398 
PRO HG3    H N N 399 
PRO HD2    H N N 400 
PRO HD3    H N N 401 
PRO HXT    H N N 402 
SER N      N N N 403 
SER CA     C N S 404 
SER C      C N N 405 
SER O      O N N 406 
SER CB     C N N 407 
SER OG     O N N 408 
SER OXT    O N N 409 
SER H      H N N 410 
SER H2     H N N 411 
SER HA     H N N 412 
SER HB2    H N N 413 
SER HB3    H N N 414 
SER HG     H N N 415 
SER HXT    H N N 416 
THR N      N N N 417 
THR CA     C N S 418 
THR C      C N N 419 
THR O      O N N 420 
THR CB     C N R 421 
THR OG1    O N N 422 
THR CG2    C N N 423 
THR OXT    O N N 424 
THR H      H N N 425 
THR H2     H N N 426 
THR HA     H N N 427 
THR HB     H N N 428 
THR HG1    H N N 429 
THR HG21   H N N 430 
THR HG22   H N N 431 
THR HG23   H N N 432 
THR HXT    H N N 433 
TRP N      N N N 434 
TRP CA     C N S 435 
TRP C      C N N 436 
TRP O      O N N 437 
TRP CB     C N N 438 
TRP CG     C Y N 439 
TRP CD1    C Y N 440 
TRP CD2    C Y N 441 
TRP NE1    N Y N 442 
TRP CE2    C Y N 443 
TRP CE3    C Y N 444 
TRP CZ2    C Y N 445 
TRP CZ3    C Y N 446 
TRP CH2    C Y N 447 
TRP OXT    O N N 448 
TRP H      H N N 449 
TRP H2     H N N 450 
TRP HA     H N N 451 
TRP HB2    H N N 452 
TRP HB3    H N N 453 
TRP HD1    H N N 454 
TRP HE1    H N N 455 
TRP HE3    H N N 456 
TRP HZ2    H N N 457 
TRP HZ3    H N N 458 
TRP HH2    H N N 459 
TRP HXT    H N N 460 
TYR N      N N N 461 
TYR CA     C N S 462 
TYR C      C N N 463 
TYR O      O N N 464 
TYR CB     C N N 465 
TYR CG     C Y N 466 
TYR CD1    C Y N 467 
TYR CD2    C Y N 468 
TYR CE1    C Y N 469 
TYR CE2    C Y N 470 
TYR CZ     C Y N 471 
TYR OH     O N N 472 
TYR OXT    O N N 473 
TYR H      H N N 474 
TYR H2     H N N 475 
TYR HA     H N N 476 
TYR HB2    H N N 477 
TYR HB3    H N N 478 
TYR HD1    H N N 479 
TYR HD2    H N N 480 
TYR HE1    H N N 481 
TYR HE2    H N N 482 
TYR HH     H N N 483 
TYR HXT    H N N 484 
U   OP3    O N N 485 
U   P      P N N 486 
U   OP1    O N N 487 
U   OP2    O N N 488 
U   "O5'"  O N N 489 
U   "C5'"  C N N 490 
U   "C4'"  C N R 491 
U   "O4'"  O N N 492 
U   "C3'"  C N S 493 
U   "O3'"  O N N 494 
U   "C2'"  C N R 495 
U   "O2'"  O N N 496 
U   "C1'"  C N R 497 
U   N1     N N N 498 
U   C2     C N N 499 
U   O2     O N N 500 
U   N3     N N N 501 
U   C4     C N N 502 
U   O4     O N N 503 
U   C5     C N N 504 
U   C6     C N N 505 
U   HOP3   H N N 506 
U   HOP2   H N N 507 
U   "H5'"  H N N 508 
U   "H5''" H N N 509 
U   "H4'"  H N N 510 
U   "H3'"  H N N 511 
U   "HO3'" H N N 512 
U   "H2'"  H N N 513 
U   "HO2'" H N N 514 
U   "H1'"  H N N 515 
U   H3     H N N 516 
U   H5     H N N 517 
U   H6     H N N 518 
VAL N      N N N 519 
VAL CA     C N S 520 
VAL C      C N N 521 
VAL O      O N N 522 
VAL CB     C N N 523 
VAL CG1    C N N 524 
VAL CG2    C N N 525 
VAL OXT    O N N 526 
VAL H      H N N 527 
VAL H2     H N N 528 
VAL HA     H N N 529 
VAL HB     H N N 530 
VAL HG11   H N N 531 
VAL HG12   H N N 532 
VAL HG13   H N N 533 
VAL HG21   H N N 534 
VAL HG22   H N N 535 
VAL HG23   H N N 536 
VAL HXT    H N N 537 
# 
loop_
_chem_comp_bond.comp_id 
_chem_comp_bond.atom_id_1 
_chem_comp_bond.atom_id_2 
_chem_comp_bond.value_order 
_chem_comp_bond.pdbx_aromatic_flag 
_chem_comp_bond.pdbx_stereo_config 
_chem_comp_bond.pdbx_ordinal 
6MZ C4    C5     sing Y N 1   
6MZ C4    N9     sing Y N 2   
6MZ C2    N3     sing Y N 3   
6MZ C4    N3     doub Y N 4   
6MZ C2    N1     doub Y N 5   
6MZ C5    C6     doub Y N 6   
6MZ N1    C6     sing Y N 7   
6MZ C6    N6     sing N N 8   
6MZ N6    C9     sing N N 9   
6MZ C5    N7     sing Y N 10  
6MZ N9    C8     sing Y N 11  
6MZ N7    C8     doub Y N 12  
6MZ "O5'" "C5'"  sing N N 13  
6MZ "C1'" "H1'"  sing N N 14  
6MZ C9    H9C1   sing N N 15  
6MZ C9    H9C2   sing N N 16  
6MZ "C5'" "H5'1" sing N N 17  
6MZ "C5'" "H5'2" sing N N 18  
6MZ "C4'" "H4'"  sing N N 19  
6MZ "C3'" "H3'"  sing N N 20  
6MZ "C2'" "H2'"  sing N N 21  
6MZ "O2'" HA     sing N N 22  
6MZ "O3'" HB     sing N N 23  
6MZ O3P   H3P    sing N N 24  
6MZ "C5'" "C4'"  sing N N 25  
6MZ "C4'" "O4'"  sing N N 26  
6MZ N9    "C1'"  sing N N 27  
6MZ "O4'" "C1'"  sing N N 28  
6MZ "C1'" "C2'"  sing N N 29  
6MZ "C2'" "O2'"  sing N N 30  
6MZ "C4'" "C3'"  sing N N 31  
6MZ "C2'" "C3'"  sing N N 32  
6MZ "C3'" "O3'"  sing N N 33  
6MZ O1P   P      sing N N 34  
6MZ O2P   P      doub N N 35  
6MZ "O5'" P      sing N N 36  
6MZ P     O3P    sing N N 37  
6MZ C2    H2     sing N N 38  
6MZ O1P   H1P    sing N N 39  
6MZ C8    H8     sing N N 40  
6MZ N6    H6     sing N N 41  
6MZ C9    H9     sing N N 42  
ALA N     CA     sing N N 43  
ALA N     H      sing N N 44  
ALA N     H2     sing N N 45  
ALA CA    C      sing N N 46  
ALA CA    CB     sing N N 47  
ALA CA    HA     sing N N 48  
ALA C     O      doub N N 49  
ALA C     OXT    sing N N 50  
ALA CB    HB1    sing N N 51  
ALA CB    HB2    sing N N 52  
ALA CB    HB3    sing N N 53  
ALA OXT   HXT    sing N N 54  
ARG N     CA     sing N N 55  
ARG N     H      sing N N 56  
ARG N     H2     sing N N 57  
ARG CA    C      sing N N 58  
ARG CA    CB     sing N N 59  
ARG CA    HA     sing N N 60  
ARG C     O      doub N N 61  
ARG C     OXT    sing N N 62  
ARG CB    CG     sing N N 63  
ARG CB    HB2    sing N N 64  
ARG CB    HB3    sing N N 65  
ARG CG    CD     sing N N 66  
ARG CG    HG2    sing N N 67  
ARG CG    HG3    sing N N 68  
ARG CD    NE     sing N N 69  
ARG CD    HD2    sing N N 70  
ARG CD    HD3    sing N N 71  
ARG NE    CZ     sing N N 72  
ARG NE    HE     sing N N 73  
ARG CZ    NH1    sing N N 74  
ARG CZ    NH2    doub N N 75  
ARG NH1   HH11   sing N N 76  
ARG NH1   HH12   sing N N 77  
ARG NH2   HH21   sing N N 78  
ARG NH2   HH22   sing N N 79  
ARG OXT   HXT    sing N N 80  
ASN N     CA     sing N N 81  
ASN N     H      sing N N 82  
ASN N     H2     sing N N 83  
ASN CA    C      sing N N 84  
ASN CA    CB     sing N N 85  
ASN CA    HA     sing N N 86  
ASN C     O      doub N N 87  
ASN C     OXT    sing N N 88  
ASN CB    CG     sing N N 89  
ASN CB    HB2    sing N N 90  
ASN CB    HB3    sing N N 91  
ASN CG    OD1    doub N N 92  
ASN CG    ND2    sing N N 93  
ASN ND2   HD21   sing N N 94  
ASN ND2   HD22   sing N N 95  
ASN OXT   HXT    sing N N 96  
ASP N     CA     sing N N 97  
ASP N     H      sing N N 98  
ASP N     H2     sing N N 99  
ASP CA    C      sing N N 100 
ASP CA    CB     sing N N 101 
ASP CA    HA     sing N N 102 
ASP C     O      doub N N 103 
ASP C     OXT    sing N N 104 
ASP CB    CG     sing N N 105 
ASP CB    HB2    sing N N 106 
ASP CB    HB3    sing N N 107 
ASP CG    OD1    doub N N 108 
ASP CG    OD2    sing N N 109 
ASP OD2   HD2    sing N N 110 
ASP OXT   HXT    sing N N 111 
C   OP3   P      sing N N 112 
C   OP3   HOP3   sing N N 113 
C   P     OP1    doub N N 114 
C   P     OP2    sing N N 115 
C   P     "O5'"  sing N N 116 
C   OP2   HOP2   sing N N 117 
C   "O5'" "C5'"  sing N N 118 
C   "C5'" "C4'"  sing N N 119 
C   "C5'" "H5'"  sing N N 120 
C   "C5'" "H5''" sing N N 121 
C   "C4'" "O4'"  sing N N 122 
C   "C4'" "C3'"  sing N N 123 
C   "C4'" "H4'"  sing N N 124 
C   "O4'" "C1'"  sing N N 125 
C   "C3'" "O3'"  sing N N 126 
C   "C3'" "C2'"  sing N N 127 
C   "C3'" "H3'"  sing N N 128 
C   "O3'" "HO3'" sing N N 129 
C   "C2'" "O2'"  sing N N 130 
C   "C2'" "C1'"  sing N N 131 
C   "C2'" "H2'"  sing N N 132 
C   "O2'" "HO2'" sing N N 133 
C   "C1'" N1     sing N N 134 
C   "C1'" "H1'"  sing N N 135 
C   N1    C2     sing N N 136 
C   N1    C6     sing N N 137 
C   C2    O2     doub N N 138 
C   C2    N3     sing N N 139 
C   N3    C4     doub N N 140 
C   C4    N4     sing N N 141 
C   C4    C5     sing N N 142 
C   N4    H41    sing N N 143 
C   N4    H42    sing N N 144 
C   C5    C6     doub N N 145 
C   C5    H5     sing N N 146 
C   C6    H6     sing N N 147 
CYS N     CA     sing N N 148 
CYS N     H      sing N N 149 
CYS N     H2     sing N N 150 
CYS CA    C      sing N N 151 
CYS CA    CB     sing N N 152 
CYS CA    HA     sing N N 153 
CYS C     O      doub N N 154 
CYS C     OXT    sing N N 155 
CYS CB    SG     sing N N 156 
CYS CB    HB2    sing N N 157 
CYS CB    HB3    sing N N 158 
CYS SG    HG     sing N N 159 
CYS OXT   HXT    sing N N 160 
G   OP3   P      sing N N 161 
G   OP3   HOP3   sing N N 162 
G   P     OP1    doub N N 163 
G   P     OP2    sing N N 164 
G   P     "O5'"  sing N N 165 
G   OP2   HOP2   sing N N 166 
G   "O5'" "C5'"  sing N N 167 
G   "C5'" "C4'"  sing N N 168 
G   "C5'" "H5'"  sing N N 169 
G   "C5'" "H5''" sing N N 170 
G   "C4'" "O4'"  sing N N 171 
G   "C4'" "C3'"  sing N N 172 
G   "C4'" "H4'"  sing N N 173 
G   "O4'" "C1'"  sing N N 174 
G   "C3'" "O3'"  sing N N 175 
G   "C3'" "C2'"  sing N N 176 
G   "C3'" "H3'"  sing N N 177 
G   "O3'" "HO3'" sing N N 178 
G   "C2'" "O2'"  sing N N 179 
G   "C2'" "C1'"  sing N N 180 
G   "C2'" "H2'"  sing N N 181 
G   "O2'" "HO2'" sing N N 182 
G   "C1'" N9     sing N N 183 
G   "C1'" "H1'"  sing N N 184 
G   N9    C8     sing Y N 185 
G   N9    C4     sing Y N 186 
G   C8    N7     doub Y N 187 
G   C8    H8     sing N N 188 
G   N7    C5     sing Y N 189 
G   C5    C6     sing N N 190 
G   C5    C4     doub Y N 191 
G   C6    O6     doub N N 192 
G   C6    N1     sing N N 193 
G   N1    C2     sing N N 194 
G   N1    H1     sing N N 195 
G   C2    N2     sing N N 196 
G   C2    N3     doub N N 197 
G   N2    H21    sing N N 198 
G   N2    H22    sing N N 199 
G   N3    C4     sing N N 200 
GLN N     CA     sing N N 201 
GLN N     H      sing N N 202 
GLN N     H2     sing N N 203 
GLN CA    C      sing N N 204 
GLN CA    CB     sing N N 205 
GLN CA    HA     sing N N 206 
GLN C     O      doub N N 207 
GLN C     OXT    sing N N 208 
GLN CB    CG     sing N N 209 
GLN CB    HB2    sing N N 210 
GLN CB    HB3    sing N N 211 
GLN CG    CD     sing N N 212 
GLN CG    HG2    sing N N 213 
GLN CG    HG3    sing N N 214 
GLN CD    OE1    doub N N 215 
GLN CD    NE2    sing N N 216 
GLN NE2   HE21   sing N N 217 
GLN NE2   HE22   sing N N 218 
GLN OXT   HXT    sing N N 219 
GLU N     CA     sing N N 220 
GLU N     H      sing N N 221 
GLU N     H2     sing N N 222 
GLU CA    C      sing N N 223 
GLU CA    CB     sing N N 224 
GLU CA    HA     sing N N 225 
GLU C     O      doub N N 226 
GLU C     OXT    sing N N 227 
GLU CB    CG     sing N N 228 
GLU CB    HB2    sing N N 229 
GLU CB    HB3    sing N N 230 
GLU CG    CD     sing N N 231 
GLU CG    HG2    sing N N 232 
GLU CG    HG3    sing N N 233 
GLU CD    OE1    doub N N 234 
GLU CD    OE2    sing N N 235 
GLU OE2   HE2    sing N N 236 
GLU OXT   HXT    sing N N 237 
GLY N     CA     sing N N 238 
GLY N     H      sing N N 239 
GLY N     H2     sing N N 240 
GLY CA    C      sing N N 241 
GLY CA    HA2    sing N N 242 
GLY CA    HA3    sing N N 243 
GLY C     O      doub N N 244 
GLY C     OXT    sing N N 245 
GLY OXT   HXT    sing N N 246 
HIS N     CA     sing N N 247 
HIS N     H      sing N N 248 
HIS N     H2     sing N N 249 
HIS CA    C      sing N N 250 
HIS CA    CB     sing N N 251 
HIS CA    HA     sing N N 252 
HIS C     O      doub N N 253 
HIS C     OXT    sing N N 254 
HIS CB    CG     sing N N 255 
HIS CB    HB2    sing N N 256 
HIS CB    HB3    sing N N 257 
HIS CG    ND1    sing Y N 258 
HIS CG    CD2    doub Y N 259 
HIS ND1   CE1    doub Y N 260 
HIS ND1   HD1    sing N N 261 
HIS CD2   NE2    sing Y N 262 
HIS CD2   HD2    sing N N 263 
HIS CE1   NE2    sing Y N 264 
HIS CE1   HE1    sing N N 265 
HIS NE2   HE2    sing N N 266 
HIS OXT   HXT    sing N N 267 
HOH O     H1     sing N N 268 
HOH O     H2     sing N N 269 
ILE N     CA     sing N N 270 
ILE N     H      sing N N 271 
ILE N     H2     sing N N 272 
ILE CA    C      sing N N 273 
ILE CA    CB     sing N N 274 
ILE CA    HA     sing N N 275 
ILE C     O      doub N N 276 
ILE C     OXT    sing N N 277 
ILE CB    CG1    sing N N 278 
ILE CB    CG2    sing N N 279 
ILE CB    HB     sing N N 280 
ILE CG1   CD1    sing N N 281 
ILE CG1   HG12   sing N N 282 
ILE CG1   HG13   sing N N 283 
ILE CG2   HG21   sing N N 284 
ILE CG2   HG22   sing N N 285 
ILE CG2   HG23   sing N N 286 
ILE CD1   HD11   sing N N 287 
ILE CD1   HD12   sing N N 288 
ILE CD1   HD13   sing N N 289 
ILE OXT   HXT    sing N N 290 
LEU N     CA     sing N N 291 
LEU N     H      sing N N 292 
LEU N     H2     sing N N 293 
LEU CA    C      sing N N 294 
LEU CA    CB     sing N N 295 
LEU CA    HA     sing N N 296 
LEU C     O      doub N N 297 
LEU C     OXT    sing N N 298 
LEU CB    CG     sing N N 299 
LEU CB    HB2    sing N N 300 
LEU CB    HB3    sing N N 301 
LEU CG    CD1    sing N N 302 
LEU CG    CD2    sing N N 303 
LEU CG    HG     sing N N 304 
LEU CD1   HD11   sing N N 305 
LEU CD1   HD12   sing N N 306 
LEU CD1   HD13   sing N N 307 
LEU CD2   HD21   sing N N 308 
LEU CD2   HD22   sing N N 309 
LEU CD2   HD23   sing N N 310 
LEU OXT   HXT    sing N N 311 
LYS N     CA     sing N N 312 
LYS N     H      sing N N 313 
LYS N     H2     sing N N 314 
LYS CA    C      sing N N 315 
LYS CA    CB     sing N N 316 
LYS CA    HA     sing N N 317 
LYS C     O      doub N N 318 
LYS C     OXT    sing N N 319 
LYS CB    CG     sing N N 320 
LYS CB    HB2    sing N N 321 
LYS CB    HB3    sing N N 322 
LYS CG    CD     sing N N 323 
LYS CG    HG2    sing N N 324 
LYS CG    HG3    sing N N 325 
LYS CD    CE     sing N N 326 
LYS CD    HD2    sing N N 327 
LYS CD    HD3    sing N N 328 
LYS CE    NZ     sing N N 329 
LYS CE    HE2    sing N N 330 
LYS CE    HE3    sing N N 331 
LYS NZ    HZ1    sing N N 332 
LYS NZ    HZ2    sing N N 333 
LYS NZ    HZ3    sing N N 334 
LYS OXT   HXT    sing N N 335 
MET N     CA     sing N N 336 
MET N     H      sing N N 337 
MET N     H2     sing N N 338 
MET CA    C      sing N N 339 
MET CA    CB     sing N N 340 
MET CA    HA     sing N N 341 
MET C     O      doub N N 342 
MET C     OXT    sing N N 343 
MET CB    CG     sing N N 344 
MET CB    HB2    sing N N 345 
MET CB    HB3    sing N N 346 
MET CG    SD     sing N N 347 
MET CG    HG2    sing N N 348 
MET CG    HG3    sing N N 349 
MET SD    CE     sing N N 350 
MET CE    HE1    sing N N 351 
MET CE    HE2    sing N N 352 
MET CE    HE3    sing N N 353 
MET OXT   HXT    sing N N 354 
PHE N     CA     sing N N 355 
PHE N     H      sing N N 356 
PHE N     H2     sing N N 357 
PHE CA    C      sing N N 358 
PHE CA    CB     sing N N 359 
PHE CA    HA     sing N N 360 
PHE C     O      doub N N 361 
PHE C     OXT    sing N N 362 
PHE CB    CG     sing N N 363 
PHE CB    HB2    sing N N 364 
PHE CB    HB3    sing N N 365 
PHE CG    CD1    doub Y N 366 
PHE CG    CD2    sing Y N 367 
PHE CD1   CE1    sing Y N 368 
PHE CD1   HD1    sing N N 369 
PHE CD2   CE2    doub Y N 370 
PHE CD2   HD2    sing N N 371 
PHE CE1   CZ     doub Y N 372 
PHE CE1   HE1    sing N N 373 
PHE CE2   CZ     sing Y N 374 
PHE CE2   HE2    sing N N 375 
PHE CZ    HZ     sing N N 376 
PHE OXT   HXT    sing N N 377 
PRO N     CA     sing N N 378 
PRO N     CD     sing N N 379 
PRO N     H      sing N N 380 
PRO CA    C      sing N N 381 
PRO CA    CB     sing N N 382 
PRO CA    HA     sing N N 383 
PRO C     O      doub N N 384 
PRO C     OXT    sing N N 385 
PRO CB    CG     sing N N 386 
PRO CB    HB2    sing N N 387 
PRO CB    HB3    sing N N 388 
PRO CG    CD     sing N N 389 
PRO CG    HG2    sing N N 390 
PRO CG    HG3    sing N N 391 
PRO CD    HD2    sing N N 392 
PRO CD    HD3    sing N N 393 
PRO OXT   HXT    sing N N 394 
SER N     CA     sing N N 395 
SER N     H      sing N N 396 
SER N     H2     sing N N 397 
SER CA    C      sing N N 398 
SER CA    CB     sing N N 399 
SER CA    HA     sing N N 400 
SER C     O      doub N N 401 
SER C     OXT    sing N N 402 
SER CB    OG     sing N N 403 
SER CB    HB2    sing N N 404 
SER CB    HB3    sing N N 405 
SER OG    HG     sing N N 406 
SER OXT   HXT    sing N N 407 
THR N     CA     sing N N 408 
THR N     H      sing N N 409 
THR N     H2     sing N N 410 
THR CA    C      sing N N 411 
THR CA    CB     sing N N 412 
THR CA    HA     sing N N 413 
THR C     O      doub N N 414 
THR C     OXT    sing N N 415 
THR CB    OG1    sing N N 416 
THR CB    CG2    sing N N 417 
THR CB    HB     sing N N 418 
THR OG1   HG1    sing N N 419 
THR CG2   HG21   sing N N 420 
THR CG2   HG22   sing N N 421 
THR CG2   HG23   sing N N 422 
THR OXT   HXT    sing N N 423 
TRP N     CA     sing N N 424 
TRP N     H      sing N N 425 
TRP N     H2     sing N N 426 
TRP CA    C      sing N N 427 
TRP CA    CB     sing N N 428 
TRP CA    HA     sing N N 429 
TRP C     O      doub N N 430 
TRP C     OXT    sing N N 431 
TRP CB    CG     sing N N 432 
TRP CB    HB2    sing N N 433 
TRP CB    HB3    sing N N 434 
TRP CG    CD1    doub Y N 435 
TRP CG    CD2    sing Y N 436 
TRP CD1   NE1    sing Y N 437 
TRP CD1   HD1    sing N N 438 
TRP CD2   CE2    doub Y N 439 
TRP CD2   CE3    sing Y N 440 
TRP NE1   CE2    sing Y N 441 
TRP NE1   HE1    sing N N 442 
TRP CE2   CZ2    sing Y N 443 
TRP CE3   CZ3    doub Y N 444 
TRP CE3   HE3    sing N N 445 
TRP CZ2   CH2    doub Y N 446 
TRP CZ2   HZ2    sing N N 447 
TRP CZ3   CH2    sing Y N 448 
TRP CZ3   HZ3    sing N N 449 
TRP CH2   HH2    sing N N 450 
TRP OXT   HXT    sing N N 451 
TYR N     CA     sing N N 452 
TYR N     H      sing N N 453 
TYR N     H2     sing N N 454 
TYR CA    C      sing N N 455 
TYR CA    CB     sing N N 456 
TYR CA    HA     sing N N 457 
TYR C     O      doub N N 458 
TYR C     OXT    sing N N 459 
TYR CB    CG     sing N N 460 
TYR CB    HB2    sing N N 461 
TYR CB    HB3    sing N N 462 
TYR CG    CD1    doub Y N 463 
TYR CG    CD2    sing Y N 464 
TYR CD1   CE1    sing Y N 465 
TYR CD1   HD1    sing N N 466 
TYR CD2   CE2    doub Y N 467 
TYR CD2   HD2    sing N N 468 
TYR CE1   CZ     doub Y N 469 
TYR CE1   HE1    sing N N 470 
TYR CE2   CZ     sing Y N 471 
TYR CE2   HE2    sing N N 472 
TYR CZ    OH     sing N N 473 
TYR OH    HH     sing N N 474 
TYR OXT   HXT    sing N N 475 
U   OP3   P      sing N N 476 
U   OP3   HOP3   sing N N 477 
U   P     OP1    doub N N 478 
U   P     OP2    sing N N 479 
U   P     "O5'"  sing N N 480 
U   OP2   HOP2   sing N N 481 
U   "O5'" "C5'"  sing N N 482 
U   "C5'" "C4'"  sing N N 483 
U   "C5'" "H5'"  sing N N 484 
U   "C5'" "H5''" sing N N 485 
U   "C4'" "O4'"  sing N N 486 
U   "C4'" "C3'"  sing N N 487 
U   "C4'" "H4'"  sing N N 488 
U   "O4'" "C1'"  sing N N 489 
U   "C3'" "O3'"  sing N N 490 
U   "C3'" "C2'"  sing N N 491 
U   "C3'" "H3'"  sing N N 492 
U   "O3'" "HO3'" sing N N 493 
U   "C2'" "O2'"  sing N N 494 
U   "C2'" "C1'"  sing N N 495 
U   "C2'" "H2'"  sing N N 496 
U   "O2'" "HO2'" sing N N 497 
U   "C1'" N1     sing N N 498 
U   "C1'" "H1'"  sing N N 499 
U   N1    C2     sing N N 500 
U   N1    C6     sing N N 501 
U   C2    O2     doub N N 502 
U   C2    N3     sing N N 503 
U   N3    C4     sing N N 504 
U   N3    H3     sing N N 505 
U   C4    O4     doub N N 506 
U   C4    C5     sing N N 507 
U   C5    C6     doub N N 508 
U   C5    H5     sing N N 509 
U   C6    H6     sing N N 510 
VAL N     CA     sing N N 511 
VAL N     H      sing N N 512 
VAL N     H2     sing N N 513 
VAL CA    C      sing N N 514 
VAL CA    CB     sing N N 515 
VAL CA    HA     sing N N 516 
VAL C     O      doub N N 517 
VAL C     OXT    sing N N 518 
VAL CB    CG1    sing N N 519 
VAL CB    CG2    sing N N 520 
VAL CB    HB     sing N N 521 
VAL CG1   HG11   sing N N 522 
VAL CG1   HG12   sing N N 523 
VAL CG1   HG13   sing N N 524 
VAL CG2   HG21   sing N N 525 
VAL CG2   HG22   sing N N 526 
VAL CG2   HG23   sing N N 527 
VAL OXT   HXT    sing N N 528 
# 
_pdbx_initial_refinement_model.accession_code   ? 
_pdbx_initial_refinement_model.id               1 
_pdbx_initial_refinement_model.entity_id_list   ? 
_pdbx_initial_refinement_model.type             'experimental model' 
_pdbx_initial_refinement_model.source_name      Other 
_pdbx_initial_refinement_model.details          'a different crystal form of same protein' 
# 
_atom_sites.entry_id                    4R3I 
_atom_sites.Cartn_transform_axes        ? 
_atom_sites.fract_transf_matrix[1][1]   0.00295340 
_atom_sites.fract_transf_matrix[1][2]   0.02337769 
_atom_sites.fract_transf_matrix[1][3]   -0.01654493 
_atom_sites.fract_transf_matrix[2][1]   0.00333439 
_atom_sites.fract_transf_matrix[2][2]   -0.01468450 
_atom_sites.fract_transf_matrix[2][3]   -0.02015372 
_atom_sites.fract_transf_matrix[3][1]   -0.01709037 
_atom_sites.fract_transf_matrix[3][2]   0.00358991 
_atom_sites.fract_transf_matrix[3][3]   -0.00544326 
_atom_sites.fract_transf_vector[1]      1.223619 
_atom_sites.fract_transf_vector[2]      0.130510 
_atom_sites.fract_transf_vector[3]      1.268799 
# 
loop_
_atom_type.symbol 
C 
N 
O 
P 
S 
X 
# 
loop_
_atom_site.group_PDB 
_atom_site.id 
_atom_site.type_symbol 
_atom_site.label_atom_id 
_atom_site.label_alt_id 
_atom_site.label_comp_id 
_atom_site.label_asym_id 
_atom_site.label_entity_id 
_atom_site.label_seq_id 
_atom_site.pdbx_PDB_ins_code 
_atom_site.Cartn_x 
_atom_site.Cartn_y 
_atom_site.Cartn_z 
_atom_site.occupancy 
_atom_site.B_iso_or_equiv 
_atom_site.pdbx_formal_charge 
_atom_site.auth_seq_id 
_atom_site.auth_comp_id 
_atom_site.auth_asym_id 
_atom_site.auth_atom_id 
_atom_site.pdbx_PDB_model_num 
ATOM   1    N N     . GLY A 1 1   ? 7.518   17.499  10.099  1.00 71.29 ? 344 GLY A N     1 
ATOM   2    C CA    . GLY A 1 1   ? 6.347   16.605  10.331  1.00 67.00 ? 344 GLY A CA    1 
ATOM   3    C C     . GLY A 1 1   ? 5.607   16.313  9.041   1.00 65.22 ? 344 GLY A C     1 
ATOM   4    O O     . GLY A 1 1   ? 5.954   15.373  8.313   1.00 54.62 ? 344 GLY A O     1 
ATOM   5    N N     . THR A 1 2   ? 4.586   17.121  8.758   1.00 66.33 ? 345 THR A N     1 
ATOM   6    C CA    . THR A 1 2   ? 3.819   16.999  7.508   1.00 66.32 ? 345 THR A CA    1 
ATOM   7    C C     . THR A 1 2   ? 4.663   17.375  6.271   1.00 58.34 ? 345 THR A C     1 
ATOM   8    O O     . THR A 1 2   ? 4.443   16.828  5.196   1.00 53.06 ? 345 THR A O     1 
ATOM   9    C CB    . THR A 1 2   ? 2.524   17.848  7.533   1.00 62.92 ? 345 THR A CB    1 
ATOM   10   N N     . SER A 1 3   ? 5.627   18.289  6.429   1.00 50.05 ? 346 SER A N     1 
ATOM   11   C CA    . SER A 1 3   ? 6.480   18.704  5.314   1.00 46.66 ? 346 SER A CA    1 
ATOM   12   C C     . SER A 1 3   ? 7.223   17.509  4.728   1.00 42.17 ? 346 SER A C     1 
ATOM   13   O O     . SER A 1 3   ? 7.320   17.386  3.509   1.00 37.33 ? 346 SER A O     1 
ATOM   14   C CB    . SER A 1 3   ? 7.487   19.795  5.728   1.00 45.14 ? 346 SER A CB    1 
ATOM   15   N N     . LYS A 1 4   ? 7.747   16.629  5.583   1.00 38.43 ? 347 LYS A N     1 
ATOM   16   C CA    . LYS A 1 4   ? 8.442   15.434  5.087   1.00 38.90 ? 347 LYS A CA    1 
ATOM   17   C C     . LYS A 1 4   ? 7.460   14.429  4.477   1.00 35.34 ? 347 LYS A C     1 
ATOM   18   O O     . LYS A 1 4   ? 7.726   13.873  3.406   1.00 30.18 ? 347 LYS A O     1 
ATOM   19   C CB    . LYS A 1 4   ? 9.294   14.795  6.174   1.00 39.19 ? 347 LYS A CB    1 
ATOM   20   C CG    . LYS A 1 4   ? 10.539  15.611  6.452   1.00 43.11 ? 347 LYS A CG    1 
ATOM   21   C CD    . LYS A 1 4   ? 11.353  15.048  7.589   1.00 48.19 ? 347 LYS A CD    1 
ATOM   22   C CE    . LYS A 1 4   ? 12.547  15.940  7.856   1.00 51.79 ? 347 LYS A CE    1 
ATOM   23   N NZ    . LYS A 1 4   ? 13.448  15.337  8.873   1.00 58.40 ? 347 LYS A NZ    1 
ATOM   24   N N     . LEU A 1 5   ? 6.330   14.215  5.153   1.00 33.24 ? 348 LEU A N     1 
ATOM   25   C CA    . LEU A 1 5   ? 5.286   13.342  4.633   1.00 30.45 ? 348 LEU A CA    1 
ATOM   26   C C     . LEU A 1 5   ? 4.791   13.905  3.315   1.00 28.08 ? 348 LEU A C     1 
ATOM   27   O O     . LEU A 1 5   ? 4.712   13.177  2.350   1.00 23.13 ? 348 LEU A O     1 
ATOM   28   C CB    . LEU A 1 5   ? 4.128   13.180  5.626   1.00 30.23 ? 348 LEU A CB    1 
ATOM   29   C CG    . LEU A 1 5   ? 2.938   12.317  5.199   1.00 29.77 ? 348 LEU A CG    1 
ATOM   30   C CD1   . LEU A 1 5   ? 3.394   10.934  4.777   1.00 31.87 ? 348 LEU A CD1   1 
ATOM   31   C CD2   . LEU A 1 5   ? 1.930   12.209  6.329   1.00 30.20 ? 348 LEU A CD2   1 
ATOM   32   N N     . LYS A 1 6   ? 4.503   15.208  3.259   1.00 29.34 ? 349 LYS A N     1 
ATOM   33   C CA    . LYS A 1 6   ? 3.890   15.802  2.049   1.00 29.72 ? 349 LYS A CA    1 
ATOM   34   C C     . LYS A 1 6   ? 4.857   15.725  0.890   1.00 29.13 ? 349 LYS A C     1 
ATOM   35   O O     . LYS A 1 6   ? 4.449   15.635  -0.281  1.00 28.87 ? 349 LYS A O     1 
ATOM   36   C CB    . LYS A 1 6   ? 3.419   17.256  2.267   1.00 31.34 ? 349 LYS A CB    1 
ATOM   37   C CG    . LYS A 1 6   ? 2.048   17.403  2.928   1.00 32.21 ? 349 LYS A CG    1 
ATOM   38   C CD    . LYS A 1 6   ? 1.344   18.682  2.505   1.00 32.53 ? 349 LYS A CD    1 
ATOM   39   N N     . TYR A 1 7   ? 6.141   15.764  1.216   1.00 28.11 ? 350 TYR A N     1 
ATOM   40   C CA    . TYR A 1 7   ? 7.179   15.576  0.232   1.00 29.94 ? 350 TYR A CA    1 
ATOM   41   C C     . TYR A 1 7   ? 7.104   14.157  -0.311  1.00 28.86 ? 350 TYR A C     1 
ATOM   42   O O     . TYR A 1 7   ? 7.126   13.947  -1.525  1.00 26.95 ? 350 TYR A O     1 
ATOM   43   C CB    . TYR A 1 7   ? 8.568   15.825  0.847   1.00 32.82 ? 350 TYR A CB    1 
ATOM   44   C CG    . TYR A 1 7   ? 9.667   15.731  -0.163  1.00 35.09 ? 350 TYR A CG    1 
ATOM   45   C CD1   . TYR A 1 7   ? 9.833   16.721  -1.120  1.00 39.25 ? 350 TYR A CD1   1 
ATOM   46   C CD2   . TYR A 1 7   ? 10.518  14.645  -0.193  1.00 39.80 ? 350 TYR A CD2   1 
ATOM   47   C CE1   . TYR A 1 7   ? 10.836  16.643  -2.072  1.00 41.89 ? 350 TYR A CE1   1 
ATOM   48   C CE2   . TYR A 1 7   ? 11.526  14.555  -1.139  1.00 45.32 ? 350 TYR A CE2   1 
ATOM   49   C CZ    . TYR A 1 7   ? 11.680  15.563  -2.076  1.00 42.48 ? 350 TYR A CZ    1 
ATOM   50   O OH    . TYR A 1 7   ? 12.679  15.485  -3.019  1.00 46.70 ? 350 TYR A OH    1 
ATOM   51   N N     . VAL A 1 8   ? 7.020   13.175  0.585   1.00 23.98 ? 351 VAL A N     1 
ATOM   52   C CA    . VAL A 1 8   ? 6.939   11.797  0.150   1.00 22.92 ? 351 VAL A CA    1 
ATOM   53   C C     . VAL A 1 8   ? 5.644   11.559  -0.643  1.00 20.84 ? 351 VAL A C     1 
ATOM   54   O O     . VAL A 1 8   ? 5.645   10.771  -1.599  1.00 23.04 ? 351 VAL A O     1 
ATOM   55   C CB    . VAL A 1 8   ? 7.083   10.799  1.317   1.00 24.78 ? 351 VAL A CB    1 
ATOM   56   C CG1   . VAL A 1 8   ? 6.872   9.374   0.819   1.00 24.63 ? 351 VAL A CG1   1 
ATOM   57   C CG2   . VAL A 1 8   ? 8.459   10.921  1.975   1.00 25.01 ? 351 VAL A CG2   1 
ATOM   58   N N     . LEU A 1 9   ? 4.552   12.223  -0.277  1.00 19.32 ? 352 LEU A N     1 
ATOM   59   C CA    . LEU A 1 9   ? 3.282   12.056  -1.013  1.00 19.95 ? 352 LEU A CA    1 
ATOM   60   C C     . LEU A 1 9   ? 3.260   12.790  -2.359  1.00 22.32 ? 352 LEU A C     1 
ATOM   61   O O     . LEU A 1 9   ? 2.422   12.497  -3.211  1.00 21.68 ? 352 LEU A O     1 
ATOM   62   C CB    . LEU A 1 9   ? 2.075   12.515  -0.184  1.00 23.30 ? 352 LEU A CB    1 
ATOM   63   C CG    . LEU A 1 9   ? 1.807   11.806  1.172   1.00 22.49 ? 352 LEU A CG    1 
ATOM   64   C CD1   . LEU A 1 9   ? 0.604   12.451  1.858   1.00 21.78 ? 352 LEU A CD1   1 
ATOM   65   C CD2   . LEU A 1 9   ? 1.602   10.303  1.037   1.00 22.22 ? 352 LEU A CD2   1 
ATOM   66   N N     . GLN A 1 10  ? 4.144   13.766  -2.538  1.00 20.88 ? 353 GLN A N     1 
ATOM   67   C CA    . GLN A 1 10  ? 4.207   14.502  -3.794  1.00 23.16 ? 353 GLN A CA    1 
ATOM   68   C C     . GLN A 1 10  ? 4.690   13.615  -4.947  1.00 21.74 ? 353 GLN A C     1 
ATOM   69   O O     . GLN A 1 10  ? 5.588   12.801  -4.782  1.00 21.00 ? 353 GLN A O     1 
ATOM   70   C CB    . GLN A 1 10  ? 5.081   15.728  -3.625  1.00 24.37 ? 353 GLN A CB    1 
ATOM   71   C CG    . GLN A 1 10  ? 5.306   16.516  -4.882  1.00 25.34 ? 353 GLN A CG    1 
ATOM   72   C CD    . GLN A 1 10  ? 6.171   17.708  -4.607  1.00 27.10 ? 353 GLN A CD    1 
ATOM   73   O OE1   . GLN A 1 10  ? 7.388   17.570  -4.401  1.00 27.19 ? 353 GLN A OE1   1 
ATOM   74   N NE2   . GLN A 1 10  ? 5.554   18.886  -4.556  1.00 27.11 ? 353 GLN A NE2   1 
ATOM   75   N N     . ASP A 1 11  ? 4.034   13.765  -6.092  1.00 22.80 ? 354 ASP A N     1 
ATOM   76   C CA    . ASP A 1 11  ? 4.335   13.016  -7.331  1.00 22.53 ? 354 ASP A CA    1 
ATOM   77   C C     . ASP A 1 11  ? 3.940   11.514  -7.264  1.00 20.15 ? 354 ASP A C     1 
ATOM   78   O O     . ASP A 1 11  ? 4.300   10.719  -8.148  1.00 21.66 ? 354 ASP A O     1 
ATOM   79   C CB    . ASP A 1 11  ? 5.838   13.118  -7.690  1.00 22.69 ? 354 ASP A CB    1 
ATOM   80   C CG    . ASP A 1 11  ? 6.201   14.404  -8.419  1.00 22.76 ? 354 ASP A CG    1 
ATOM   81   O OD1   . ASP A 1 11  ? 5.297   15.232  -8.775  1.00 21.53 ? 354 ASP A OD1   1 
ATOM   82   O OD2   . ASP A 1 11  ? 7.424   14.551  -8.655  1.00 22.81 ? 354 ASP A OD2   1 
ATOM   83   N N     . ALA A 1 12  ? 3.207   11.140  -6.239  1.00 19.35 ? 355 ALA A N     1 
ATOM   84   C CA    . ALA A 1 12  ? 2.965   9.732   -5.978  1.00 17.03 ? 355 ALA A CA    1 
ATOM   85   C C     . ALA A 1 12  ? 1.761   9.223   -6.712  1.00 16.70 ? 355 ALA A C     1 
ATOM   86   O O     . ALA A 1 12  ? 0.769   9.964   -6.946  1.00 15.74 ? 355 ALA A O     1 
ATOM   87   C CB    . ALA A 1 12  ? 2.756   9.510   -4.484  1.00 19.11 ? 355 ALA A CB    1 
ATOM   88   N N     . ARG A 1 13  ? 1.796   7.931   -6.979  1.00 15.15 ? 356 ARG A N     1 
ATOM   89   C CA    . ARG A 1 13  ? 0.599   7.215   -7.341  1.00 15.20 ? 356 ARG A CA    1 
ATOM   90   C C     . ARG A 1 13  ? 0.232   6.353   -6.140  1.00 15.00 ? 356 ARG A C     1 
ATOM   91   O O     . ARG A 1 13  ? 1.121   5.851   -5.413  1.00 13.86 ? 356 ARG A O     1 
ATOM   92   C CB    . ARG A 1 13  ? 0.845   6.367   -8.550  1.00 17.20 ? 356 ARG A CB    1 
ATOM   93   C CG    . ARG A 1 13  ? 1.270   7.212   -9.729  1.00 18.68 ? 356 ARG A CG    1 
ATOM   94   C CD    . ARG A 1 13  ? 1.454   6.391   -10.964 1.00 20.05 ? 356 ARG A CD    1 
ATOM   95   N NE    . ARG A 1 13  ? 0.206   5.731   -11.389 1.00 20.99 ? 356 ARG A NE    1 
ATOM   96   C CZ    . ARG A 1 13  ? 0.118   5.005   -12.485 1.00 22.04 ? 356 ARG A CZ    1 
ATOM   97   N NH1   . ARG A 1 13  ? 1.181   4.863   -13.263 1.00 22.70 ? 356 ARG A NH1   1 
ATOM   98   N NH2   . ARG A 1 13  ? -1.025  4.425   -12.812 1.00 24.04 ? 356 ARG A NH2   1 
ATOM   99   N N     . PHE A 1 14  ? -1.070  6.216   -5.931  1.00 12.94 ? 357 PHE A N     1 
ATOM   100  C CA    . PHE A 1 14  ? -1.608  5.539   -4.761  1.00 13.42 ? 357 PHE A CA    1 
ATOM   101  C C     . PHE A 1 14  ? -2.380  4.288   -5.192  1.00 12.95 ? 357 PHE A C     1 
ATOM   102  O O     . PHE A 1 14  ? -3.306  4.374   -6.015  1.00 11.45 ? 357 PHE A O     1 
ATOM   103  C CB    . PHE A 1 14  ? -2.546  6.504   -4.046  1.00 14.43 ? 357 PHE A CB    1 
ATOM   104  C CG    . PHE A 1 14  ? -1.858  7.759   -3.557  1.00 15.02 ? 357 PHE A CG    1 
ATOM   105  C CD1   . PHE A 1 14  ? -1.222  7.782   -2.341  1.00 15.26 ? 357 PHE A CD1   1 
ATOM   106  C CD2   . PHE A 1 14  ? -1.814  8.911   -4.353  1.00 15.89 ? 357 PHE A CD2   1 
ATOM   107  C CE1   . PHE A 1 14  ? -0.581  8.919   -1.887  1.00 15.50 ? 357 PHE A CE1   1 
ATOM   108  C CE2   . PHE A 1 14  ? -1.175  10.050  -3.910  1.00 14.89 ? 357 PHE A CE2   1 
ATOM   109  C CZ    . PHE A 1 14  ? -0.548  10.063  -2.673  1.00 15.58 ? 357 PHE A CZ    1 
ATOM   110  N N     . PHE A 1 15  ? -2.021  3.134   -4.638  1.00 13.49 ? 358 PHE A N     1 
ATOM   111  C CA    . PHE A 1 15  ? -2.827  1.905   -4.830  1.00 13.59 ? 358 PHE A CA    1 
ATOM   112  C C     . PHE A 1 15  ? -3.366  1.352   -3.516  1.00 13.31 ? 358 PHE A C     1 
ATOM   113  O O     . PHE A 1 15  ? -2.631  1.204   -2.550  1.00 12.05 ? 358 PHE A O     1 
ATOM   114  C CB    . PHE A 1 15  ? -2.062  0.829   -5.581  1.00 14.49 ? 358 PHE A CB    1 
ATOM   115  C CG    . PHE A 1 15  ? -1.647  1.256   -6.956  1.00 14.16 ? 358 PHE A CG    1 
ATOM   116  C CD1   . PHE A 1 15  ? -0.528  2.087   -7.133  1.00 15.03 ? 358 PHE A CD1   1 
ATOM   117  C CD2   . PHE A 1 15  ? -2.365  0.864   -8.074  1.00 14.15 ? 358 PHE A CD2   1 
ATOM   118  C CE1   . PHE A 1 15  ? -0.127  2.484   -8.395  1.00 15.07 ? 358 PHE A CE1   1 
ATOM   119  C CE2   . PHE A 1 15  ? -1.964  1.280   -9.337  1.00 15.42 ? 358 PHE A CE2   1 
ATOM   120  C CZ    . PHE A 1 15  ? -0.837  2.077   -9.494  1.00 15.49 ? 358 PHE A CZ    1 
ATOM   121  N N     . LEU A 1 16  ? -4.667  1.115   -3.501  1.00 13.31 ? 359 LEU A N     1 
ATOM   122  C CA    . LEU A 1 16  ? -5.286  0.258   -2.496  1.00 14.52 ? 359 LEU A CA    1 
ATOM   123  C C     . LEU A 1 16  ? -4.766  -1.200  -2.566  1.00 15.19 ? 359 LEU A C     1 
ATOM   124  O O     . LEU A 1 16  ? -4.775  -1.813  -3.623  1.00 16.29 ? 359 LEU A O     1 
ATOM   125  C CB    . LEU A 1 16  ? -6.809  0.249   -2.706  1.00 14.21 ? 359 LEU A CB    1 
ATOM   126  C CG    . LEU A 1 16  ? -7.616  -0.425  -1.612  1.00 15.89 ? 359 LEU A CG    1 
ATOM   127  C CD1   . LEU A 1 16  ? -7.371  0.311   -0.302  1.00 15.69 ? 359 LEU A CD1   1 
ATOM   128  C CD2   . LEU A 1 16  ? -9.101  -0.440  -2.001  1.00 16.35 ? 359 LEU A CD2   1 
ATOM   129  N N     . ILE A 1 17  ? -4.359  -1.750  -1.433  1.00 14.18 ? 360 ILE A N     1 
ATOM   130  C CA    . ILE A 1 17  ? -3.935  -3.111  -1.333  1.00 12.85 ? 360 ILE A CA    1 
ATOM   131  C C     . ILE A 1 17  ? -4.878  -3.826  -0.414  1.00 12.70 ? 360 ILE A C     1 
ATOM   132  O O     . ILE A 1 17  ? -5.115  -3.364  0.708   1.00 11.72 ? 360 ILE A O     1 
ATOM   133  C CB    . ILE A 1 17  ? -2.495  -3.171  -0.819  1.00 13.27 ? 360 ILE A CB    1 
ATOM   134  C CG1   . ILE A 1 17  ? -1.550  -2.625  -1.897  1.00 15.26 ? 360 ILE A CG1   1 
ATOM   135  C CG2   . ILE A 1 17  ? -2.114  -4.588  -0.384  1.00 13.86 ? 360 ILE A CG2   1 
ATOM   136  C CD1   . ILE A 1 17  ? -1.501  -3.423  -3.200  1.00 15.43 ? 360 ILE A CD1   1 
ATOM   137  N N     . LYS A 1 18  ? -5.462  -4.945  -0.866  1.00 12.14 ? 361 LYS A N     1 
ATOM   138  C CA    . LYS A 1 18  ? -6.343  -5.721  0.033   1.00 12.46 ? 361 LYS A CA    1 
ATOM   139  C C     . LYS A 1 18  ? -5.641  -7.030  0.393   1.00 12.00 ? 361 LYS A C     1 
ATOM   140  O O     . LYS A 1 18  ? -4.988  -7.644  -0.446  1.00 11.98 ? 361 LYS A O     1 
ATOM   141  C CB    . LYS A 1 18  ? -7.723  -6.009  -0.574  1.00 13.70 ? 361 LYS A CB    1 
ATOM   142  C CG    . LYS A 1 18  ? -8.543  -4.799  -0.918  1.00 13.71 ? 361 LYS A CG    1 
ATOM   143  C CD    . LYS A 1 18  ? -8.917  -3.939  0.298   1.00 14.52 ? 361 LYS A CD    1 
ATOM   144  C CE    . LYS A 1 18  ? -9.947  -4.623  1.197   1.00 15.36 ? 361 LYS A CE    1 
ATOM   145  N NZ    . LYS A 1 18  ? -10.466 -3.743  2.291   1.00 14.25 ? 361 LYS A NZ    1 
ATOM   146  N N     . SER A 1 19  ? -5.780  -7.446  1.650   1.00 12.80 ? 362 SER A N     1 
ATOM   147  C CA    . SER A 1 19  ? -5.341  -8.735  2.078   1.00 13.38 ? 362 SER A CA    1 
ATOM   148  C C     . SER A 1 19  ? -6.513  -9.495  2.718   1.00 13.13 ? 362 SER A C     1 
ATOM   149  O O     . SER A 1 19  ? -7.287  -8.936  3.476   1.00 12.17 ? 362 SER A O     1 
ATOM   150  C CB    . SER A 1 19  ? -4.178  -8.603  3.073   1.00 14.72 ? 362 SER A CB    1 
ATOM   151  O OG    . SER A 1 19  ? -3.899  -9.844  3.677   1.00 13.51 ? 362 SER A OG    1 
ATOM   152  N N     . ASN A 1 20  ? -6.629  -10.774 2.392   1.00 14.66 ? 363 ASN A N     1 
ATOM   153  C CA    . ASN A 1 20  ? -7.671  -11.623 2.964   1.00 16.54 ? 363 ASN A CA    1 
ATOM   154  C C     . ASN A 1 20  ? -7.379  -11.985 4.425   1.00 16.11 ? 363 ASN A C     1 
ATOM   155  O O     . ASN A 1 20  ? -8.259  -12.425 5.156   1.00 17.07 ? 363 ASN A O     1 
ATOM   156  C CB    . ASN A 1 20  ? -7.896  -12.867 2.093   1.00 18.26 ? 363 ASN A CB    1 
ATOM   157  C CG    . ASN A 1 20  ? -8.923  -12.618 0.954   1.00 22.11 ? 363 ASN A CG    1 
ATOM   158  O OD1   . ASN A 1 20  ? -9.313  -11.468 0.653   1.00 23.39 ? 363 ASN A OD1   1 
ATOM   159  N ND2   . ASN A 1 20  ? -9.358  -13.703 0.317   1.00 23.83 ? 363 ASN A ND2   1 
ATOM   160  N N     . ASN A 1 21  ? -6.159  -11.742 4.889   1.00 14.04 ? 364 ASN A N     1 
ATOM   161  C CA    . ASN A 1 21  ? -5.879  -11.968 6.296   1.00 14.95 ? 364 ASN A CA    1 
ATOM   162  C C     . ASN A 1 21  ? -4.999  -10.894 6.960   1.00 15.19 ? 364 ASN A C     1 
ATOM   163  O O     . ASN A 1 21  ? -4.374  -10.090 6.270   1.00 14.80 ? 364 ASN A O     1 
ATOM   164  C CB    . ASN A 1 21  ? -5.291  -13.346 6.453   1.00 15.50 ? 364 ASN A CB    1 
ATOM   165  C CG    . ASN A 1 21  ? -4.075  -13.540 5.604   1.00 15.54 ? 364 ASN A CG    1 
ATOM   166  O OD1   . ASN A 1 21  ? -3.057  -12.873 5.815   1.00 14.79 ? 364 ASN A OD1   1 
ATOM   167  N ND2   . ASN A 1 21  ? -4.162  -14.459 4.641   1.00 15.56 ? 364 ASN A ND2   1 
ATOM   168  N N     . HIS A 1 22  ? -5.003  -10.863 8.297   1.00 14.76 ? 365 HIS A N     1 
ATOM   169  C CA    . HIS A 1 22  ? -4.176  -9.951  9.092   1.00 14.61 ? 365 HIS A CA    1 
ATOM   170  C C     . HIS A 1 22  ? -2.721  -10.339 9.096   1.00 14.47 ? 365 HIS A C     1 
ATOM   171  O O     . HIS A 1 22  ? -1.841  -9.473  9.160   1.00 15.56 ? 365 HIS A O     1 
ATOM   172  C CB    . HIS A 1 22  ? -4.642  -9.923  10.540  1.00 14.48 ? 365 HIS A CB    1 
ATOM   173  C CG    . HIS A 1 22  ? -5.987  -9.312  10.698  1.00 15.17 ? 365 HIS A CG    1 
ATOM   174  N ND1   . HIS A 1 22  ? -6.176  -7.950  10.749  1.00 16.65 ? 365 HIS A ND1   1 
ATOM   175  C CD2   . HIS A 1 22  ? -7.214  -9.866  10.752  1.00 17.04 ? 365 HIS A CD2   1 
ATOM   176  C CE1   . HIS A 1 22  ? -7.473  -7.690  10.861  1.00 15.80 ? 365 HIS A CE1   1 
ATOM   177  N NE2   . HIS A 1 22  ? -8.122  -8.837  10.865  1.00 18.86 ? 365 HIS A NE2   1 
ATOM   178  N N     . GLU A 1 23  ? -2.468  -11.634 9.022   1.00 13.72 ? 366 GLU A N     1 
ATOM   179  C CA    . GLU A 1 23  ? -1.105  -12.156 9.217   1.00 15.69 ? 366 GLU A CA    1 
ATOM   180  C C     . GLU A 1 23  ? -0.171  -11.713 8.086   1.00 16.06 ? 366 GLU A C     1 
ATOM   181  O O     . GLU A 1 23  ? 1.011   -11.420 8.323   1.00 15.82 ? 366 GLU A O     1 
ATOM   182  C CB    . GLU A 1 23  ? -1.143  -13.693 9.325   1.00 17.29 ? 366 GLU A CB    1 
ATOM   183  C CG    . GLU A 1 23  ? 0.212   -14.393 9.234   1.00 17.93 ? 366 GLU A CG    1 
ATOM   184  C CD    . GLU A 1 23  ? 1.163   -14.061 10.348  1.00 20.56 ? 366 GLU A CD    1 
ATOM   185  O OE1   . GLU A 1 23  ? 0.721   -13.596 11.422  1.00 25.62 ? 366 GLU A OE1   1 
ATOM   186  O OE2   . GLU A 1 23  ? 2.373   -14.307 10.148  1.00 25.64 ? 366 GLU A OE2   1 
ATOM   187  N N     . ASN A 1 24  ? -0.680  -11.628 6.865   1.00 15.07 ? 367 ASN A N     1 
ATOM   188  C CA    . ASN A 1 24  ? 0.222   -11.237 5.747   1.00 15.28 ? 367 ASN A CA    1 
ATOM   189  C C     . ASN A 1 24  ? 0.626   -9.760  5.846   1.00 15.03 ? 367 ASN A C     1 
ATOM   190  O O     . ASN A 1 24  ? 1.767   -9.374  5.501   1.00 13.39 ? 367 ASN A O     1 
ATOM   191  C CB    . ASN A 1 24  ? -0.403  -11.598 4.388   1.00 16.64 ? 367 ASN A CB    1 
ATOM   192  C CG    . ASN A 1 24  ? -0.464  -13.122 4.140   1.00 15.74 ? 367 ASN A CG    1 
ATOM   193  O OD1   . ASN A 1 24  ? 0.114   -13.926 4.890   1.00 14.04 ? 367 ASN A OD1   1 
ATOM   194  N ND2   . ASN A 1 24  ? -1.153  -13.518 3.076   1.00 15.01 ? 367 ASN A ND2   1 
ATOM   195  N N     . VAL A 1 25  ? -0.291  -8.936  6.335   1.00 13.75 ? 368 VAL A N     1 
ATOM   196  C CA    . VAL A 1 25  ? -0.004  -7.523  6.575   1.00 13.83 ? 368 VAL A CA    1 
ATOM   197  C C     . VAL A 1 25  ? 0.977   -7.344  7.710   1.00 13.32 ? 368 VAL A C     1 
ATOM   198  O O     . VAL A 1 25  ? 1.853   -6.489  7.629   1.00 13.01 ? 368 VAL A O     1 
ATOM   199  C CB    . VAL A 1 25  ? -1.290  -6.698  6.826   1.00 14.21 ? 368 VAL A CB    1 
ATOM   200  C CG1   . VAL A 1 25  ? -0.956  -5.254  7.188   1.00 13.71 ? 368 VAL A CG1   1 
ATOM   201  C CG2   . VAL A 1 25  ? -2.165  -6.722  5.582   1.00 13.68 ? 368 VAL A CG2   1 
ATOM   202  N N     . SER A 1 26  ? 0.853   -8.171  8.738   1.00 14.52 ? 369 SER A N     1 
ATOM   203  C CA    . SER A 1 26  ? 1.785   -8.148  9.864   1.00 18.02 ? 369 SER A CA    1 
ATOM   204  C C     . SER A 1 26  ? 3.206   -8.635  9.473   1.00 17.55 ? 369 SER A C     1 
ATOM   205  O O     . SER A 1 26  ? 4.210   -8.088  9.922   1.00 17.41 ? 369 SER A O     1 
ATOM   206  C CB    . SER A 1 26  ? 1.209   -8.964  11.038  1.00 19.37 ? 369 SER A CB    1 
ATOM   207  O OG    . SER A 1 26  ? 2.212   -9.234  12.016  1.00 25.43 ? 369 SER A OG    1 
ATOM   208  N N     . LEU A 1 27  ? 3.277   -9.665  8.638   1.00 18.72 ? 370 LEU A N     1 
ATOM   209  C CA    . LEU A 1 27  ? 4.547   -10.124 8.089   1.00 19.87 ? 370 LEU A CA    1 
ATOM   210  C C     . LEU A 1 27  ? 5.160   -9.036  7.217   1.00 18.81 ? 370 LEU A C     1 
ATOM   211  O O     . LEU A 1 27  ? 6.381   -8.768  7.275   1.00 19.36 ? 370 LEU A O     1 
ATOM   212  C CB    . LEU A 1 27  ? 4.347   -11.400 7.260   1.00 20.64 ? 370 LEU A CB    1 
ATOM   213  C CG    . LEU A 1 27  ? 5.623   -12.016 6.668   1.00 23.50 ? 370 LEU A CG    1 
ATOM   214  C CD1   . LEU A 1 27  ? 6.728   -12.195 7.713   1.00 24.74 ? 370 LEU A CD1   1 
ATOM   215  C CD2   . LEU A 1 27  ? 5.304   -13.357 6.032   1.00 24.68 ? 370 LEU A CD2   1 
ATOM   216  N N     . ALA A 1 28  ? 4.315   -8.412  6.400   1.00 16.99 ? 371 ALA A N     1 
ATOM   217  C CA    . ALA A 1 28  ? 4.723   -7.281  5.558   1.00 16.94 ? 371 ALA A CA    1 
ATOM   218  C C     . ALA A 1 28  ? 5.268   -6.085  6.371   1.00 17.60 ? 371 ALA A C     1 
ATOM   219  O O     . ALA A 1 28  ? 6.296   -5.454  5.998   1.00 17.83 ? 371 ALA A O     1 
ATOM   220  C CB    . ALA A 1 28  ? 3.552   -6.828  4.687   1.00 17.80 ? 371 ALA A CB    1 
ATOM   221  N N     . LYS A 1 29  ? 4.590   -5.765  7.466   1.00 17.23 ? 372 LYS A N     1 
ATOM   222  C CA    . LYS A 1 29  ? 5.054   -4.707  8.383   1.00 18.04 ? 372 LYS A CA    1 
ATOM   223  C C     . LYS A 1 29  ? 6.392   -5.047  9.039   1.00 18.99 ? 372 LYS A C     1 
ATOM   224  O O     . LYS A 1 29  ? 7.250   -4.163  9.227   1.00 19.21 ? 372 LYS A O     1 
ATOM   225  C CB    . LYS A 1 29  ? 4.021   -4.433  9.460   1.00 17.60 ? 372 LYS A CB    1 
ATOM   226  C CG    . LYS A 1 29  ? 2.916   -3.534  8.947   1.00 18.08 ? 372 LYS A CG    1 
ATOM   227  C CD    . LYS A 1 29  ? 1.825   -3.374  9.964   1.00 17.70 ? 372 LYS A CD    1 
ATOM   228  C CE    . LYS A 1 29  ? 0.937   -2.200  9.646   1.00 18.70 ? 372 LYS A CE    1 
ATOM   229  N NZ    . LYS A 1 29  ? -0.057  -2.007  10.751  1.00 18.18 ? 372 LYS A NZ    1 
ATOM   230  N N     . ALA A 1 30  ? 6.554   -6.317  9.385   1.00 20.74 ? 373 ALA A N     1 
ATOM   231  C CA    . ALA A 1 30  ? 7.746   -6.788  10.085  1.00 23.24 ? 373 ALA A CA    1 
ATOM   232  C C     . ALA A 1 30  ? 8.977   -6.902  9.176   1.00 23.05 ? 373 ALA A C     1 
ATOM   233  O O     . ALA A 1 30  ? 10.083  -6.610  9.619   1.00 25.17 ? 373 ALA A O     1 
ATOM   234  C CB    . ALA A 1 30  ? 7.461   -8.117  10.781  1.00 22.15 ? 373 ALA A CB    1 
ATOM   235  N N     . LYS A 1 31  ? 8.780   -7.295  7.912   1.00 21.43 ? 374 LYS A N     1 
ATOM   236  C CA    . LYS A 1 31  ? 9.882   -7.641  6.997   1.00 22.52 ? 374 LYS A CA    1 
ATOM   237  C C     . LYS A 1 31  ? 10.068  -6.683  5.805   1.00 20.74 ? 374 LYS A C     1 
ATOM   238  O O     . LYS A 1 31  ? 11.119  -6.696  5.164   1.00 21.81 ? 374 LYS A O     1 
ATOM   239  C CB    . LYS A 1 31  ? 9.690   -9.078  6.482   1.00 23.30 ? 374 LYS A CB    1 
ATOM   240  C CG    . LYS A 1 31  ? 9.698   -10.112 7.592   1.00 26.29 ? 374 LYS A CG    1 
ATOM   241  N N     . GLY A 1 32  ? 9.053   -5.871  5.501   1.00 21.15 ? 375 GLY A N     1 
ATOM   242  C CA    . GLY A 1 32  ? 9.161   -4.866  4.451   1.00 20.37 ? 375 GLY A CA    1 
ATOM   243  C C     . GLY A 1 32  ? 9.127   -5.446  3.048   1.00 19.09 ? 375 GLY A C     1 
ATOM   244  O O     . GLY A 1 32  ? 9.860   -5.004  2.165   1.00 16.85 ? 375 GLY A O     1 
ATOM   245  N N     . VAL A 1 33  ? 8.230   -6.400  2.847   1.00 17.00 ? 376 VAL A N     1 
ATOM   246  C CA    . VAL A 1 33  ? 7.969   -7.019  1.549   1.00 16.71 ? 376 VAL A CA    1 
ATOM   247  C C     . VAL A 1 33  ? 6.448   -7.143  1.340   1.00 16.11 ? 376 VAL A C     1 
ATOM   248  O O     . VAL A 1 33  ? 5.683   -7.159  2.309   1.00 17.32 ? 376 VAL A O     1 
ATOM   249  C CB    . VAL A 1 33  ? 8.591   -8.413  1.449   1.00 16.03 ? 376 VAL A CB    1 
ATOM   250  C CG1   . VAL A 1 33  ? 10.095  -8.314  1.591   1.00 17.03 ? 376 VAL A CG1   1 
ATOM   251  C CG2   . VAL A 1 33  ? 8.016   -9.343  2.501   1.00 16.23 ? 376 VAL A CG2   1 
ATOM   252  N N     . TRP A 1 34  ? 6.021   -7.183  0.089   1.00 15.55 ? 377 TRP A N     1 
ATOM   253  C CA    . TRP A 1 34  ? 4.636   -7.510  -0.243  1.00 15.65 ? 377 TRP A CA    1 
ATOM   254  C C     . TRP A 1 34  ? 4.593   -8.316  -1.531  1.00 17.52 ? 377 TRP A C     1 
ATOM   255  O O     . TRP A 1 34  ? 5.482   -8.184  -2.402  1.00 15.56 ? 377 TRP A O     1 
ATOM   256  C CB    . TRP A 1 34  ? 3.791   -6.258  -0.406  1.00 15.36 ? 377 TRP A CB    1 
ATOM   257  C CG    . TRP A 1 34  ? 2.333   -6.554  -0.575  1.00 14.74 ? 377 TRP A CG    1 
ATOM   258  C CD1   . TRP A 1 34  ? 1.534   -6.266  -1.677  1.00 14.83 ? 377 TRP A CD1   1 
ATOM   259  C CD2   . TRP A 1 34  ? 1.480   -7.185  0.378   1.00 14.05 ? 377 TRP A CD2   1 
ATOM   260  N NE1   . TRP A 1 34  ? 0.240   -6.710  -1.454  1.00 13.92 ? 377 TRP A NE1   1 
ATOM   261  C CE2   . TRP A 1 34  ? 0.180   -7.254  -0.191  1.00 13.97 ? 377 TRP A CE2   1 
ATOM   262  C CE3   . TRP A 1 34  ? 1.685   -7.721  1.661   1.00 13.31 ? 377 TRP A CE3   1 
ATOM   263  C CZ2   . TRP A 1 34  ? -0.883  -7.833  0.491   1.00 13.13 ? 377 TRP A CZ2   1 
ATOM   264  C CZ3   . TRP A 1 34  ? 0.652   -8.267  2.316   1.00 12.10 ? 377 TRP A CZ3   1 
ATOM   265  C CH2   . TRP A 1 34  ? -0.636  -8.333  1.733   1.00 11.81 ? 377 TRP A CH2   1 
ATOM   266  N N     . SER A 1 35  ? 3.584   -9.184  -1.644  1.00 18.39 ? 378 SER A N     1 
ATOM   267  C CA    . SER A 1 35  ? 3.270   -9.827  -2.910  1.00 18.75 ? 378 SER A CA    1 
ATOM   268  C C     . SER A 1 35  ? 1.802   -9.596  -3.242  1.00 17.42 ? 378 SER A C     1 
ATOM   269  O O     . SER A 1 35  ? 0.958   -9.588  -2.350  1.00 18.60 ? 378 SER A O     1 
ATOM   270  C CB    . SER A 1 35  ? 3.576   -11.310 -2.850  1.00 18.80 ? 378 SER A CB    1 
ATOM   271  O OG    . SER A 1 35  ? 4.962   -11.538 -2.624  1.00 17.23 ? 378 SER A OG    1 
ATOM   272  N N     . THR A 1 36  ? 1.510   -9.342  -4.516  1.00 17.84 ? 379 THR A N     1 
ATOM   273  C CA    . THR A 1 36  ? 0.110   -9.254  -4.981  1.00 16.83 ? 379 THR A CA    1 
ATOM   274  C C     . THR A 1 36  ? -0.125  -10.246 -6.116  1.00 16.98 ? 379 THR A C     1 
ATOM   275  O O     . THR A 1 36  ? 0.794   -10.942 -6.542  1.00 15.09 ? 379 THR A O     1 
ATOM   276  C CB    . THR A 1 36  ? -0.293  -7.822  -5.406  1.00 16.28 ? 379 THR A CB    1 
ATOM   277  O OG1   . THR A 1 36  ? -1.723  -7.771  -5.587  1.00 15.54 ? 379 THR A OG1   1 
ATOM   278  C CG2   . THR A 1 36  ? 0.448   -7.358  -6.726  1.00 16.21 ? 379 THR A CG2   1 
ATOM   279  N N     . LEU A 1 37  ? -1.373  -10.334 -6.589  1.00 17.40 ? 380 LEU A N     1 
ATOM   280  C CA    . LEU A 1 37  ? -1.700  -11.245 -7.692  1.00 17.91 ? 380 LEU A CA    1 
ATOM   281  C C     . LEU A 1 37  ? -1.163  -10.666 -9.015  1.00 16.57 ? 380 LEU A C     1 
ATOM   282  O O     . LEU A 1 37  ? -0.836  -9.471  -9.081  1.00 13.96 ? 380 LEU A O     1 
ATOM   283  C CB    . LEU A 1 37  ? -3.198  -11.513 -7.723  1.00 18.00 ? 380 LEU A CB    1 
ATOM   284  C CG    . LEU A 1 37  ? -3.633  -12.223 -6.425  1.00 19.95 ? 380 LEU A CG    1 
ATOM   285  C CD1   . LEU A 1 37  ? -5.099  -12.002 -6.118  1.00 21.31 ? 380 LEU A CD1   1 
ATOM   286  C CD2   . LEU A 1 37  ? -3.293  -13.708 -6.504  1.00 22.96 ? 380 LEU A CD2   1 
ATOM   287  N N     . PRO A 1 38  ? -1.015  -11.523 -10.053 1.00 18.45 ? 381 PRO A N     1 
ATOM   288  C CA    . PRO A 1 38  ? -0.302  -11.111 -11.287 1.00 18.87 ? 381 PRO A CA    1 
ATOM   289  C C     . PRO A 1 38  ? -0.787  -9.860  -11.988 1.00 17.86 ? 381 PRO A C     1 
ATOM   290  O O     . PRO A 1 38  ? 0.026   -9.034  -12.409 1.00 18.60 ? 381 PRO A O     1 
ATOM   291  C CB    . PRO A 1 38  ? -0.447  -12.337 -12.184 1.00 18.85 ? 381 PRO A CB    1 
ATOM   292  C CG    . PRO A 1 38  ? -0.449  -13.469 -11.229 1.00 19.44 ? 381 PRO A CG    1 
ATOM   293  C CD    . PRO A 1 38  ? -1.281  -12.974 -10.064 1.00 19.27 ? 381 PRO A CD    1 
ATOM   294  N N     . VAL A 1 39  ? -2.091  -9.691  -12.116 1.00 16.41 ? 382 VAL A N     1 
ATOM   295  C CA    . VAL A 1 39  ? -2.609  -8.494  -12.752 1.00 16.48 ? 382 VAL A CA    1 
ATOM   296  C C     . VAL A 1 39  ? -2.123  -7.190  -12.074 1.00 16.01 ? 382 VAL A C     1 
ATOM   297  O O     . VAL A 1 39  ? -1.626  -6.297  -12.737 1.00 15.10 ? 382 VAL A O     1 
ATOM   298  C CB    . VAL A 1 39  ? -4.138  -8.519  -12.824 1.00 15.46 ? 382 VAL A CB    1 
ATOM   299  C CG1   . VAL A 1 39  ? -4.667  -7.153  -13.247 1.00 17.24 ? 382 VAL A CG1   1 
ATOM   300  C CG2   . VAL A 1 39  ? -4.600  -9.596  -13.765 1.00 17.14 ? 382 VAL A CG2   1 
ATOM   301  N N     . ASN A 1 40  ? -2.276  -7.091  -10.747 1.00 15.19 ? 383 ASN A N     1 
ATOM   302  C CA    . ASN A 1 40  ? -1.794  -5.923  -9.999  1.00 16.94 ? 383 ASN A CA    1 
ATOM   303  C C     . ASN A 1 40  ? -0.289  -5.814  -9.972  1.00 15.99 ? 383 ASN A C     1 
ATOM   304  O O     . ASN A 1 40  ? 0.274   -4.692  -9.863  1.00 15.74 ? 383 ASN A O     1 
ATOM   305  C CB    . ASN A 1 40  ? -2.298  -5.985  -8.549  1.00 16.23 ? 383 ASN A CB    1 
ATOM   306  C CG    . ASN A 1 40  ? -3.810  -5.913  -8.456  1.00 19.22 ? 383 ASN A CG    1 
ATOM   307  O OD1   . ASN A 1 40  ? -4.499  -5.542  -9.408  1.00 21.73 ? 383 ASN A OD1   1 
ATOM   308  N ND2   . ASN A 1 40  ? -4.332  -6.245  -7.292  1.00 21.28 ? 383 ASN A ND2   1 
ATOM   309  N N     . GLU A 1 41  ? 0.373   -6.966  -9.995  1.00 16.92 ? 384 GLU A N     1 
ATOM   310  C CA    . GLU A 1 41  ? 1.837   -6.989  -9.956  1.00 18.20 ? 384 GLU A CA    1 
ATOM   311  C C     . GLU A 1 41  ? 2.354   -6.250  -11.179 1.00 17.77 ? 384 GLU A C     1 
ATOM   312  O O     . GLU A 1 41  ? 3.270   -5.415  -11.071 1.00 17.39 ? 384 GLU A O     1 
ATOM   313  C CB    . GLU A 1 41  ? 2.363   -8.409  -9.944  1.00 19.00 ? 384 GLU A CB    1 
ATOM   314  C CG    . GLU A 1 41  ? 3.878   -8.513  -9.863  1.00 20.73 ? 384 GLU A CG    1 
ATOM   315  C CD    . GLU A 1 41  ? 4.364   -9.939  -10.073 1.00 23.60 ? 384 GLU A CD    1 
ATOM   316  O OE1   . GLU A 1 41  ? 3.537   -10.827 -10.366 1.00 23.06 ? 384 GLU A OE1   1 
ATOM   317  O OE2   . GLU A 1 41  ? 5.587   -10.182 -9.964  1.00 27.38 ? 384 GLU A OE2   1 
ATOM   318  N N     . LYS A 1 42  ? 1.722   -6.503  -12.336 1.00 18.74 ? 385 LYS A N     1 
ATOM   319  C CA    . LYS A 1 42  ? 2.085   -5.834  -13.588 1.00 19.92 ? 385 LYS A CA    1 
ATOM   320  C C     . LYS A 1 42  ? 1.811   -4.340  -13.483 1.00 18.23 ? 385 LYS A C     1 
ATOM   321  O O     . LYS A 1 42  ? 2.651   -3.516  -13.859 1.00 20.66 ? 385 LYS A O     1 
ATOM   322  C CB    . LYS A 1 42  ? 1.317   -6.453  -14.778 1.00 23.96 ? 385 LYS A CB    1 
ATOM   323  C CG    . LYS A 1 42  ? 1.539   -5.798  -16.142 1.00 27.95 ? 385 LYS A CG    1 
ATOM   324  C CD    . LYS A 1 42  ? 3.012   -5.762  -16.530 1.00 30.98 ? 385 LYS A CD    1 
ATOM   325  C CE    . LYS A 1 42  ? 3.225   -5.471  -18.016 1.00 33.12 ? 385 LYS A CE    1 
ATOM   326  N NZ    . LYS A 1 42  ? 4.681   -5.312  -18.325 1.00 33.35 ? 385 LYS A NZ    1 
ATOM   327  N N     . LYS A 1 43  ? 0.636   -3.984  -12.964 1.00 17.53 ? 386 LYS A N     1 
ATOM   328  C CA    . LYS A 1 43  ? 0.266   -2.568  -12.816 1.00 18.43 ? 386 LYS A CA    1 
ATOM   329  C C     . LYS A 1 43  ? 1.239   -1.841  -11.886 1.00 17.33 ? 386 LYS A C     1 
ATOM   330  O O     . LYS A 1 43  ? 1.637   -0.711  -12.152 1.00 17.53 ? 386 LYS A O     1 
ATOM   331  C CB    . LYS A 1 43  ? -1.168  -2.418  -12.293 1.00 19.65 ? 386 LYS A CB    1 
ATOM   332  C CG    . LYS A 1 43  ? -2.229  -2.916  -13.269 1.00 21.00 ? 386 LYS A CG    1 
ATOM   333  N N     . LEU A 1 44  ? 1.625   -2.488  -10.801 1.00 17.20 ? 387 LEU A N     1 
ATOM   334  C CA    . LEU A 1 44  ? 2.566   -1.866  -9.859  1.00 18.36 ? 387 LEU A CA    1 
ATOM   335  C C     . LEU A 1 44  ? 3.981   -1.669  -10.443 1.00 19.45 ? 387 LEU A C     1 
ATOM   336  O O     . LEU A 1 44  ? 4.580   -0.603  -10.276 1.00 18.48 ? 387 LEU A O     1 
ATOM   337  C CB    . LEU A 1 44  ? 2.626   -2.650  -8.539  1.00 18.29 ? 387 LEU A CB    1 
ATOM   338  C CG    . LEU A 1 44  ? 1.419   -2.557  -7.591  1.00 16.28 ? 387 LEU A CG    1 
ATOM   339  C CD1   . LEU A 1 44  ? 1.672   -3.417  -6.355  1.00 16.15 ? 387 LEU A CD1   1 
ATOM   340  C CD2   . LEU A 1 44  ? 1.104   -1.117  -7.198  1.00 18.40 ? 387 LEU A CD2   1 
ATOM   341  N N     . ASN A 1 45  ? 4.514   -2.679  -11.113 1.00 20.14 ? 388 ASN A N     1 
ATOM   342  C CA    . ASN A 1 45  ? 5.828   -2.522  -11.806 1.00 19.96 ? 388 ASN A CA    1 
ATOM   343  C C     . ASN A 1 45  ? 5.841   -1.351  -12.780 1.00 19.81 ? 388 ASN A C     1 
ATOM   344  O O     . ASN A 1 45  ? 6.742   -0.495  -12.754 1.00 19.81 ? 388 ASN A O     1 
ATOM   345  C CB    . ASN A 1 45  ? 6.206   -3.844  -12.473 1.00 20.49 ? 388 ASN A CB    1 
ATOM   346  C CG    . ASN A 1 45  ? 6.680   -4.864  -11.475 1.00 19.89 ? 388 ASN A CG    1 
ATOM   347  O OD1   . ASN A 1 45  ? 7.326   -4.499  -10.500 1.00 21.59 ? 388 ASN A OD1   1 
ATOM   348  N ND2   . ASN A 1 45  ? 6.362   -6.135  -11.691 1.00 21.99 ? 388 ASN A ND2   1 
ATOM   349  N N     . LEU A 1 46  ? 4.784   -1.242  -13.585 1.00 21.56 ? 389 LEU A N     1 
ATOM   350  C CA    . LEU A 1 46  ? 4.656   -0.150  -14.508 1.00 20.66 ? 389 LEU A CA    1 
ATOM   351  C C     . LEU A 1 46  ? 4.628   1.188   -13.800 1.00 19.42 ? 389 LEU A C     1 
ATOM   352  O O     . LEU A 1 46  ? 5.262   2.136   -14.245 1.00 16.48 ? 389 LEU A O     1 
ATOM   353  C CB    . LEU A 1 46  ? 3.386   -0.297  -15.358 1.00 21.66 ? 389 LEU A CB    1 
ATOM   354  C CG    . LEU A 1 46  ? 3.438   -1.365  -16.440 1.00 23.41 ? 389 LEU A CG    1 
ATOM   355  C CD1   . LEU A 1 46  ? 2.035   -1.601  -16.985 1.00 25.47 ? 389 LEU A CD1   1 
ATOM   356  C CD2   . LEU A 1 46  ? 4.358   -0.939  -17.564 1.00 22.49 ? 389 LEU A CD2   1 
ATOM   357  N N     . ALA A 1 47  ? 3.876   1.258   -12.703 1.00 19.48 ? 390 ALA A N     1 
ATOM   358  C CA    . ALA A 1 47  ? 3.698   2.505   -11.953 1.00 19.24 ? 390 ALA A CA    1 
ATOM   359  C C     . ALA A 1 47  ? 4.991   2.960   -11.314 1.00 18.62 ? 390 ALA A C     1 
ATOM   360  O O     . ALA A 1 47  ? 5.282   4.160   -11.234 1.00 18.27 ? 390 ALA A O     1 
ATOM   361  C CB    . ALA A 1 47  ? 2.628   2.336   -10.889 1.00 20.27 ? 390 ALA A CB    1 
ATOM   362  N N     . PHE A 1 48  ? 5.771   2.000   -10.870 1.00 18.64 ? 391 PHE A N     1 
ATOM   363  C CA    . PHE A 1 48  ? 7.054   2.270   -10.216 1.00 20.56 ? 391 PHE A CA    1 
ATOM   364  C C     . PHE A 1 48  ? 7.961   3.140   -11.062 1.00 24.43 ? 391 PHE A C     1 
ATOM   365  O O     . PHE A 1 48  ? 8.662   4.001   -10.532 1.00 25.83 ? 391 PHE A O     1 
ATOM   366  C CB    . PHE A 1 48  ? 7.743   0.959   -9.931  1.00 20.21 ? 391 PHE A CB    1 
ATOM   367  C CG    . PHE A 1 48  ? 9.015   1.084   -9.138  1.00 20.23 ? 391 PHE A CG    1 
ATOM   368  C CD1   . PHE A 1 48  ? 8.987   1.452   -7.787  1.00 18.73 ? 391 PHE A CD1   1 
ATOM   369  C CD2   . PHE A 1 48  ? 10.246  0.772   -9.715  1.00 20.66 ? 391 PHE A CD2   1 
ATOM   370  C CE1   . PHE A 1 48  ? 10.164  1.537   -7.043  1.00 19.77 ? 391 PHE A CE1   1 
ATOM   371  C CE2   . PHE A 1 48  ? 11.426  0.864   -8.964  1.00 20.14 ? 391 PHE A CE2   1 
ATOM   372  C CZ    . PHE A 1 48  ? 11.379  1.247   -7.633  1.00 19.67 ? 391 PHE A CZ    1 
ATOM   373  N N     . ARG A 1 49  ? 7.925   2.899   -12.377 1.00 29.23 ? 392 ARG A N     1 
ATOM   374  C CA    . ARG A 1 49  ? 8.797   3.542   -13.355 1.00 28.66 ? 392 ARG A CA    1 
ATOM   375  C C     . ARG A 1 49  ? 8.218   4.842   -13.883 1.00 31.71 ? 392 ARG A C     1 
ATOM   376  O O     . ARG A 1 49  ? 8.859   5.486   -14.696 1.00 32.24 ? 392 ARG A O     1 
ATOM   377  C CB    . ARG A 1 49  ? 9.017   2.605   -14.545 1.00 28.65 ? 392 ARG A CB    1 
ATOM   378  C CG    . ARG A 1 49  ? 9.331   1.162   -14.155 1.00 29.26 ? 392 ARG A CG    1 
ATOM   379  C CD    . ARG A 1 49  ? 9.785   0.326   -15.345 1.00 33.20 ? 392 ARG A CD    1 
ATOM   380  N N     . SER A 1 50  ? 7.014   5.222   -13.448 1.00 30.16 ? 393 SER A N     1 
ATOM   381  C CA    . SER A 1 50  ? 6.354   6.407   -13.975 1.00 32.20 ? 393 SER A CA    1 
ATOM   382  C C     . SER A 1 50  ? 6.204   7.533   -12.963 1.00 29.95 ? 393 SER A C     1 
ATOM   383  O O     . SER A 1 50  ? 5.753   8.623   -13.329 1.00 30.62 ? 393 SER A O     1 
ATOM   384  C CB    . SER A 1 50  ? 4.950   6.037   -14.494 1.00 32.37 ? 393 SER A CB    1 
ATOM   385  O OG    . SER A 1 50  ? 4.013   5.939   -13.423 1.00 30.86 ? 393 SER A OG    1 
ATOM   386  N N     . ALA A 1 51  ? 6.533   7.262   -11.702 1.00 26.90 ? 394 ALA A N     1 
ATOM   387  C CA    . ALA A 1 51  ? 6.319   8.212   -10.618 1.00 25.22 ? 394 ALA A CA    1 
ATOM   388  C C     . ALA A 1 51  ? 7.471   8.188   -9.664  1.00 23.81 ? 394 ALA A C     1 
ATOM   389  O O     . ALA A 1 51  ? 8.132   7.160   -9.538  1.00 22.01 ? 394 ALA A O     1 
ATOM   390  C CB    . ALA A 1 51  ? 5.059   7.837   -9.872  1.00 27.09 ? 394 ALA A CB    1 
ATOM   391  N N     . ARG A 1 52  ? 7.708   9.310   -8.975  1.00 24.66 ? 395 ARG A N     1 
ATOM   392  C CA    . ARG A 1 52  ? 8.774   9.385   -7.978  1.00 26.20 ? 395 ARG A CA    1 
ATOM   393  C C     . ARG A 1 52  ? 8.509   8.302   -6.923  1.00 24.70 ? 395 ARG A C     1 
ATOM   394  O O     . ARG A 1 52  ? 9.445   7.671   -6.417  1.00 23.52 ? 395 ARG A O     1 
ATOM   395  C CB    . ARG A 1 52  ? 8.884   10.812  -7.326  1.00 28.50 ? 395 ARG A CB    1 
ATOM   396  C CG    . ARG A 1 52  ? 9.939   10.899  -6.216  1.00 31.02 ? 395 ARG A CG    1 
ATOM   397  C CD    . ARG A 1 52  ? 10.327  12.321  -5.794  1.00 35.56 ? 395 ARG A CD    1 
ATOM   398  N NE    . ARG A 1 52  ? 9.376   12.971  -4.864  1.00 36.15 ? 395 ARG A NE    1 
ATOM   399  C CZ    . ARG A 1 52  ? 9.156   14.294  -4.789  1.00 43.38 ? 395 ARG A CZ    1 
ATOM   400  N NH1   . ARG A 1 52  ? 8.262   14.773  -3.925  1.00 44.73 ? 395 ARG A NH1   1 
ATOM   401  N NH2   . ARG A 1 52  ? 9.800   15.152  -5.591  1.00 38.68 ? 395 ARG A NH2   1 
ATOM   402  N N     . SER A 1 53  ? 7.226   8.076   -6.626  1.00 21.75 ? 396 SER A N     1 
ATOM   403  C CA    . SER A 1 53  ? 6.803   7.122   -5.578  1.00 20.16 ? 396 SER A CA    1 
ATOM   404  C C     . SER A 1 53  ? 5.477   6.434   -5.912  1.00 17.95 ? 396 SER A C     1 
ATOM   405  O O     . SER A 1 53  ? 4.528   7.054   -6.404  1.00 13.99 ? 396 SER A O     1 
ATOM   406  C CB    . SER A 1 53  ? 6.615   7.857   -4.246  1.00 22.45 ? 396 SER A CB    1 
ATOM   407  O OG    . SER A 1 53  ? 7.757   8.587   -3.832  1.00 21.95 ? 396 SER A OG    1 
ATOM   408  N N     . VAL A 1 54  ? 5.395   5.149   -5.588  1.00 18.03 ? 397 VAL A N     1 
ATOM   409  C CA    . VAL A 1 54  ? 4.139   4.454   -5.597  1.00 17.51 ? 397 VAL A CA    1 
ATOM   410  C C     . VAL A 1 54  ? 3.844   4.109   -4.146  1.00 16.05 ? 397 VAL A C     1 
ATOM   411  O O     . VAL A 1 54  ? 4.670   3.456   -3.483  1.00 15.24 ? 397 VAL A O     1 
ATOM   412  C CB    . VAL A 1 54  ? 4.244   3.158   -6.414  1.00 17.90 ? 397 VAL A CB    1 
ATOM   413  C CG1   . VAL A 1 54  ? 2.992   2.307   -6.243  1.00 17.87 ? 397 VAL A CG1   1 
ATOM   414  C CG2   . VAL A 1 54  ? 4.549   3.487   -7.884  1.00 16.59 ? 397 VAL A CG2   1 
ATOM   415  N N     . ILE A 1 55  ? 2.695   4.562   -3.678  1.00 14.92 ? 398 ILE A N     1 
ATOM   416  C CA    . ILE A 1 55  ? 2.245   4.356   -2.309  1.00 15.53 ? 398 ILE A CA    1 
ATOM   417  C C     . ILE A 1 55  ? 1.176   3.263   -2.281  1.00 13.53 ? 398 ILE A C     1 
ATOM   418  O O     . ILE A 1 55  ? 0.145   3.338   -2.981  1.00 13.31 ? 398 ILE A O     1 
ATOM   419  C CB    . ILE A 1 55  ? 1.711   5.665   -1.705  1.00 15.50 ? 398 ILE A CB    1 
ATOM   420  C CG1   . ILE A 1 55  ? 2.779   6.750   -1.765  1.00 16.73 ? 398 ILE A CG1   1 
ATOM   421  C CG2   . ILE A 1 55  ? 1.196   5.440   -0.281  1.00 15.97 ? 398 ILE A CG2   1 
ATOM   422  C CD1   . ILE A 1 55  ? 3.895   6.602   -0.768  1.00 16.13 ? 398 ILE A CD1   1 
ATOM   423  N N     . LEU A 1 56  ? 1.421   2.257   -1.465  1.00 13.49 ? 399 LEU A N     1 
ATOM   424  C CA    . LEU A 1 56  ? 0.473   1.155   -1.229  1.00 13.13 ? 399 LEU A CA    1 
ATOM   425  C C     . LEU A 1 56  ? -0.282  1.424   0.086   1.00 12.53 ? 399 LEU A C     1 
ATOM   426  O O     . LEU A 1 56  ? 0.353   1.623   1.141   1.00 15.00 ? 399 LEU A O     1 
ATOM   427  C CB    . LEU A 1 56  ? 1.228   -0.133  -1.108  1.00 12.89 ? 399 LEU A CB    1 
ATOM   428  C CG    . LEU A 1 56  ? 2.074   -0.629  -2.264  1.00 14.01 ? 399 LEU A CG    1 
ATOM   429  C CD1   . LEU A 1 56  ? 2.473   -2.050  -1.954  1.00 13.31 ? 399 LEU A CD1   1 
ATOM   430  C CD2   . LEU A 1 56  ? 1.288   -0.520  -3.548  1.00 15.16 ? 399 LEU A CD2   1 
ATOM   431  N N     . ILE A 1 57  ? -1.594  1.499   0.023   1.00 12.04 ? 400 ILE A N     1 
ATOM   432  C CA    . ILE A 1 57  ? -2.391  1.792   1.213   1.00 12.40 ? 400 ILE A CA    1 
ATOM   433  C C     . ILE A 1 57  ? -3.111  0.479   1.555   1.00 12.43 ? 400 ILE A C     1 
ATOM   434  O O     . ILE A 1 57  ? -3.938  -0.006  0.753   1.00 11.02 ? 400 ILE A O     1 
ATOM   435  C CB    . ILE A 1 57  ? -3.413  2.928   0.986   1.00 13.08 ? 400 ILE A CB    1 
ATOM   436  C CG1   . ILE A 1 57  ? -2.727  4.198   0.474   1.00 13.42 ? 400 ILE A CG1   1 
ATOM   437  C CG2   . ILE A 1 57  ? -4.135  3.212   2.287   1.00 12.77 ? 400 ILE A CG2   1 
ATOM   438  C CD1   . ILE A 1 57  ? -3.675  5.351   0.157   1.00 13.77 ? 400 ILE A CD1   1 
ATOM   439  N N     . PHE A 1 58  ? -2.810  -0.088  2.730   1.00 11.95 ? 401 PHE A N     1 
ATOM   440  C CA    . PHE A 1 58  ? -3.221  -1.466  3.064   1.00 12.45 ? 401 PHE A CA    1 
ATOM   441  C C     . PHE A 1 58  ? -4.568  -1.494  3.774   1.00 11.28 ? 401 PHE A C     1 
ATOM   442  O O     . PHE A 1 58  ? -4.832  -0.696  4.653   1.00 11.70 ? 401 PHE A O     1 
ATOM   443  C CB    . PHE A 1 58  ? -2.147  -2.169  3.947   1.00 13.06 ? 401 PHE A CB    1 
ATOM   444  C CG    . PHE A 1 58  ? -0.881  -2.545  3.207   1.00 13.38 ? 401 PHE A CG    1 
ATOM   445  C CD1   . PHE A 1 58  ? 0.072   -1.568  2.852   1.00 14.33 ? 401 PHE A CD1   1 
ATOM   446  C CD2   . PHE A 1 58  ? -0.649  -3.869  2.832   1.00 14.63 ? 401 PHE A CD2   1 
ATOM   447  C CE1   . PHE A 1 58  ? 1.229   -1.919  2.164   1.00 14.34 ? 401 PHE A CE1   1 
ATOM   448  C CE2   . PHE A 1 58  ? 0.516   -4.215  2.146   1.00 15.13 ? 401 PHE A CE2   1 
ATOM   449  C CZ    . PHE A 1 58  ? 1.448   -3.234  1.812   1.00 14.06 ? 401 PHE A CZ    1 
ATOM   450  N N     . SER A 1 59  ? -5.415  -2.428  3.393   1.00 11.00 ? 402 SER A N     1 
ATOM   451  C CA    . SER A 1 59  ? -6.678  -2.700  4.115   1.00 10.47 ? 402 SER A CA    1 
ATOM   452  C C     . SER A 1 59  ? -6.989  -4.190  4.117   1.00 11.03 ? 402 SER A C     1 
ATOM   453  O O     . SER A 1 59  ? -7.242  -4.819  3.041   1.00 11.91 ? 402 SER A O     1 
ATOM   454  C CB    . SER A 1 59  ? -7.801  -1.958  3.441   1.00 11.08 ? 402 SER A CB    1 
ATOM   455  O OG    . SER A 1 59  ? -9.013  -2.267  4.061   1.00 10.94 ? 402 SER A OG    1 
ATOM   456  N N     . VAL A 1 60  ? -7.051  -4.766  5.323   1.00 11.77 ? 403 VAL A N     1 
ATOM   457  C CA    . VAL A 1 60  ? -7.450  -6.167  5.451   1.00 11.31 ? 403 VAL A CA    1 
ATOM   458  C C     . VAL A 1 60  ? -8.944  -6.282  5.114   1.00 12.41 ? 403 VAL A C     1 
ATOM   459  O O     . VAL A 1 60  ? -9.747  -5.520  5.621   1.00 12.59 ? 403 VAL A O     1 
ATOM   460  C CB    . VAL A 1 60  ? -7.144  -6.717  6.831   1.00 11.26 ? 403 VAL A CB    1 
ATOM   461  C CG1   . VAL A 1 60  ? -7.653  -8.181  6.950   1.00 10.55 ? 403 VAL A CG1   1 
ATOM   462  C CG2   . VAL A 1 60  ? -5.631  -6.586  7.122   1.00 10.91 ? 403 VAL A CG2   1 
ATOM   463  N N     . ARG A 1 61  ? -9.305  -7.240  4.265   1.00 13.66 ? 404 ARG A N     1 
ATOM   464  C CA    . ARG A 1 61  ? -10.716 -7.381  3.868   1.00 15.17 ? 404 ARG A CA    1 
ATOM   465  C C     . ARG A 1 61  ? -11.630 -7.657  5.107   1.00 15.30 ? 404 ARG A C     1 
ATOM   466  O O     . ARG A 1 61  ? -11.265 -8.331  6.061   1.00 17.43 ? 404 ARG A O     1 
ATOM   467  C CB    . ARG A 1 61  ? -10.871 -8.432  2.763   1.00 16.74 ? 404 ARG A CB    1 
ATOM   468  C CG    . ARG A 1 61  ? -12.255 -8.490  2.136   1.00 19.30 ? 404 ARG A CG    1 
ATOM   469  C CD    . ARG A 1 61  ? -12.317 -9.489  0.993   1.00 22.94 ? 404 ARG A CD    1 
ATOM   470  N NE    . ARG A 1 61  ? -12.120 -10.870 1.434   1.00 25.67 ? 404 ARG A NE    1 
ATOM   471  C CZ    . ARG A 1 61  ? -13.020 -11.637 2.052   1.00 27.89 ? 404 ARG A CZ    1 
ATOM   472  N NH1   . ARG A 1 61  ? -12.676 -12.876 2.362   1.00 28.27 ? 404 ARG A NH1   1 
ATOM   473  N NH2   . ARG A 1 61  ? -14.268 -11.204 2.333   1.00 29.58 ? 404 ARG A NH2   1 
ATOM   474  N N     . GLU A 1 62  ? -12.809 -7.066  5.065   1.00 15.26 ? 405 GLU A N     1 
ATOM   475  C CA    . GLU A 1 62  ? -13.752 -7.019  6.180   1.00 16.79 ? 405 GLU A CA    1 
ATOM   476  C C     . GLU A 1 62  ? -13.252 -6.484  7.527   1.00 16.60 ? 405 GLU A C     1 
ATOM   477  O O     . GLU A 1 62  ? -13.926 -6.652  8.547   1.00 17.24 ? 405 GLU A O     1 
ATOM   478  C CB    . GLU A 1 62  ? -14.425 -8.392  6.349   1.00 18.14 ? 405 GLU A CB    1 
ATOM   479  C CG    . GLU A 1 62  ? -15.266 -8.778  5.135   1.00 20.33 ? 405 GLU A CG    1 
ATOM   480  C CD    . GLU A 1 62  ? -16.140 -10.001 5.404   1.00 23.76 ? 405 GLU A CD    1 
ATOM   481  O OE1   . GLU A 1 62  ? -15.691 -10.900 6.138   1.00 28.74 ? 405 GLU A OE1   1 
ATOM   482  O OE2   . GLU A 1 62  ? -17.294 -10.032 4.919   1.00 30.57 ? 405 GLU A OE2   1 
ATOM   483  N N     . SER A 1 63  ? -12.124 -5.796  7.553   1.00 15.68 ? 406 SER A N     1 
ATOM   484  C CA    . SER A 1 63  ? -11.602 -5.248  8.809   1.00 14.83 ? 406 SER A CA    1 
ATOM   485  C C     . SER A 1 63  ? -12.194 -3.895  9.215   1.00 15.66 ? 406 SER A C     1 
ATOM   486  O O     . SER A 1 63  ? -12.029 -3.430  10.370  1.00 13.86 ? 406 SER A O     1 
ATOM   487  C CB    . SER A 1 63  ? -10.066 -5.119  8.753   1.00 12.69 ? 406 SER A CB    1 
ATOM   488  O OG    . SER A 1 63  ? -9.633  -4.053  7.900   1.00 11.86 ? 406 SER A OG    1 
ATOM   489  N N     . GLY A 1 64  ? -12.837 -3.213  8.279   1.00 16.28 ? 407 GLY A N     1 
ATOM   490  C CA    . GLY A 1 64  ? -13.375 -1.879  8.567   1.00 16.27 ? 407 GLY A CA    1 
ATOM   491  C C     . GLY A 1 64  ? -12.298 -0.795  8.754   1.00 16.34 ? 407 GLY A C     1 
ATOM   492  O O     . GLY A 1 64  ? -12.622 0.318   9.173   1.00 15.22 ? 407 GLY A O     1 
ATOM   493  N N     . LYS A 1 65  ? -11.032 -1.118  8.425   1.00 16.55 ? 408 LYS A N     1 
ATOM   494  C CA    . LYS A 1 65  ? -9.893  -0.209  8.600   1.00 18.69 ? 408 LYS A CA    1 
ATOM   495  C C     . LYS A 1 65  ? -8.855  -0.315  7.482   1.00 17.11 ? 408 LYS A C     1 
ATOM   496  O O     . LYS A 1 65  ? -8.737  -1.347  6.843   1.00 14.69 ? 408 LYS A O     1 
ATOM   497  C CB    . LYS A 1 65  ? -9.108  -0.576  9.868   1.00 19.78 ? 408 LYS A CB    1 
ATOM   498  C CG    . LYS A 1 65  ? -9.917  -0.715  11.131  1.00 21.89 ? 408 LYS A CG    1 
ATOM   499  C CD    . LYS A 1 65  ? -9.050  -1.357  12.191  1.00 21.24 ? 408 LYS A CD    1 
ATOM   500  C CE    . LYS A 1 65  ? -9.757  -1.449  13.534  1.00 26.07 ? 408 LYS A CE    1 
ATOM   501  N N     . PHE A 1 66  ? -8.044  0.743   7.345   1.00 14.95 ? 409 PHE A N     1 
ATOM   502  C CA    . PHE A 1 66  ? -6.727  0.645   6.747   1.00 13.66 ? 409 PHE A CA    1 
ATOM   503  C C     . PHE A 1 66  ? -5.699  0.401   7.860   1.00 13.67 ? 409 PHE A C     1 
ATOM   504  O O     . PHE A 1 66  ? -5.796  1.004   8.934   1.00 16.79 ? 409 PHE A O     1 
ATOM   505  C CB    . PHE A 1 66  ? -6.326  1.949   6.025   1.00 12.70 ? 409 PHE A CB    1 
ATOM   506  C CG    . PHE A 1 66  ? -7.355  2.480   5.081   1.00 12.63 ? 409 PHE A CG    1 
ATOM   507  C CD1   . PHE A 1 66  ? -8.339  3.364   5.514   1.00 12.50 ? 409 PHE A CD1   1 
ATOM   508  C CD2   . PHE A 1 66  ? -7.306  2.129   3.726   1.00 13.19 ? 409 PHE A CD2   1 
ATOM   509  C CE1   . PHE A 1 66  ? -9.279  3.860   4.613   1.00 13.15 ? 409 PHE A CE1   1 
ATOM   510  C CE2   . PHE A 1 66  ? -8.271  2.602   2.819   1.00 13.14 ? 409 PHE A CE2   1 
ATOM   511  C CZ    . PHE A 1 66  ? -9.224  3.471   3.248   1.00 13.15 ? 409 PHE A CZ    1 
ATOM   512  N N     . GLN A 1 67  ? -4.654  -0.371  7.547   1.00 14.11 ? 410 GLN A N     1 
ATOM   513  C CA    . GLN A 1 67  ? -3.615  -0.783  8.506   1.00 14.22 ? 410 GLN A CA    1 
ATOM   514  C C     . GLN A 1 67  ? -2.302  -0.070  8.355   1.00 14.42 ? 410 GLN A C     1 
ATOM   515  O O     . GLN A 1 67  ? -1.379  -0.299  9.150   1.00 14.61 ? 410 GLN A O     1 
ATOM   516  C CB    . GLN A 1 67  ? -3.359  -2.307  8.419   1.00 14.56 ? 410 GLN A CB    1 
ATOM   517  C CG    . GLN A 1 67  ? -4.406  -3.156  9.122   1.00 15.76 ? 410 GLN A CG    1 
ATOM   518  C CD    . GLN A 1 67  ? -5.702  -3.285  8.341   1.00 16.37 ? 410 GLN A CD    1 
ATOM   519  O OE1   . GLN A 1 67  ? -5.694  -3.245  7.120   1.00 15.26 ? 410 GLN A OE1   1 
ATOM   520  N NE2   . GLN A 1 67  ? -6.810  -3.486  9.042   1.00 15.54 ? 410 GLN A NE2   1 
ATOM   521  N N     . GLY A 1 68  ? -2.201  0.793   7.329   1.00 15.63 ? 411 GLY A N     1 
ATOM   522  C CA    . GLY A 1 68  ? -1.086  1.697   7.168   1.00 15.72 ? 411 GLY A CA    1 
ATOM   523  C C     . GLY A 1 68  ? -0.789  1.907   5.716   1.00 15.10 ? 411 GLY A C     1 
ATOM   524  O O     . GLY A 1 68  ? -1.551  1.452   4.863   1.00 14.05 ? 411 GLY A O     1 
ATOM   525  N N     . PHE A 1 69  ? 0.331   2.570   5.437   1.00 15.10 ? 412 PHE A N     1 
ATOM   526  C CA    . PHE A 1 69  ? 0.834   2.712   4.052   1.00 14.90 ? 412 PHE A CA    1 
ATOM   527  C C     . PHE A 1 69  ? 2.355   2.692   3.883   1.00 14.87 ? 412 PHE A C     1 
ATOM   528  O O     . PHE A 1 69  ? 3.117   3.084   4.781   1.00 13.36 ? 412 PHE A O     1 
ATOM   529  C CB    . PHE A 1 69  ? 0.236   3.924   3.336   1.00 16.15 ? 412 PHE A CB    1 
ATOM   530  C CG    . PHE A 1 69  ? 0.541   5.283   3.982   1.00 16.04 ? 412 PHE A CG    1 
ATOM   531  C CD1   . PHE A 1 69  ? -0.282  5.789   4.973   1.00 16.53 ? 412 PHE A CD1   1 
ATOM   532  C CD2   . PHE A 1 69  ? 1.571   6.098   3.490   1.00 15.59 ? 412 PHE A CD2   1 
ATOM   533  C CE1   . PHE A 1 69  ? -0.056  7.041   5.518   1.00 15.53 ? 412 PHE A CE1   1 
ATOM   534  C CE2   . PHE A 1 69  ? 1.810   7.343   4.034   1.00 15.18 ? 412 PHE A CE2   1 
ATOM   535  C CZ    . PHE A 1 69  ? 0.990   7.813   5.050   1.00 15.05 ? 412 PHE A CZ    1 
ATOM   536  N N     . ALA A 1 70  ? 2.775   2.291   2.687   1.00 14.25 ? 413 ALA A N     1 
ATOM   537  C CA    . ALA A 1 70  ? 4.178   2.087   2.379   1.00 15.86 ? 413 ALA A CA    1 
ATOM   538  C C     . ALA A 1 70  ? 4.498   2.572   0.975   1.00 17.66 ? 413 ALA A C     1 
ATOM   539  O O     . ALA A 1 70  ? 3.617   2.747   0.136   1.00 16.17 ? 413 ALA A O     1 
ATOM   540  C CB    . ALA A 1 70  ? 4.535   0.619   2.488   1.00 16.09 ? 413 ALA A CB    1 
ATOM   541  N N     . ARG A 1 71  ? 5.779   2.755   0.729   1.00 16.45 ? 414 ARG A N     1 
ATOM   542  C CA    . ARG A 1 71  ? 6.256   3.128   -0.593  1.00 18.81 ? 414 ARG A CA    1 
ATOM   543  C C     . ARG A 1 71  ? 7.010   1.977   -1.194  1.00 17.65 ? 414 ARG A C     1 
ATOM   544  O O     . ARG A 1 71  ? 7.875   1.423   -0.536  1.00 19.99 ? 414 ARG A O     1 
ATOM   545  C CB    . ARG A 1 71  ? 7.170   4.331   -0.455  1.00 17.90 ? 414 ARG A CB    1 
ATOM   546  C CG    . ARG A 1 71  ? 7.756   4.836   -1.740  1.00 18.58 ? 414 ARG A CG    1 
ATOM   547  C CD    . ARG A 1 71  ? 8.790   5.906   -1.473  1.00 20.24 ? 414 ARG A CD    1 
ATOM   548  N NE    . ARG A 1 71  ? 9.349   6.337   -2.749  1.00 20.50 ? 414 ARG A NE    1 
ATOM   549  C CZ    . ARG A 1 71  ? 10.333  5.741   -3.403  1.00 20.73 ? 414 ARG A CZ    1 
ATOM   550  N NH1   . ARG A 1 71  ? 10.968  4.687   -2.900  1.00 23.31 ? 414 ARG A NH1   1 
ATOM   551  N NH2   . ARG A 1 71  ? 10.705  6.231   -4.566  1.00 21.41 ? 414 ARG A NH2   1 
ATOM   552  N N     . LEU A 1 72  ? 6.698   1.612   -2.436  1.00 18.37 ? 415 LEU A N     1 
ATOM   553  C CA    . LEU A 1 72  ? 7.505   0.625   -3.190  1.00 19.70 ? 415 LEU A CA    1 
ATOM   554  C C     . LEU A 1 72  ? 8.964   1.071   -3.295  1.00 21.24 ? 415 LEU A C     1 
ATOM   555  O O     . LEU A 1 72  ? 9.223   2.185   -3.768  1.00 22.47 ? 415 LEU A O     1 
ATOM   556  C CB    . LEU A 1 72  ? 6.993   0.465   -4.629  1.00 20.31 ? 415 LEU A CB    1 
ATOM   557  C CG    . LEU A 1 72  ? 5.811   -0.450  -4.908  1.00 21.22 ? 415 LEU A CG    1 
ATOM   558  C CD1   . LEU A 1 72  ? 5.576   -0.584  -6.413  1.00 19.81 ? 415 LEU A CD1   1 
ATOM   559  C CD2   . LEU A 1 72  ? 6.036   -1.794  -4.235  1.00 22.38 ? 415 LEU A CD2   1 
ATOM   560  N N     . SER A 1 73  ? 9.903   0.214   -2.872  1.00 19.91 ? 416 SER A N     1 
ATOM   561  C CA    . SER A 1 73  ? 11.337  0.503   -3.051  1.00 21.49 ? 416 SER A CA    1 
ATOM   562  C C     . SER A 1 73  ? 11.946  -0.266  -4.217  1.00 21.47 ? 416 SER A C     1 
ATOM   563  O O     . SER A 1 73  ? 13.070  0.040   -4.627  1.00 22.11 ? 416 SER A O     1 
ATOM   564  C CB    . SER A 1 73  ? 12.137  0.237   -1.764  1.00 20.13 ? 416 SER A CB    1 
ATOM   565  O OG    . SER A 1 73  ? 12.142  -1.126  -1.413  1.00 23.54 ? 416 SER A OG    1 
ATOM   566  N N     . SER A 1 74  ? 11.204  -1.250  -4.745  1.00 20.19 ? 417 SER A N     1 
ATOM   567  C CA    . SER A 1 74  ? 11.642  -2.077  -5.874  1.00 21.11 ? 417 SER A CA    1 
ATOM   568  C C     . SER A 1 74  ? 10.451  -2.490  -6.755  1.00 21.46 ? 417 SER A C     1 
ATOM   569  O O     . SER A 1 74  ? 9.301   -2.455  -6.319  1.00 19.39 ? 417 SER A O     1 
ATOM   570  C CB    . SER A 1 74  ? 12.392  -3.345  -5.372  1.00 19.86 ? 417 SER A CB    1 
ATOM   571  O OG    . SER A 1 74  ? 11.523  -4.472  -5.160  1.00 18.95 ? 417 SER A OG    1 
ATOM   572  N N     . GLU A 1 75  ? 10.751  -2.874  -7.999  1.00 23.62 ? 418 GLU A N     1 
ATOM   573  C CA    . GLU A 1 75  ? 9.872   -3.774  -8.773  1.00 23.16 ? 418 GLU A CA    1 
ATOM   574  C C     . GLU A 1 75  ? 9.844   -5.164  -8.180  1.00 22.01 ? 418 GLU A C     1 
ATOM   575  O O     . GLU A 1 75  ? 10.690  -5.527  -7.367  1.00 18.72 ? 418 GLU A O     1 
ATOM   576  C CB    . GLU A 1 75  ? 10.318  -3.896  -10.223 1.00 25.10 ? 418 GLU A CB    1 
ATOM   577  C CG    . GLU A 1 75  ? 10.018  -2.666  -11.039 1.00 28.60 ? 418 GLU A CG    1 
ATOM   578  C CD    . GLU A 1 75  ? 10.482  -2.803  -12.480 1.00 35.33 ? 418 GLU A CD    1 
ATOM   579  O OE1   . GLU A 1 75  ? 10.289  -3.897  -13.072 1.00 40.85 ? 418 GLU A OE1   1 
ATOM   580  O OE2   . GLU A 1 75  ? 11.039  -1.817  -13.002 1.00 36.56 ? 418 GLU A OE2   1 
ATOM   581  N N     . SER A 1 76  ? 8.870   -5.952  -8.606  1.00 20.29 ? 419 SER A N     1 
ATOM   582  C CA    . SER A 1 76  ? 8.720   -7.306  -8.085  1.00 20.20 ? 419 SER A CA    1 
ATOM   583  C C     . SER A 1 76  ? 9.901   -8.141  -8.549  1.00 21.52 ? 419 SER A C     1 
ATOM   584  O O     . SER A 1 76  ? 10.376  -7.981  -9.678  1.00 21.91 ? 419 SER A O     1 
ATOM   585  C CB    . SER A 1 76  ? 7.414   -7.941  -8.563  1.00 22.70 ? 419 SER A CB    1 
ATOM   586  O OG    . SER A 1 76  ? 7.461   -8.218  -9.951  1.00 23.26 ? 419 SER A OG    1 
ATOM   587  N N     . HIS A 1 77  ? 10.384  -9.000  -7.663  1.00 21.28 ? 420 HIS A N     1 
ATOM   588  C CA    . HIS A 1 77  ? 11.439  -9.945  -7.994  1.00 24.14 ? 420 HIS A CA    1 
ATOM   589  C C     . HIS A 1 77  ? 10.903  -11.371 -7.906  1.00 21.89 ? 420 HIS A C     1 
ATOM   590  O O     . HIS A 1 77  ? 10.164  -11.703 -6.989  1.00 22.03 ? 420 HIS A O     1 
ATOM   591  C CB    . HIS A 1 77  ? 12.662  -9.752  -7.083  1.00 25.17 ? 420 HIS A CB    1 
ATOM   592  C CG    . HIS A 1 77  ? 13.728  -10.766 -7.316  1.00 31.70 ? 420 HIS A CG    1 
ATOM   593  N ND1   . HIS A 1 77  ? 14.521  -10.760 -8.444  1.00 35.37 ? 420 HIS A ND1   1 
ATOM   594  C CD2   . HIS A 1 77  ? 14.098  -11.857 -6.600  1.00 35.11 ? 420 HIS A CD2   1 
ATOM   595  C CE1   . HIS A 1 77  ? 15.351  -11.790 -8.403  1.00 34.95 ? 420 HIS A CE1   1 
ATOM   596  N NE2   . HIS A 1 77  ? 15.119  -12.467 -7.291  1.00 35.88 ? 420 HIS A NE2   1 
ATOM   597  N N     . HIS A 1 78  ? 11.287  -12.189 -8.883  1.00 24.56 ? 421 HIS A N     1 
ATOM   598  C CA    . HIS A 1 78  ? 10.909  -13.600 -8.971  1.00 24.06 ? 421 HIS A CA    1 
ATOM   599  C C     . HIS A 1 78  ? 12.131  -14.494 -8.920  1.00 26.63 ? 421 HIS A C     1 
ATOM   600  O O     . HIS A 1 78  ? 13.219  -14.087 -9.346  1.00 29.12 ? 421 HIS A O     1 
ATOM   601  C CB    . HIS A 1 78  ? 10.236  -13.875 -10.302 1.00 27.17 ? 421 HIS A CB    1 
ATOM   602  C CG    . HIS A 1 78  ? 8.820   -13.419 -10.373 1.00 27.99 ? 421 HIS A CG    1 
ATOM   603  N ND1   . HIS A 1 78  ? 7.758   -14.281 -10.221 1.00 30.06 ? 421 HIS A ND1   1 
ATOM   604  C CD2   . HIS A 1 78  ? 8.290   -12.197 -10.605 1.00 31.07 ? 421 HIS A CD2   1 
ATOM   605  C CE1   . HIS A 1 78  ? 6.633   -13.602 -10.339 1.00 32.15 ? 421 HIS A CE1   1 
ATOM   606  N NE2   . HIS A 1 78  ? 6.930   -12.337 -10.576 1.00 30.46 ? 421 HIS A NE2   1 
ATOM   607  N N     . GLY A 1 79  ? 11.938  -15.737 -8.464  1.00 24.68 ? 422 GLY A N     1 
ATOM   608  C CA    . GLY A 1 79  ? 13.014  -16.727 -8.409  1.00 24.92 ? 422 GLY A CA    1 
ATOM   609  C C     . GLY A 1 79  ? 13.858  -16.666 -7.154  1.00 24.34 ? 422 GLY A C     1 
ATOM   610  O O     . GLY A 1 79  ? 14.885  -17.366 -7.050  1.00 21.98 ? 422 GLY A O     1 
ATOM   611  N N     . GLY A 1 80  ? 13.439  -15.825 -6.205  1.00 23.93 ? 423 GLY A N     1 
ATOM   612  C CA    . GLY A 1 80  ? 14.084  -15.736 -4.903  1.00 22.85 ? 423 GLY A CA    1 
ATOM   613  C C     . GLY A 1 80  ? 13.424  -16.679 -3.913  1.00 23.33 ? 423 GLY A C     1 
ATOM   614  O O     . GLY A 1 80  ? 12.643  -17.565 -4.284  1.00 25.14 ? 423 GLY A O     1 
ATOM   615  N N     . SER A 1 81  ? 13.727  -16.484 -2.645  1.00 20.96 ? 424 SER A N     1 
ATOM   616  C CA    . SER A 1 81  ? 13.195  -17.360 -1.609  1.00 22.13 ? 424 SER A CA    1 
ATOM   617  C C     . SER A 1 81  ? 11.744  -16.922 -1.289  1.00 25.00 ? 424 SER A C     1 
ATOM   618  O O     . SER A 1 81  ? 11.522  -15.782 -0.865  1.00 24.14 ? 424 SER A O     1 
ATOM   619  C CB    . SER A 1 81  ? 14.080  -17.310 -0.368  1.00 22.48 ? 424 SER A CB    1 
ATOM   620  O OG    . SER A 1 81  ? 15.351  -17.931 -0.629  1.00 18.40 ? 424 SER A OG    1 
ATOM   621  N N     . PRO A 1 82  ? 10.768  -17.826 -1.491  1.00 24.88 ? 425 PRO A N     1 
ATOM   622  C CA    . PRO A 1 82  ? 9.344   -17.514 -1.291  1.00 26.58 ? 425 PRO A CA    1 
ATOM   623  C C     . PRO A 1 82  ? 9.022   -17.009 0.124   1.00 24.78 ? 425 PRO A C     1 
ATOM   624  O O     . PRO A 1 82  ? 9.597   -17.489 1.102   1.00 27.05 ? 425 PRO A O     1 
ATOM   625  C CB    . PRO A 1 82  ? 8.644   -18.850 -1.538  1.00 27.24 ? 425 PRO A CB    1 
ATOM   626  C CG    . PRO A 1 82  ? 9.676   -19.893 -1.310  1.00 28.12 ? 425 PRO A CG    1 
ATOM   627  C CD    . PRO A 1 82  ? 11.003  -19.278 -1.637  1.00 26.32 ? 425 PRO A CD    1 
ATOM   628  N N     . ILE A 1 83  ? 8.099   -16.056 0.220   1.00 20.17 ? 426 ILE A N     1 
ATOM   629  C CA    . ILE A 1 83  ? 7.626   -15.568 1.521   1.00 20.91 ? 426 ILE A CA    1 
ATOM   630  C C     . ILE A 1 83  ? 6.592   -16.552 2.069   1.00 19.95 ? 426 ILE A C     1 
ATOM   631  O O     . ILE A 1 83  ? 5.805   -17.120 1.315   1.00 19.92 ? 426 ILE A O     1 
ATOM   632  C CB    . ILE A 1 83  ? 6.994   -14.170 1.403   1.00 20.90 ? 426 ILE A CB    1 
ATOM   633  C CG1   . ILE A 1 83  ? 7.992   -13.168 0.802   1.00 23.23 ? 426 ILE A CG1   1 
ATOM   634  C CG2   . ILE A 1 83  ? 6.440   -13.697 2.750   1.00 19.90 ? 426 ILE A CG2   1 
ATOM   635  C CD1   . ILE A 1 83  ? 9.321   -13.114 1.514   1.00 24.57 ? 426 ILE A CD1   1 
ATOM   636  N N     . HIS A 1 84  ? 6.562   -16.725 3.381   1.00 21.75 ? 427 HIS A N     1 
ATOM   637  C CA    . HIS A 1 84  ? 5.642   -17.649 3.999   1.00 22.44 ? 427 HIS A CA    1 
ATOM   638  C C     . HIS A 1 84  ? 4.251   -17.061 4.157   1.00 20.07 ? 427 HIS A C     1 
ATOM   639  O O     . HIS A 1 84  ? 3.715   -17.022 5.248   1.00 19.86 ? 427 HIS A O     1 
ATOM   640  C CB    . HIS A 1 84  ? 6.164   -18.107 5.364   1.00 27.74 ? 427 HIS A CB    1 
ATOM   641  C CG    . HIS A 1 84  ? 5.602   -19.425 5.795   1.00 35.08 ? 427 HIS A CG    1 
ATOM   642  N ND1   . HIS A 1 84  ? 6.222   -20.234 6.725   1.00 40.69 ? 427 HIS A ND1   1 
ATOM   643  C CD2   . HIS A 1 84  ? 4.495   -20.096 5.389   1.00 37.42 ? 427 HIS A CD2   1 
ATOM   644  C CE1   . HIS A 1 84  ? 5.504   -21.331 6.893   1.00 43.11 ? 427 HIS A CE1   1 
ATOM   645  N NE2   . HIS A 1 84  ? 4.454   -21.272 6.092   1.00 39.38 ? 427 HIS A NE2   1 
ATOM   646  N N     . TRP A 1 85  ? 3.669   -16.615 3.067   1.00 17.13 ? 428 TRP A N     1 
ATOM   647  C CA    . TRP A 1 85  ? 2.305   -16.083 3.101   1.00 16.64 ? 428 TRP A CA    1 
ATOM   648  C C     . TRP A 1 85  ? 1.283   -17.110 3.591   1.00 18.55 ? 428 TRP A C     1 
ATOM   649  O O     . TRP A 1 85  ? 1.399   -18.302 3.325   1.00 20.69 ? 428 TRP A O     1 
ATOM   650  C CB    . TRP A 1 85  ? 1.904   -15.600 1.717   1.00 16.06 ? 428 TRP A CB    1 
ATOM   651  C CG    . TRP A 1 85  ? 2.784   -14.492 1.104   1.00 16.55 ? 428 TRP A CG    1 
ATOM   652  C CD1   . TRP A 1 85  ? 3.376   -14.524 -0.111  1.00 15.87 ? 428 TRP A CD1   1 
ATOM   653  C CD2   . TRP A 1 85  ? 3.128   -13.209 1.678   1.00 16.99 ? 428 TRP A CD2   1 
ATOM   654  N NE1   . TRP A 1 85  ? 4.056   -13.363 -0.336  1.00 17.74 ? 428 TRP A NE1   1 
ATOM   655  C CE2   . TRP A 1 85  ? 3.920   -12.542 0.746   1.00 15.89 ? 428 TRP A CE2   1 
ATOM   656  C CE3   . TRP A 1 85  ? 2.828   -12.571 2.881   1.00 15.15 ? 428 TRP A CE3   1 
ATOM   657  C CZ2   . TRP A 1 85  ? 4.451   -11.283 0.985   1.00 15.52 ? 428 TRP A CZ2   1 
ATOM   658  C CZ3   . TRP A 1 85  ? 3.338   -11.316 3.105   1.00 14.83 ? 428 TRP A CZ3   1 
ATOM   659  C CH2   . TRP A 1 85  ? 4.130   -10.684 2.162   1.00 15.62 ? 428 TRP A CH2   1 
ATOM   660  N N     . VAL A 1 86  ? 0.261   -16.639 4.283   1.00 16.85 ? 429 VAL A N     1 
ATOM   661  C CA    . VAL A 1 86  ? -0.937  -17.439 4.518   1.00 19.72 ? 429 VAL A CA    1 
ATOM   662  C C     . VAL A 1 86  ? -1.797  -17.300 3.275   1.00 19.68 ? 429 VAL A C     1 
ATOM   663  O O     . VAL A 1 86  ? -2.279  -16.216 2.963   1.00 17.88 ? 429 VAL A O     1 
ATOM   664  C CB    . VAL A 1 86  ? -1.700  -16.977 5.769   1.00 18.07 ? 429 VAL A CB    1 
ATOM   665  C CG1   . VAL A 1 86  ? -3.118  -17.573 5.810   1.00 18.20 ? 429 VAL A CG1   1 
ATOM   666  C CG2   . VAL A 1 86  ? -0.889  -17.334 7.010   1.00 18.43 ? 429 VAL A CG2   1 
ATOM   667  N N     . LEU A 1 87  ? -1.992  -18.431 2.593   1.00 21.99 ? 430 LEU A N     1 
ATOM   668  C CA    . LEU A 1 87  ? -2.605  -18.468 1.281   1.00 24.52 ? 430 LEU A CA    1 
ATOM   669  C C     . LEU A 1 87  ? -4.071  -18.791 1.436   1.00 24.45 ? 430 LEU A C     1 
ATOM   670  O O     . LEU A 1 87  ? -4.427  -19.905 1.857   1.00 24.04 ? 430 LEU A O     1 
ATOM   671  C CB    . LEU A 1 87  ? -1.917  -19.507 0.391   1.00 29.35 ? 430 LEU A CB    1 
ATOM   672  C CG    . LEU A 1 87  ? -0.375  -19.466 0.442   1.00 31.87 ? 430 LEU A CG    1 
ATOM   673  C CD1   . LEU A 1 87  ? 0.219   -20.821 0.063   1.00 36.25 ? 430 LEU A CD1   1 
ATOM   674  C CD2   . LEU A 1 87  ? 0.172   -18.341 -0.426  1.00 32.96 ? 430 LEU A CD2   1 
ATOM   675  N N     . PRO A 1 88  ? -4.934  -17.813 1.130   1.00 23.54 ? 431 PRO A N     1 
ATOM   676  C CA    . PRO A 1 88  ? -6.349  -18.060 1.063   1.00 27.19 ? 431 PRO A CA    1 
ATOM   677  C C     . PRO A 1 88  ? -6.628  -19.210 0.131   1.00 29.21 ? 431 PRO A C     1 
ATOM   678  O O     . PRO A 1 88  ? -5.836  -19.459 -0.809  1.00 26.75 ? 431 PRO A O     1 
ATOM   679  C CB    . PRO A 1 88  ? -6.904  -16.770 0.467   1.00 26.61 ? 431 PRO A CB    1 
ATOM   680  C CG    . PRO A 1 88  ? -5.948  -15.733 0.928   1.00 27.99 ? 431 PRO A CG    1 
ATOM   681  C CD    . PRO A 1 88  ? -4.616  -16.411 0.822   1.00 25.99 ? 431 PRO A CD    1 
ATOM   682  N N     . ALA A 1 89  ? -7.739  -19.891 0.401   1.00 31.86 ? 432 ALA A N     1 
ATOM   683  C CA    . ALA A 1 89  ? -8.143  -21.078 -0.330  1.00 36.24 ? 432 ALA A CA    1 
ATOM   684  C C     . ALA A 1 89  ? -8.347  -20.759 -1.820  1.00 34.18 ? 432 ALA A C     1 
ATOM   685  O O     . ALA A 1 89  ? -8.936  -19.733 -2.163  1.00 34.60 ? 432 ALA A O     1 
ATOM   686  C CB    . ALA A 1 89  ? -9.400  -21.657 0.286   1.00 34.13 ? 432 ALA A CB    1 
ATOM   687  N N     . GLY A 1 90  ? -7.815  -21.628 -2.686  1.00 34.32 ? 433 GLY A N     1 
ATOM   688  C CA    . GLY A 1 90  ? -7.802  -21.394 -4.141  1.00 34.19 ? 433 GLY A CA    1 
ATOM   689  C C     . GLY A 1 90  ? -6.662  -20.525 -4.664  1.00 34.06 ? 433 GLY A C     1 
ATOM   690  O O     . GLY A 1 90  ? -6.507  -20.363 -5.870  1.00 35.62 ? 433 GLY A O     1 
ATOM   691  N N     . MET A 1 91  ? -5.857  -19.962 -3.759  1.00 31.34 ? 434 MET A N     1 
ATOM   692  C CA    . MET A 1 91  ? -4.715  -19.154 -4.128  1.00 30.13 ? 434 MET A CA    1 
ATOM   693  C C     . MET A 1 91  ? -3.436  -19.961 -3.869  1.00 31.30 ? 434 MET A C     1 
ATOM   694  O O     . MET A 1 91  ? -3.260  -20.558 -2.790  1.00 32.93 ? 434 MET A O     1 
ATOM   695  C CB    . MET A 1 91  ? -4.712  -17.880 -3.290  1.00 31.70 ? 434 MET A CB    1 
ATOM   696  C CG    . MET A 1 91  ? -4.244  -16.629 -4.014  1.00 35.88 ? 434 MET A CG    1 
ATOM   697  S SD    . MET A 1 91  ? -4.257  -15.171 -2.933  1.00 36.25 ? 434 MET A SD    1 
ATOM   698  C CE    . MET A 1 91  ? -5.967  -14.664 -3.115  1.00 35.27 ? 434 MET A CE    1 
ATOM   699  N N     . SER A 1 92  ? -2.551  -19.987 -4.858  1.00 27.89 ? 435 SER A N     1 
ATOM   700  C CA    . SER A 1 92  ? -1.303  -20.723 -4.743  1.00 27.86 ? 435 SER A CA    1 
ATOM   701  C C     . SER A 1 92  ? -0.130  -19.806 -4.415  1.00 26.43 ? 435 SER A C     1 
ATOM   702  O O     . SER A 1 92  ? -0.216  -18.578 -4.595  1.00 29.16 ? 435 SER A O     1 
ATOM   703  C CB    . SER A 1 92  ? -1.029  -21.432 -6.057  1.00 27.49 ? 435 SER A CB    1 
ATOM   704  O OG    . SER A 1 92  ? -0.803  -20.484 -7.083  1.00 24.65 ? 435 SER A OG    1 
ATOM   705  N N     . ALA A 1 93  ? 0.974   -20.391 -3.942  1.00 25.77 ? 436 ALA A N     1 
ATOM   706  C CA    . ALA A 1 93  ? 2.214   -19.636 -3.763  1.00 24.42 ? 436 ALA A CA    1 
ATOM   707  C C     . ALA A 1 93  ? 2.664   -18.977 -5.099  1.00 25.70 ? 436 ALA A C     1 
ATOM   708  O O     . ALA A 1 93  ? 3.145   -17.849 -5.120  1.00 23.94 ? 436 ALA A O     1 
ATOM   709  C CB    . ALA A 1 93  ? 3.296   -20.547 -3.228  1.00 25.91 ? 436 ALA A CB    1 
ATOM   710  N N     . LYS A 1 94  ? 2.478   -19.676 -6.215  1.00 26.85 ? 437 LYS A N     1 
ATOM   711  C CA    . LYS A 1 94  ? 2.903   -19.152 -7.523  1.00 26.01 ? 437 LYS A CA    1 
ATOM   712  C C     . LYS A 1 94  ? 2.223   -17.829 -7.848  1.00 25.71 ? 437 LYS A C     1 
ATOM   713  O O     . LYS A 1 94  ? 2.858   -16.915 -8.424  1.00 27.74 ? 437 LYS A O     1 
ATOM   714  C CB    . LYS A 1 94  ? 2.653   -20.175 -8.656  1.00 25.69 ? 437 LYS A CB    1 
ATOM   715  N N     . MET A 1 95  ? 0.940   -17.712 -7.501  1.00 24.11 ? 438 MET A N     1 
ATOM   716  C CA    . MET A 1 95  ? 0.211   -16.464 -7.720  1.00 25.11 ? 438 MET A CA    1 
ATOM   717  C C     . MET A 1 95  ? 0.791   -15.244 -6.943  1.00 24.51 ? 438 MET A C     1 
ATOM   718  O O     . MET A 1 95  ? 0.624   -14.100 -7.372  1.00 23.61 ? 438 MET A O     1 
ATOM   719  C CB    . MET A 1 95  ? -1.267  -16.656 -7.368  1.00 27.48 ? 438 MET A CB    1 
ATOM   720  C CG    . MET A 1 95  ? -2.007  -17.592 -8.292  1.00 27.54 ? 438 MET A CG    1 
ATOM   721  S SD    . MET A 1 95  ? -3.699  -17.792 -7.713  1.00 30.28 ? 438 MET A SD    1 
ATOM   722  C CE    . MET A 1 95  ? -4.139  -19.342 -8.505  1.00 31.80 ? 438 MET A CE    1 
ATOM   723  N N     . LEU A 1 96  ? 1.443   -15.497 -5.800  1.00 25.27 ? 439 LEU A N     1 
ATOM   724  C CA    . LEU A 1 96  ? 2.104   -14.417 -5.020  1.00 25.19 ? 439 LEU A CA    1 
ATOM   725  C C     . LEU A 1 96  ? 3.629   -14.605 -4.971  1.00 27.03 ? 439 LEU A C     1 
ATOM   726  O O     . LEU A 1 96  ? 4.272   -14.340 -3.935  1.00 27.21 ? 439 LEU A O     1 
ATOM   727  C CB    . LEU A 1 96  ? 1.549   -14.367 -3.597  1.00 23.52 ? 439 LEU A CB    1 
ATOM   728  C CG    . LEU A 1 96  ? 0.033   -14.368 -3.495  1.00 23.41 ? 439 LEU A CG    1 
ATOM   729  C CD1   . LEU A 1 96  ? -0.382  -14.734 -2.069  1.00 25.40 ? 439 LEU A CD1   1 
ATOM   730  C CD2   . LEU A 1 96  ? -0.523  -13.020 -3.883  1.00 22.85 ? 439 LEU A CD2   1 
ATOM   731  N N     . GLY A 1 97  ? 4.207   -15.064 -6.083  1.00 28.33 ? 440 GLY A N     1 
ATOM   732  C CA    . GLY A 1 97  ? 5.655   -15.310 -6.161  1.00 27.22 ? 440 GLY A CA    1 
ATOM   733  C C     . GLY A 1 97  ? 6.453   -14.063 -6.528  1.00 27.33 ? 440 GLY A C     1 
ATOM   734  O O     . GLY A 1 97  ? 7.696   -14.072 -6.464  1.00 27.37 ? 440 GLY A O     1 
ATOM   735  N N     . GLY A 1 98  ? 5.751   -12.997 -6.931  1.00 24.17 ? 441 GLY A N     1 
ATOM   736  C CA    . GLY A 1 98  ? 6.393   -11.691 -7.186  1.00 25.66 ? 441 GLY A CA    1 
ATOM   737  C C     . GLY A 1 98  ? 6.585   -10.979 -5.855  1.00 24.35 ? 441 GLY A C     1 
ATOM   738  O O     . GLY A 1 98  ? 5.607   -10.706 -5.156  1.00 21.03 ? 441 GLY A O     1 
ATOM   739  N N     . VAL A 1 99  ? 7.845   -10.737 -5.472  1.00 21.65 ? 442 VAL A N     1 
ATOM   740  C CA    . VAL A 1 99  ? 8.134   -10.101 -4.205  1.00 18.38 ? 442 VAL A CA    1 
ATOM   741  C C     . VAL A 1 99  ? 8.639   -8.678  -4.394  1.00 18.32 ? 442 VAL A C     1 
ATOM   742  O O     . VAL A 1 99  ? 9.658   -8.473  -5.015  1.00 18.97 ? 442 VAL A O     1 
ATOM   743  C CB    . VAL A 1 99  ? 9.150   -10.885 -3.348  1.00 19.44 ? 442 VAL A CB    1 
ATOM   744  C CG1   . VAL A 1 99  ? 9.364   -10.147 -2.029  1.00 18.94 ? 442 VAL A CG1   1 
ATOM   745  C CG2   . VAL A 1 99  ? 8.668   -12.316 -3.090  1.00 19.69 ? 442 VAL A CG2   1 
ATOM   746  N N     . PHE A 1 100 ? 7.892   -7.711  -3.846  1.00 16.65 ? 443 PHE A N     1 
ATOM   747  C CA    . PHE A 1 100 ? 8.215   -6.294  -3.905  1.00 16.04 ? 443 PHE A CA    1 
ATOM   748  C C     . PHE A 1 100 ? 8.852   -5.920  -2.576  1.00 16.51 ? 443 PHE A C     1 
ATOM   749  O O     . PHE A 1 100 ? 8.349   -6.317  -1.530  1.00 14.68 ? 443 PHE A O     1 
ATOM   750  C CB    . PHE A 1 100 ? 6.940   -5.435  -3.995  1.00 16.71 ? 443 PHE A CB    1 
ATOM   751  C CG    . PHE A 1 100 ? 6.223   -5.475  -5.337  1.00 17.42 ? 443 PHE A CG    1 
ATOM   752  C CD1   . PHE A 1 100 ? 5.207   -6.417  -5.584  1.00 19.23 ? 443 PHE A CD1   1 
ATOM   753  C CD2   . PHE A 1 100 ? 6.517   -4.525  -6.341  1.00 18.48 ? 443 PHE A CD2   1 
ATOM   754  C CE1   . PHE A 1 100 ? 4.516   -6.424  -6.811  1.00 18.84 ? 443 PHE A CE1   1 
ATOM   755  C CE2   . PHE A 1 100 ? 5.823   -4.528  -7.564  1.00 19.76 ? 443 PHE A CE2   1 
ATOM   756  C CZ    . PHE A 1 100 ? 4.826   -5.488  -7.793  1.00 18.02 ? 443 PHE A CZ    1 
ATOM   757  N N     . LYS A 1 101 ? 9.908   -5.119  -2.598  1.00 15.97 ? 444 LYS A N     1 
ATOM   758  C CA    . LYS A 1 101 ? 10.387  -4.506  -1.365  1.00 17.31 ? 444 LYS A CA    1 
ATOM   759  C C     . LYS A 1 101 ? 9.612   -3.228  -1.113  1.00 15.42 ? 444 LYS A C     1 
ATOM   760  O O     . LYS A 1 101 ? 9.302   -2.509  -2.046  1.00 15.35 ? 444 LYS A O     1 
ATOM   761  C CB    . LYS A 1 101 ? 11.870  -4.222  -1.433  1.00 20.24 ? 444 LYS A CB    1 
ATOM   762  C CG    . LYS A 1 101 ? 12.686  -5.487  -1.511  1.00 23.42 ? 444 LYS A CG    1 
ATOM   763  C CD    . LYS A 1 101 ? 14.180  -5.194  -1.439  1.00 29.59 ? 444 LYS A CD    1 
ATOM   764  C CE    . LYS A 1 101 ? 14.995  -6.439  -1.711  1.00 33.15 ? 444 LYS A CE    1 
ATOM   765  N NZ    . LYS A 1 101 ? 16.433  -6.103  -1.854  1.00 37.10 ? 444 LYS A NZ    1 
ATOM   766  N N     . ILE A 1 102 ? 9.266   -2.979  0.153   1.00 15.33 ? 445 ILE A N     1 
ATOM   767  C CA    . ILE A 1 102 ? 8.592   -1.761  0.546   1.00 16.52 ? 445 ILE A CA    1 
ATOM   768  C C     . ILE A 1 102 ? 9.199   -1.152  1.798   1.00 16.59 ? 445 ILE A C     1 
ATOM   769  O O     . ILE A 1 102 ? 9.741   -1.849  2.635   1.00 15.78 ? 445 ILE A O     1 
ATOM   770  C CB    . ILE A 1 102 ? 7.091   -1.999  0.780   1.00 16.51 ? 445 ILE A CB    1 
ATOM   771  C CG1   . ILE A 1 102 ? 6.870   -2.939  1.997   1.00 16.65 ? 445 ILE A CG1   1 
ATOM   772  C CG2   . ILE A 1 102 ? 6.473   -2.606  -0.487  1.00 16.04 ? 445 ILE A CG2   1 
ATOM   773  C CD1   . ILE A 1 102 ? 5.419   -3.182  2.356   1.00 17.85 ? 445 ILE A CD1   1 
ATOM   774  N N     . ASP A 1 103 ? 9.073   0.165   1.912   1.00 17.72 ? 446 ASP A N     1 
ATOM   775  C CA    . ASP A 1 103 ? 9.487   0.907   3.094   1.00 17.24 ? 446 ASP A CA    1 
ATOM   776  C C     . ASP A 1 103 ? 8.226   1.489   3.686   1.00 16.04 ? 446 ASP A C     1 
ATOM   777  O O     . ASP A 1 103 ? 7.517   2.287   3.032   1.00 18.28 ? 446 ASP A O     1 
ATOM   778  C CB    . ASP A 1 103 ? 10.455  2.033   2.726   1.00 18.66 ? 446 ASP A CB    1 
ATOM   779  C CG    . ASP A 1 103 ? 11.796  1.511   2.261   1.00 25.62 ? 446 ASP A CG    1 
ATOM   780  O OD1   . ASP A 1 103 ? 12.397  0.693   3.015   1.00 31.87 ? 446 ASP A OD1   1 
ATOM   781  O OD2   . ASP A 1 103 ? 12.246  1.898   1.145   1.00 28.34 ? 446 ASP A OD2   1 
ATOM   782  N N     . TRP A 1 104 ? 7.924   1.082   4.900   1.00 15.27 ? 447 TRP A N     1 
ATOM   783  C CA    . TRP A 1 104 ? 6.736   1.591   5.566   1.00 14.04 ? 447 TRP A CA    1 
ATOM   784  C C     . TRP A 1 104 ? 6.857   3.083   5.841   1.00 14.71 ? 447 TRP A C     1 
ATOM   785  O O     . TRP A 1 104 ? 7.918   3.582   6.236   1.00 15.35 ? 447 TRP A O     1 
ATOM   786  C CB    . TRP A 1 104 ? 6.480   0.809   6.829   1.00 13.97 ? 447 TRP A CB    1 
ATOM   787  C CG    . TRP A 1 104 ? 5.965   -0.521  6.469   1.00 13.31 ? 447 TRP A CG    1 
ATOM   788  C CD1   . TRP A 1 104 ? 6.693   -1.662  6.229   1.00 13.50 ? 447 TRP A CD1   1 
ATOM   789  C CD2   . TRP A 1 104 ? 4.602   -0.826  6.166   1.00 11.76 ? 447 TRP A CD2   1 
ATOM   790  N NE1   . TRP A 1 104 ? 5.838   -2.681  5.840   1.00 13.13 ? 447 TRP A NE1   1 
ATOM   791  C CE2   . TRP A 1 104 ? 4.552   -2.187  5.790   1.00 11.58 ? 447 TRP A CE2   1 
ATOM   792  C CE3   . TRP A 1 104 ? 3.414   -0.080  6.219   1.00 11.54 ? 447 TRP A CE3   1 
ATOM   793  C CZ2   . TRP A 1 104 ? 3.356   -2.829  5.476   1.00 11.67 ? 447 TRP A CZ2   1 
ATOM   794  C CZ3   . TRP A 1 104 ? 2.252   -0.674  5.918   1.00 12.33 ? 447 TRP A CZ3   1 
ATOM   795  C CH2   . TRP A 1 104 ? 2.210   -2.069  5.524   1.00 12.25 ? 447 TRP A CH2   1 
ATOM   796  N N     . ILE A 1 105 ? 5.763   3.791   5.577   1.00 15.10 ? 448 ILE A N     1 
ATOM   797  C CA    . ILE A 1 105 ? 5.656   5.229   5.862   1.00 17.51 ? 448 ILE A CA    1 
ATOM   798  C C     . ILE A 1 105 ? 4.819   5.425   7.111   1.00 16.84 ? 448 ILE A C     1 
ATOM   799  O O     . ILE A 1 105 ? 5.059   6.342   7.892   1.00 16.80 ? 448 ILE A O     1 
ATOM   800  C CB    . ILE A 1 105 ? 5.060   6.021   4.662   1.00 19.64 ? 448 ILE A CB    1 
ATOM   801  C CG1   . ILE A 1 105 ? 5.988   5.907   3.448   1.00 22.90 ? 448 ILE A CG1   1 
ATOM   802  C CG2   . ILE A 1 105 ? 4.856   7.493   5.024   1.00 18.59 ? 448 ILE A CG2   1 
ATOM   803  C CD1   . ILE A 1 105 ? 5.284   6.093   2.138   1.00 24.30 ? 448 ILE A CD1   1 
ATOM   804  N N     . CYS A 1 106 ? 3.862   4.537   7.324   1.00 15.23 ? 449 CYS A N     1 
ATOM   805  C CA    . CYS A 1 106 ? 3.025   4.634   8.483   1.00 16.38 ? 449 CYS A CA    1 
ATOM   806  C C     . CYS A 1 106 ? 2.482   3.262   8.759   1.00 16.64 ? 449 CYS A C     1 
ATOM   807  O O     . CYS A 1 106 ? 1.795   2.696   7.906   1.00 16.82 ? 449 CYS A O     1 
ATOM   808  C CB    . CYS A 1 106 ? 1.887   5.614   8.211   1.00 17.59 ? 449 CYS A CB    1 
ATOM   809  S SG    . CYS A 1 106 ? 0.678   5.674   9.530   1.00 20.05 ? 449 CYS A SG    1 
ATOM   810  N N     . ARG A 1 107 ? 2.810   2.714   9.939   1.00 15.78 ? 450 ARG A N     1 
ATOM   811  C CA    . ARG A 1 107 ? 2.285   1.426   10.378  1.00 16.45 ? 450 ARG A CA    1 
ATOM   812  C C     . ARG A 1 107 ? 1.035   1.556   11.263  1.00 17.24 ? 450 ARG A C     1 
ATOM   813  O O     . ARG A 1 107 ? 0.482   0.545   11.707  1.00 16.63 ? 450 ARG A O     1 
ATOM   814  C CB    . ARG A 1 107 ? 3.363   0.626   11.117  1.00 16.54 ? 450 ARG A CB    1 
ATOM   815  C CG    . ARG A 1 107 ? 4.499   0.137   10.256  1.00 17.85 ? 450 ARG A CG    1 
ATOM   816  C CD    . ARG A 1 107 ? 5.316   -0.958  10.962  1.00 20.00 ? 450 ARG A CD    1 
ATOM   817  N NE    . ARG A 1 107 ? 6.449   -1.391  10.130  1.00 21.94 ? 450 ARG A NE    1 
ATOM   818  C CZ    . ARG A 1 107 ? 7.511   -0.616  9.854   1.00 22.40 ? 450 ARG A CZ    1 
ATOM   819  N NH1   . ARG A 1 107 ? 7.600   0.605   10.357  1.00 22.48 ? 450 ARG A NH1   1 
ATOM   820  N NH2   . ARG A 1 107 ? 8.489   -1.062  9.062   1.00 25.99 ? 450 ARG A NH2   1 
ATOM   821  N N     . ARG A 1 108 ? 0.587   2.785   11.491  1.00 17.69 ? 451 ARG A N     1 
ATOM   822  C CA    . ARG A 1 108 ? -0.618  3.061   12.265  1.00 18.20 ? 451 ARG A CA    1 
ATOM   823  C C     . ARG A 1 108 ? -1.877  2.850   11.439  1.00 19.14 ? 451 ARG A C     1 
ATOM   824  O O     . ARG A 1 108 ? -1.866  3.047   10.231  1.00 16.35 ? 451 ARG A O     1 
ATOM   825  C CB    . ARG A 1 108 ? -0.609  4.523   12.761  1.00 20.65 ? 451 ARG A CB    1 
ATOM   826  C CG    . ARG A 1 108 ? 0.594   4.914   13.628  1.00 21.77 ? 451 ARG A CG    1 
ATOM   827  C CD    . ARG A 1 108 ? 0.474   4.408   15.030  1.00 25.95 ? 451 ARG A CD    1 
ATOM   828  N NE    . ARG A 1 108 ? -0.718  4.960   15.688  1.00 28.25 ? 451 ARG A NE    1 
ATOM   829  C CZ    . ARG A 1 108 ? -0.781  6.147   16.304  1.00 30.63 ? 451 ARG A CZ    1 
ATOM   830  N NH1   . ARG A 1 108 ? 0.277   6.963   16.369  1.00 32.39 ? 451 ARG A NH1   1 
ATOM   831  N NH2   . ARG A 1 108 ? -1.925  6.529   16.862  1.00 30.55 ? 451 ARG A NH2   1 
ATOM   832  N N     . GLU A 1 109 ? -2.961  2.489   12.124  1.00 17.80 ? 452 GLU A N     1 
ATOM   833  C CA    . GLU A 1 109 ? -4.254  2.188   11.489  1.00 19.87 ? 452 GLU A CA    1 
ATOM   834  C C     . GLU A 1 109 ? -5.123  3.427   11.356  1.00 18.16 ? 452 GLU A C     1 
ATOM   835  O O     . GLU A 1 109 ? -4.865  4.459   11.985  1.00 18.09 ? 452 GLU A O     1 
ATOM   836  C CB    . GLU A 1 109 ? -5.060  1.164   12.294  1.00 21.56 ? 452 GLU A CB    1 
ATOM   837  C CG    . GLU A 1 109 ? -4.436  -0.213  12.463  1.00 28.84 ? 452 GLU A CG    1 
ATOM   838  C CD    . GLU A 1 109 ? -5.340  -1.152  13.247  1.00 32.35 ? 452 GLU A CD    1 
ATOM   839  O OE1   . GLU A 1 109 ? -6.274  -0.676  13.963  1.00 35.51 ? 452 GLU A OE1   1 
ATOM   840  O OE2   . GLU A 1 109 ? -5.121  -2.369  13.138  1.00 40.22 ? 452 GLU A OE2   1 
ATOM   841  N N     . LEU A 1 110 ? -6.129  3.312   10.494  1.00 18.15 ? 453 LEU A N     1 
ATOM   842  C CA    . LEU A 1 110 ? -7.114  4.349   10.288  1.00 18.52 ? 453 LEU A CA    1 
ATOM   843  C C     . LEU A 1 110 ? -8.434  3.652   10.009  1.00 18.42 ? 453 LEU A C     1 
ATOM   844  O O     . LEU A 1 110 ? -8.592  2.986   8.981   1.00 18.79 ? 453 LEU A O     1 
ATOM   845  C CB    . LEU A 1 110 ? -6.734  5.297   9.123   1.00 18.23 ? 453 LEU A CB    1 
ATOM   846  C CG    . LEU A 1 110 ? -7.715  6.468   8.830   1.00 17.45 ? 453 LEU A CG    1 
ATOM   847  C CD1   . LEU A 1 110 ? -7.447  7.644   9.758   1.00 17.90 ? 453 LEU A CD1   1 
ATOM   848  C CD2   . LEU A 1 110 ? -7.571  6.947   7.407   1.00 17.15 ? 453 LEU A CD2   1 
ATOM   849  N N     . PRO A 1 111 ? -9.394  3.787   10.937  1.00 19.93 ? 454 PRO A N     1 
ATOM   850  C CA    . PRO A 1 111 ? -10.728 3.246   10.752  1.00 20.13 ? 454 PRO A CA    1 
ATOM   851  C C     . PRO A 1 111 ? -11.403 3.881   9.558   1.00 17.58 ? 454 PRO A C     1 
ATOM   852  O O     . PRO A 1 111 ? -11.234 5.069   9.339   1.00 18.52 ? 454 PRO A O     1 
ATOM   853  C CB    . PRO A 1 111 ? -11.465 3.674   12.041  1.00 21.71 ? 454 PRO A CB    1 
ATOM   854  C CG    . PRO A 1 111 ? -10.395 3.864   13.046  1.00 24.47 ? 454 PRO A CG    1 
ATOM   855  C CD    . PRO A 1 111 ? -9.199  4.350   12.287  1.00 20.78 ? 454 PRO A CD    1 
ATOM   856  N N     . PHE A 1 112 ? -12.187 3.113   8.816   1.00 16.87 ? 455 PHE A N     1 
ATOM   857  C CA    . PHE A 1 112 ? -12.890 3.668   7.659   1.00 15.88 ? 455 PHE A CA    1 
ATOM   858  C C     . PHE A 1 112 ? -13.784 4.872   8.026   1.00 15.46 ? 455 PHE A C     1 
ATOM   859  O O     . PHE A 1 112 ? -14.001 5.738   7.204   1.00 15.51 ? 455 PHE A O     1 
ATOM   860  C CB    . PHE A 1 112 ? -13.777 2.641   6.962   1.00 14.69 ? 455 PHE A CB    1 
ATOM   861  C CG    . PHE A 1 112 ? -13.040 1.546   6.225   1.00 13.47 ? 455 PHE A CG    1 
ATOM   862  C CD1   . PHE A 1 112 ? -11.766 1.707   5.730   1.00 13.08 ? 455 PHE A CD1   1 
ATOM   863  C CD2   . PHE A 1 112 ? -13.697 0.363   5.962   1.00 12.86 ? 455 PHE A CD2   1 
ATOM   864  C CE1   . PHE A 1 112 ? -11.150 0.697   5.040   1.00 12.89 ? 455 PHE A CE1   1 
ATOM   865  C CE2   . PHE A 1 112 ? -13.074 -0.664  5.286   1.00 13.10 ? 455 PHE A CE2   1 
ATOM   866  C CZ    . PHE A 1 112 ? -11.809 -0.497  4.805   1.00 13.57 ? 455 PHE A CZ    1 
ATOM   867  N N     . THR A 1 113 ? -14.294 4.920   9.247   1.00 14.99 ? 456 THR A N     1 
ATOM   868  C CA    . THR A 1 113 ? -15.143 6.051   9.664   1.00 16.15 ? 456 THR A CA    1 
ATOM   869  C C     . THR A 1 113 ? -14.459 7.402   9.532   1.00 16.48 ? 456 THR A C     1 
ATOM   870  O O     . THR A 1 113 ? -15.126 8.389   9.305   1.00 14.75 ? 456 THR A O     1 
ATOM   871  C CB    . THR A 1 113 ? -15.632 5.902   11.111  1.00 16.76 ? 456 THR A CB    1 
ATOM   872  O OG1   . THR A 1 113 ? -14.508 5.766   11.974  1.00 15.05 ? 456 THR A OG1   1 
ATOM   873  C CG2   . THR A 1 113 ? -16.499 4.690   11.246  1.00 18.38 ? 456 THR A CG2   1 
ATOM   874  N N     . LYS A 1 114 ? -13.127 7.438   9.624   1.00 16.73 ? 457 LYS A N     1 
ATOM   875  C CA    . LYS A 1 114 ? -12.389 8.671   9.518   1.00 17.90 ? 457 LYS A CA    1 
ATOM   876  C C     . LYS A 1 114 ? -12.131 9.113   8.076   1.00 17.29 ? 457 LYS A C     1 
ATOM   877  O O     . LYS A 1 114 ? -11.727 10.259  7.849   1.00 18.27 ? 457 LYS A O     1 
ATOM   878  C CB    . LYS A 1 114 ? -11.030 8.526   10.221  1.00 19.61 ? 457 LYS A CB    1 
ATOM   879  C CG    . LYS A 1 114 ? -11.118 8.227   11.705  1.00 22.61 ? 457 LYS A CG    1 
ATOM   880  C CD    . LYS A 1 114 ? -11.853 9.310   12.476  1.00 23.63 ? 457 LYS A CD    1 
ATOM   881  C CE    . LYS A 1 114 ? -11.874 9.033   13.964  1.00 26.29 ? 457 LYS A CE    1 
ATOM   882  N NZ    . LYS A 1 114 ? -10.489 8.907   14.437  1.00 27.74 ? 457 LYS A NZ    1 
ATOM   883  N N     . SER A 1 115 ? -12.348 8.220   7.112   1.00 16.38 ? 458 SER A N     1 
ATOM   884  C CA    . SER A 1 115 ? -12.206 8.564   5.706   1.00 15.83 ? 458 SER A CA    1 
ATOM   885  C C     . SER A 1 115 ? -13.560 8.633   4.965   1.00 15.00 ? 458 SER A C     1 
ATOM   886  O O     . SER A 1 115 ? -13.566 8.698   3.757   1.00 14.30 ? 458 SER A O     1 
ATOM   887  C CB    . SER A 1 115 ? -11.300 7.548   5.001   1.00 16.15 ? 458 SER A CB    1 
ATOM   888  O OG    . SER A 1 115 ? -11.919 6.262   4.946   1.00 16.21 ? 458 SER A OG    1 
ATOM   889  N N     . ALA A 1 116 ? -14.681 8.628   5.683   1.00 17.18 ? 459 ALA A N     1 
ATOM   890  C CA    . ALA A 1 116 ? -16.022 8.557   5.032   1.00 18.03 ? 459 ALA A CA    1 
ATOM   891  C C     . ALA A 1 116 ? -16.344 9.705   4.079   1.00 18.08 ? 459 ALA A C     1 
ATOM   892  O O     . ALA A 1 116 ? -17.166 9.583   3.173   1.00 20.64 ? 459 ALA A O     1 
ATOM   893  C CB    . ALA A 1 116 ? -17.106 8.444   6.089   1.00 18.70 ? 459 ALA A CB    1 
ATOM   894  N N     . HIS A 1 117 ? -15.737 10.843  4.320   1.00 19.83 ? 460 HIS A N     1 
ATOM   895  C CA    . HIS A 1 117 ? -15.916 12.024  3.474   1.00 18.70 ? 460 HIS A CA    1 
ATOM   896  C C     . HIS A 1 117 ? -15.123 11.982  2.143   1.00 19.13 ? 460 HIS A C     1 
ATOM   897  O O     . HIS A 1 117 ? -15.400 12.763  1.252   1.00 23.29 ? 460 HIS A O     1 
ATOM   898  C CB    . HIS A 1 117 ? -15.531 13.285  4.279   1.00 17.81 ? 460 HIS A CB    1 
ATOM   899  C CG    . HIS A 1 117 ? -14.095 13.305  4.684   1.00 16.72 ? 460 HIS A CG    1 
ATOM   900  N ND1   . HIS A 1 117 ? -13.603 12.535  5.713   1.00 17.17 ? 460 HIS A ND1   1 
ATOM   901  C CD2   . HIS A 1 117 ? -13.031 13.957  4.167   1.00 18.23 ? 460 HIS A CD2   1 
ATOM   902  C CE1   . HIS A 1 117 ? -12.301 12.710  5.821   1.00 17.49 ? 460 HIS A CE1   1 
ATOM   903  N NE2   . HIS A 1 117 ? -11.928 13.582  4.906   1.00 18.56 ? 460 HIS A NE2   1 
ATOM   904  N N     . LEU A 1 118 ? -14.126 11.096  2.031   1.00 17.52 ? 461 LEU A N     1 
ATOM   905  C CA    . LEU A 1 118 ? -13.267 10.975  0.835   1.00 14.78 ? 461 LEU A CA    1 
ATOM   906  C C     . LEU A 1 118 ? -13.876 9.984   -0.169  1.00 16.58 ? 461 LEU A C     1 
ATOM   907  O O     . LEU A 1 118 ? -14.166 8.820   0.184   1.00 15.37 ? 461 LEU A O     1 
ATOM   908  C CB    . LEU A 1 118 ? -11.845 10.501  1.231   1.00 14.03 ? 461 LEU A CB    1 
ATOM   909  C CG    . LEU A 1 118 ? -10.963 11.462  2.016   1.00 15.19 ? 461 LEU A CG    1 
ATOM   910  C CD1   . LEU A 1 118 ? -9.534  10.897  2.181   1.00 15.67 ? 461 LEU A CD1   1 
ATOM   911  C CD2   . LEU A 1 118 ? -10.938 12.812  1.340   1.00 14.78 ? 461 LEU A CD2   1 
ATOM   912  N N     . THR A 1 119 ? -14.078 10.439  -1.407  1.00 16.39 ? 462 THR A N     1 
ATOM   913  C CA    . THR A 1 119 ? -14.557 9.586   -2.502  1.00 18.43 ? 462 THR A CA    1 
ATOM   914  C C     . THR A 1 119 ? -13.474 9.538   -3.566  1.00 17.08 ? 462 THR A C     1 
ATOM   915  O O     . THR A 1 119 ? -12.658 10.433  -3.643  1.00 17.74 ? 462 THR A O     1 
ATOM   916  C CB    . THR A 1 119 ? -15.859 10.115  -3.155  1.00 20.07 ? 462 THR A CB    1 
ATOM   917  O OG1   . THR A 1 119 ? -15.661 11.454  -3.593  1.00 22.43 ? 462 THR A OG1   1 
ATOM   918  C CG2   . THR A 1 119 ? -17.045 10.052  -2.199  1.00 23.90 ? 462 THR A CG2   1 
ATOM   919  N N     . ASN A 1 120 ? -13.458 8.459   -4.342  1.00 15.43 ? 463 ASN A N     1 
ATOM   920  C CA    . ASN A 1 120 ? -12.391 8.175   -5.293  1.00 14.56 ? 463 ASN A CA    1 
ATOM   921  C C     . ASN A 1 120 ? -12.932 8.306   -6.729  1.00 13.92 ? 463 ASN A C     1 
ATOM   922  O O     . ASN A 1 120 ? -13.664 7.414   -7.202  1.00 12.54 ? 463 ASN A O     1 
ATOM   923  C CB    . ASN A 1 120 ? -11.860 6.763   -5.028  1.00 14.07 ? 463 ASN A CB    1 
ATOM   924  C CG    . ASN A 1 120 ? -10.729 6.349   -5.961  1.00 13.30 ? 463 ASN A CG    1 
ATOM   925  O OD1   . ASN A 1 120 ? -10.231 7.123   -6.758  1.00 11.26 ? 463 ASN A OD1   1 
ATOM   926  N ND2   . ASN A 1 120 ? -10.313 5.089   -5.835  1.00 12.52 ? 463 ASN A ND2   1 
ATOM   927  N N     . PRO A 1 121 ? -12.579 9.416   -7.422  1.00 13.04 ? 464 PRO A N     1 
ATOM   928  C CA    . PRO A 1 121 ? -13.057 9.656   -8.776  1.00 14.59 ? 464 PRO A CA    1 
ATOM   929  C C     . PRO A 1 121 ? -12.683 8.555   -9.729  1.00 14.22 ? 464 PRO A C     1 
ATOM   930  O O     . PRO A 1 121 ? -13.346 8.412   -10.729 1.00 17.17 ? 464 PRO A O     1 
ATOM   931  C CB    . PRO A 1 121 ? -12.352 10.944  -9.224  1.00 14.32 ? 464 PRO A CB    1 
ATOM   932  C CG    . PRO A 1 121 ? -11.799 11.558  -8.025  1.00 15.75 ? 464 PRO A CG    1 
ATOM   933  C CD    . PRO A 1 121 ? -11.706 10.505  -6.951  1.00 14.45 ? 464 PRO A CD    1 
ATOM   934  N N     . TRP A 1 122 ? -11.650 7.781   -9.420  1.00 13.64 ? 465 TRP A N     1 
ATOM   935  C CA    . TRP A 1 122 ? -11.289 6.641   -10.291 1.00 13.64 ? 465 TRP A CA    1 
ATOM   936  C C     . TRP A 1 122 ? -11.984 5.334   -9.919  1.00 14.35 ? 465 TRP A C     1 
ATOM   937  O O     . TRP A 1 122 ? -11.701 4.299   -10.556 1.00 14.65 ? 465 TRP A O     1 
ATOM   938  C CB    . TRP A 1 122 ? -9.762  6.475   -10.354 1.00 13.36 ? 465 TRP A CB    1 
ATOM   939  C CG    . TRP A 1 122 ? -9.036  7.706   -10.860 1.00 12.95 ? 465 TRP A CG    1 
ATOM   940  C CD1   . TRP A 1 122 ? -9.576  8.785   -11.493 1.00 13.08 ? 465 TRP A CD1   1 
ATOM   941  C CD2   . TRP A 1 122 ? -7.627  7.950   -10.771 1.00 12.65 ? 465 TRP A CD2   1 
ATOM   942  N NE1   . TRP A 1 122 ? -8.586  9.695   -11.791 1.00 13.01 ? 465 TRP A NE1   1 
ATOM   943  C CE2   . TRP A 1 122 ? -7.379  9.197   -11.355 1.00 13.06 ? 465 TRP A CE2   1 
ATOM   944  C CE3   . TRP A 1 122 ? -6.549  7.226   -10.252 1.00 12.02 ? 465 TRP A CE3   1 
ATOM   945  C CZ2   . TRP A 1 122 ? -6.096  9.742   -11.422 1.00 12.47 ? 465 TRP A CZ2   1 
ATOM   946  C CZ3   . TRP A 1 122 ? -5.279  7.770   -10.314 1.00 14.23 ? 465 TRP A CZ3   1 
ATOM   947  C CH2   . TRP A 1 122 ? -5.059  9.005   -10.904 1.00 12.54 ? 465 TRP A CH2   1 
ATOM   948  N N     . ASN A 1 123 ? -12.882 5.361   -8.911  1.00 12.95 ? 466 ASN A N     1 
ATOM   949  C CA    . ASN A 1 123 ? -13.794 4.246   -8.660  1.00 12.99 ? 466 ASN A CA    1 
ATOM   950  C C     . ASN A 1 123 ? -15.259 4.678   -8.552  1.00 14.40 ? 466 ASN A C     1 
ATOM   951  O O     . ASN A 1 123 ? -15.938 4.453   -7.517  1.00 14.26 ? 466 ASN A O     1 
ATOM   952  C CB    . ASN A 1 123 ? -13.384 3.473   -7.415  1.00 13.16 ? 466 ASN A CB    1 
ATOM   953  C CG    . ASN A 1 123 ? -14.007 2.099   -7.382  1.00 12.37 ? 466 ASN A CG    1 
ATOM   954  O OD1   . ASN A 1 123 ? -14.323 1.561   -8.424  1.00 13.68 ? 466 ASN A OD1   1 
ATOM   955  N ND2   . ASN A 1 123 ? -14.233 1.554   -6.206  1.00 13.30 ? 466 ASN A ND2   1 
ATOM   956  N N     . GLU A 1 124 ? -15.739 5.322   -9.601  1.00 14.71 ? 467 GLU A N     1 
ATOM   957  C CA    . GLU A 1 124 ? -17.127 5.782   -9.670  1.00 17.15 ? 467 GLU A CA    1 
ATOM   958  C C     . GLU A 1 124 ? -17.518 6.687   -8.518  1.00 16.66 ? 467 GLU A C     1 
ATOM   959  O O     . GLU A 1 124 ? -18.714 6.766   -8.145  1.00 16.28 ? 467 GLU A O     1 
ATOM   960  C CB    . GLU A 1 124 ? -18.061 4.593   -9.694  1.00 18.27 ? 467 GLU A CB    1 
ATOM   961  C CG    . GLU A 1 124 ? -17.723 3.607   -10.781 1.00 20.74 ? 467 GLU A CG    1 
ATOM   962  C CD    . GLU A 1 124 ? -18.692 2.447   -10.811 1.00 23.68 ? 467 GLU A CD    1 
ATOM   963  O OE1   . GLU A 1 124 ? -19.905 2.716   -10.826 1.00 26.91 ? 467 GLU A OE1   1 
ATOM   964  O OE2   . GLU A 1 124 ? -18.249 1.288   -10.843 1.00 27.33 ? 467 GLU A OE2   1 
ATOM   965  N N     . HIS A 1 125 ? -16.540 7.378   -7.937  1.00 17.71 ? 468 HIS A N     1 
ATOM   966  C CA    . HIS A 1 125 ? -16.811 8.330   -6.849  1.00 18.37 ? 468 HIS A CA    1 
ATOM   967  C C     . HIS A 1 125 ? -17.396 7.643   -5.603  1.00 19.82 ? 468 HIS A C     1 
ATOM   968  O O     . HIS A 1 125 ? -18.061 8.272   -4.770  1.00 20.13 ? 468 HIS A O     1 
ATOM   969  C CB    . HIS A 1 125 ? -17.718 9.470   -7.339  1.00 20.21 ? 468 HIS A CB    1 
ATOM   970  C CG    . HIS A 1 125 ? -17.129 10.252  -8.476  1.00 19.19 ? 468 HIS A CG    1 
ATOM   971  N ND1   . HIS A 1 125 ? -16.239 11.281  -8.282  1.00 21.64 ? 468 HIS A ND1   1 
ATOM   972  C CD2   . HIS A 1 125 ? -17.288 10.137  -9.814  1.00 20.94 ? 468 HIS A CD2   1 
ATOM   973  C CE1   . HIS A 1 125 ? -15.882 11.780  -9.453  1.00 22.57 ? 468 HIS A CE1   1 
ATOM   974  N NE2   . HIS A 1 125 ? -16.496 11.093  -10.400 1.00 22.19 ? 468 HIS A NE2   1 
ATOM   975  N N     . LYS A 1 126 ? -17.108 6.345   -5.475  1.00 17.96 ? 469 LYS A N     1 
ATOM   976  C CA    . LYS A 1 126 ? -17.422 5.604   -4.288  1.00 17.39 ? 469 LYS A CA    1 
ATOM   977  C C     . LYS A 1 126 ? -16.504 6.072   -3.180  1.00 15.32 ? 469 LYS A C     1 
ATOM   978  O O     . LYS A 1 126 ? -15.394 6.500   -3.443  1.00 15.77 ? 469 LYS A O     1 
ATOM   979  C CB    . LYS A 1 126 ? -17.230 4.102   -4.505  1.00 17.99 ? 469 LYS A CB    1 
ATOM   980  C CG    . LYS A 1 126 ? -18.260 3.459   -5.433  1.00 19.15 ? 469 LYS A CG    1 
ATOM   981  C CD    . LYS A 1 126 ? -17.830 2.074   -5.823  1.00 20.30 ? 469 LYS A CD    1 
ATOM   982  C CE    . LYS A 1 126 ? -18.902 1.410   -6.647  1.00 22.42 ? 469 LYS A CE    1 
ATOM   983  N NZ    . LYS A 1 126 ? -18.549 -0.024  -6.798  1.00 23.69 ? 469 LYS A NZ    1 
ATOM   984  N N     . PRO A 1 127 ? -16.971 5.998   -1.920  1.00 13.67 ? 470 PRO A N     1 
ATOM   985  C CA    . PRO A 1 127 ? -16.095 6.253   -0.783  1.00 12.63 ? 470 PRO A CA    1 
ATOM   986  C C     . PRO A 1 127 ? -14.779 5.463   -0.894  1.00 11.33 ? 470 PRO A C     1 
ATOM   987  O O     . PRO A 1 127 ? -14.820 4.306   -1.277  1.00 10.79 ? 470 PRO A O     1 
ATOM   988  C CB    . PRO A 1 127 ? -16.914 5.712   0.397   1.00 12.65 ? 470 PRO A CB    1 
ATOM   989  C CG    . PRO A 1 127 ? -18.362 5.916   -0.022  1.00 14.75 ? 470 PRO A CG    1 
ATOM   990  C CD    . PRO A 1 127 ? -18.391 5.921   -1.532  1.00 14.79 ? 470 PRO A CD    1 
ATOM   991  N N     . VAL A 1 128 ? -13.669 6.086   -0.527  1.00 11.09 ? 471 VAL A N     1 
ATOM   992  C CA    . VAL A 1 128 ? -12.327 5.512   -0.764  1.00 12.54 ? 471 VAL A CA    1 
ATOM   993  C C     . VAL A 1 128 ? -12.103 4.127   -0.157  1.00 12.65 ? 471 VAL A C     1 
ATOM   994  O O     . VAL A 1 128 ? -11.282 3.351   -0.670  1.00 12.88 ? 471 VAL A O     1 
ATOM   995  C CB    . VAL A 1 128 ? -11.172 6.481   -0.372  1.00 13.00 ? 471 VAL A CB    1 
ATOM   996  C CG1   . VAL A 1 128 ? -11.065 6.643   1.123   1.00 13.56 ? 471 VAL A CG1   1 
ATOM   997  C CG2   . VAL A 1 128 ? -9.851  5.981   -0.936  1.00 12.76 ? 471 VAL A CG2   1 
ATOM   998  N N     . LYS A 1 129 ? -12.812 3.820   0.941   1.00 13.73 ? 472 LYS A N     1 
ATOM   999  C CA    . LYS A 1 129 ? -12.810 2.497   1.560   1.00 16.06 ? 472 LYS A CA    1 
ATOM   1000 C C     . LYS A 1 129 ? -13.260 1.353   0.637   1.00 16.87 ? 472 LYS A C     1 
ATOM   1001 O O     . LYS A 1 129 ? -12.917 0.176   0.894   1.00 19.54 ? 472 LYS A O     1 
ATOM   1002 C CB    . LYS A 1 129 ? -13.722 2.490   2.807   1.00 14.95 ? 472 LYS A CB    1 
ATOM   1003 C CG    . LYS A 1 129 ? -15.226 2.607   2.496   1.00 13.43 ? 472 LYS A CG    1 
ATOM   1004 C CD    . LYS A 1 129 ? -16.054 2.126   3.666   1.00 13.63 ? 472 LYS A CD    1 
ATOM   1005 C CE    . LYS A 1 129 ? -17.533 2.439   3.502   1.00 15.35 ? 472 LYS A CE    1 
ATOM   1006 N NZ    . LYS A 1 129 ? -18.382 1.455   4.248   1.00 15.73 ? 472 LYS A NZ    1 
ATOM   1007 N N     . ILE A 1 130 ? -14.051 1.687   -0.394  1.00 16.36 ? 473 ILE A N     1 
ATOM   1008 C CA    . ILE A 1 130 ? -14.580 0.706   -1.324  1.00 14.88 ? 473 ILE A CA    1 
ATOM   1009 C C     . ILE A 1 130 ? -13.592 0.617   -2.474  1.00 15.66 ? 473 ILE A C     1 
ATOM   1010 O O     . ILE A 1 130 ? -13.213 1.647   -3.075  1.00 14.61 ? 473 ILE A O     1 
ATOM   1011 C CB    . ILE A 1 130 ? -15.972 1.090   -1.852  1.00 14.29 ? 473 ILE A CB    1 
ATOM   1012 C CG1   . ILE A 1 130 ? -16.919 1.372   -0.691  1.00 14.79 ? 473 ILE A CG1   1 
ATOM   1013 C CG2   . ILE A 1 130 ? -16.505 -0.006  -2.758  1.00 14.60 ? 473 ILE A CG2   1 
ATOM   1014 C CD1   . ILE A 1 130 ? -18.377 1.465   -1.121  1.00 15.13 ? 473 ILE A CD1   1 
ATOM   1015 N N     . GLY A 1 131 ? -13.134 -0.597  -2.751  1.00 16.73 ? 474 GLY A N     1 
ATOM   1016 C CA    . GLY A 1 131 ? -12.094 -0.806  -3.766  1.00 15.81 ? 474 GLY A CA    1 
ATOM   1017 C C     . GLY A 1 131 ? -11.534 -2.205  -3.699  1.00 15.06 ? 474 GLY A C     1 
ATOM   1018 O O     . GLY A 1 131 ? -11.320 -2.736  -2.610  1.00 14.27 ? 474 GLY A O     1 
ATOM   1019 N N     . ARG A 1 132 ? -11.329 -2.816  -4.862  1.00 13.23 ? 475 ARG A N     1 
ATOM   1020 C CA    . ARG A 1 132 ? -10.713 -4.143  -4.940  1.00 14.77 ? 475 ARG A CA    1 
ATOM   1021 C C     . ARG A 1 132 ? -9.199  -3.984  -4.680  1.00 12.64 ? 475 ARG A C     1 
ATOM   1022 O O     . ARG A 1 132 ? -8.683  -2.867  -4.738  1.00 13.12 ? 475 ARG A O     1 
ATOM   1023 C CB    . ARG A 1 132 ? -10.920 -4.718  -6.337  1.00 17.60 ? 475 ARG A CB    1 
ATOM   1024 C CG    . ARG A 1 132 ? -12.356 -5.061  -6.681  1.00 21.00 ? 475 ARG A CG    1 
ATOM   1025 C CD    . ARG A 1 132 ? -12.732 -6.417  -6.113  1.00 25.41 ? 475 ARG A CD    1 
ATOM   1026 N NE    . ARG A 1 132 ? -14.061 -6.832  -6.559  1.00 28.20 ? 475 ARG A NE    1 
ATOM   1027 C CZ    . ARG A 1 132 ? -14.613 -8.010  -6.296  1.00 33.53 ? 475 ARG A CZ    1 
ATOM   1028 N NH1   . ARG A 1 132 ? -15.838 -8.268  -6.753  1.00 33.08 ? 475 ARG A NH1   1 
ATOM   1029 N NH2   . ARG A 1 132 ? -13.953 -8.928  -5.582  1.00 27.89 ? 475 ARG A NH2   1 
ATOM   1030 N N     . ASP A 1 133 ? -8.500  -5.075  -4.415  1.00 12.47 ? 476 ASP A N     1 
ATOM   1031 C CA    . ASP A 1 133 ? -7.006  -5.067  -4.354  1.00 12.68 ? 476 ASP A CA    1 
ATOM   1032 C C     . ASP A 1 133 ? -6.482  -4.451  -5.669  1.00 13.23 ? 476 ASP A C     1 
ATOM   1033 O O     . ASP A 1 133 ? -6.942  -4.829  -6.750  1.00 12.53 ? 476 ASP A O     1 
ATOM   1034 C CB    . ASP A 1 133 ? -6.514  -6.492  -4.202  1.00 12.64 ? 476 ASP A CB    1 
ATOM   1035 C CG    . ASP A 1 133 ? -4.969  -6.632  -4.062  1.00 12.50 ? 476 ASP A CG    1 
ATOM   1036 O OD1   . ASP A 1 133 ? -4.298  -5.912  -3.301  1.00 11.72 ? 476 ASP A OD1   1 
ATOM   1037 O OD2   . ASP A 1 133 ? -4.447  -7.550  -4.740  1.00 12.79 ? 476 ASP A OD2   1 
ATOM   1038 N N     . GLY A 1 134 ? -5.591  -3.470  -5.543  1.00 12.94 ? 477 GLY A N     1 
ATOM   1039 C CA    . GLY A 1 134 ? -4.922  -2.831  -6.687  1.00 13.37 ? 477 GLY A CA    1 
ATOM   1040 C C     . GLY A 1 134 ? -5.653  -1.643  -7.295  1.00 14.08 ? 477 GLY A C     1 
ATOM   1041 O O     . GLY A 1 134 ? -5.203  -1.093  -8.289  1.00 12.70 ? 477 GLY A O     1 
ATOM   1042 N N     . GLN A 1 135 ? -6.789  -1.268  -6.721  1.00 13.18 ? 478 GLN A N     1 
ATOM   1043 C CA    . GLN A 1 135 ? -7.553  -0.147  -7.220  1.00 14.22 ? 478 GLN A CA    1 
ATOM   1044 C C     . GLN A 1 135 ? -6.718  1.090   -7.043  1.00 13.38 ? 478 GLN A C     1 
ATOM   1045 O O     . GLN A 1 135 ? -6.199  1.353   -5.948  1.00 13.50 ? 478 GLN A O     1 
ATOM   1046 C CB    . GLN A 1 135 ? -8.859  0.007   -6.455  1.00 15.22 ? 478 GLN A CB    1 
ATOM   1047 C CG    . GLN A 1 135 ? -9.553  1.352   -6.671  1.00 15.79 ? 478 GLN A CG    1 
ATOM   1048 C CD    . GLN A 1 135 ? -10.155 1.455   -8.043  1.00 17.20 ? 478 GLN A CD    1 
ATOM   1049 O OE1   . GLN A 1 135 ? -11.049 0.677   -8.393  1.00 17.98 ? 478 GLN A OE1   1 
ATOM   1050 N NE2   . GLN A 1 135 ? -9.663  2.397   -8.843  1.00 16.00 ? 478 GLN A NE2   1 
ATOM   1051 N N     . GLU A 1 136 ? -6.534  1.842   -8.130  1.00 12.98 ? 479 GLU A N     1 
ATOM   1052 C CA    . GLU A 1 136 ? -5.734  3.041   -8.018  1.00 13.89 ? 479 GLU A CA    1 
ATOM   1053 C C     . GLU A 1 136 ? -6.594  4.140   -7.425  1.00 13.30 ? 479 GLU A C     1 
ATOM   1054 O O     . GLU A 1 136 ? -7.821  4.268   -7.727  1.00 12.23 ? 479 GLU A O     1 
ATOM   1055 C CB    . GLU A 1 136 ? -5.105  3.475   -9.332  1.00 14.52 ? 479 GLU A CB    1 
ATOM   1056 C CG    . GLU A 1 136 ? -3.955  4.451   -9.054  1.00 14.97 ? 479 GLU A CG    1 
ATOM   1057 C CD    . GLU A 1 136 ? -3.136  4.821   -10.256 1.00 15.13 ? 479 GLU A CD    1 
ATOM   1058 O OE1   . GLU A 1 136 ? -3.215  4.123   -11.296 1.00 14.48 ? 479 GLU A OE1   1 
ATOM   1059 O OE2   . GLU A 1 136 ? -2.440  5.859   -10.151 1.00 15.55 ? 479 GLU A OE2   1 
ATOM   1060 N N     . ILE A 1 137 ? -5.970  4.927   -6.569  1.00 12.54 ? 480 ILE A N     1 
ATOM   1061 C CA    . ILE A 1 137 ? -6.668  6.055   -5.948  1.00 13.61 ? 480 ILE A CA    1 
ATOM   1062 C C     . ILE A 1 137 ? -6.178  7.341   -6.561  1.00 14.54 ? 480 ILE A C     1 
ATOM   1063 O O     . ILE A 1 137 ? -4.968  7.569   -6.666  1.00 13.74 ? 480 ILE A O     1 
ATOM   1064 C CB    . ILE A 1 137 ? -6.474  6.082   -4.427  1.00 12.96 ? 480 ILE A CB    1 
ATOM   1065 C CG1   . ILE A 1 137 ? -6.976  4.758   -3.822  1.00 12.94 ? 480 ILE A CG1   1 
ATOM   1066 C CG2   . ILE A 1 137 ? -7.241  7.222   -3.801  1.00 13.09 ? 480 ILE A CG2   1 
ATOM   1067 C CD1   . ILE A 1 137 ? -6.463  4.569   -2.433  1.00 12.37 ? 480 ILE A CD1   1 
ATOM   1068 N N     . GLU A 1 138 ? -7.145  8.152   -7.012  1.00 14.89 ? 481 GLU A N     1 
ATOM   1069 C CA    . GLU A 1 138 ? -6.837  9.471   -7.595  1.00 15.64 ? 481 GLU A CA    1 
ATOM   1070 C C     . GLU A 1 138 ? -5.950  10.327  -6.650  1.00 15.62 ? 481 GLU A C     1 
ATOM   1071 O O     . GLU A 1 138 ? -6.026  10.213  -5.424  1.00 13.93 ? 481 GLU A O     1 
ATOM   1072 C CB    . GLU A 1 138 ? -8.157  10.169  -7.965  1.00 16.65 ? 481 GLU A CB    1 
ATOM   1073 C CG    . GLU A 1 138 ? -8.060  11.544  -8.601  1.00 18.41 ? 481 GLU A CG    1 
ATOM   1074 C CD    . GLU A 1 138 ? -8.133  12.682  -7.607  1.00 20.70 ? 481 GLU A CD    1 
ATOM   1075 O OE1   . GLU A 1 138 ? -8.728  12.501  -6.514  1.00 24.47 ? 481 GLU A OE1   1 
ATOM   1076 O OE2   . GLU A 1 138 ? -7.567  13.763  -7.920  1.00 22.80 ? 481 GLU A OE2   1 
ATOM   1077 N N     . LEU A 1 139 ? -5.141  11.192  -7.254  1.00 16.84 ? 482 LEU A N     1 
ATOM   1078 C CA    . LEU A 1 139 ? -4.114  12.010  -6.549  1.00 18.63 ? 482 LEU A CA    1 
ATOM   1079 C C     . LEU A 1 139 ? -4.589  12.752  -5.288  1.00 19.21 ? 482 LEU A C     1 
ATOM   1080 O O     . LEU A 1 139 ? -4.011  12.588  -4.215  1.00 18.49 ? 482 LEU A O     1 
ATOM   1081 C CB    . LEU A 1 139 ? -3.531  13.043  -7.506  1.00 18.83 ? 482 LEU A CB    1 
ATOM   1082 C CG    . LEU A 1 139 ? -2.429  13.987  -7.026  1.00 20.74 ? 482 LEU A CG    1 
ATOM   1083 C CD1   . LEU A 1 139 ? -1.267  13.263  -6.390  1.00 21.26 ? 482 LEU A CD1   1 
ATOM   1084 C CD2   . LEU A 1 139 ? -1.941  14.811  -8.221  1.00 24.89 ? 482 LEU A CD2   1 
ATOM   1085 N N     . GLU A 1 140 ? -5.639  13.561  -5.429  1.00 20.30 ? 483 GLU A N     1 
ATOM   1086 C CA    . GLU A 1 140 ? -6.131  14.381  -4.300  1.00 23.55 ? 483 GLU A CA    1 
ATOM   1087 C C     . GLU A 1 140 ? -6.668  13.473  -3.187  1.00 21.17 ? 483 GLU A C     1 
ATOM   1088 O O     . GLU A 1 140 ? -6.285  13.596  -2.030  1.00 20.32 ? 483 GLU A O     1 
ATOM   1089 C CB    . GLU A 1 140 ? -7.239  15.344  -4.757  1.00 25.59 ? 483 GLU A CB    1 
ATOM   1090 C CG    . GLU A 1 140 ? -6.828  16.325  -5.853  1.00 30.17 ? 483 GLU A CG    1 
ATOM   1091 C CD    . GLU A 1 140 ? -5.970  17.504  -5.383  1.00 33.64 ? 483 GLU A CD    1 
ATOM   1092 O OE1   . GLU A 1 140 ? -5.552  17.561  -4.191  1.00 33.83 ? 483 GLU A OE1   1 
ATOM   1093 O OE2   . GLU A 1 140 ? -5.720  18.394  -6.236  1.00 39.21 ? 483 GLU A OE2   1 
ATOM   1094 N N     . CYS A 1 141 ? -7.548  12.559  -3.562  1.00 19.25 ? 484 CYS A N     1 
ATOM   1095 C CA    . CYS A 1 141 ? -8.127  11.604  -2.618  1.00 17.55 ? 484 CYS A CA    1 
ATOM   1096 C C     . CYS A 1 141 ? -7.055  10.813  -1.882  1.00 15.37 ? 484 CYS A C     1 
ATOM   1097 O O     . CYS A 1 141 ? -7.110  10.668  -0.666  1.00 13.94 ? 484 CYS A O     1 
ATOM   1098 C CB    . CYS A 1 141 ? -9.013  10.641  -3.378  1.00 16.70 ? 484 CYS A CB    1 
ATOM   1099 S SG    . CYS A 1 141 ? -9.874  9.445   -2.354  1.00 18.43 ? 484 CYS A SG    1 
ATOM   1100 N N     . GLY A 1 142 ? -6.117  10.243  -2.631  1.00 15.30 ? 485 GLY A N     1 
ATOM   1101 C CA    . GLY A 1 142 ? -4.989  9.508   -2.034  1.00 15.61 ? 485 GLY A CA    1 
ATOM   1102 C C     . GLY A 1 142 ? -4.118  10.315  -1.085  1.00 16.45 ? 485 GLY A C     1 
ATOM   1103 O O     . GLY A 1 142 ? -3.671  9.842   -0.028  1.00 18.03 ? 485 GLY A O     1 
ATOM   1104 N N     . THR A 1 143 ? -3.827  11.541  -1.474  1.00 16.87 ? 486 THR A N     1 
ATOM   1105 C CA    . THR A 1 143 ? -2.982  12.391  -0.664  1.00 16.64 ? 486 THR A CA    1 
ATOM   1106 C C     . THR A 1 143 ? -3.683  12.726  0.627   1.00 14.94 ? 486 THR A C     1 
ATOM   1107 O O     . THR A 1 143 ? -3.117  12.622  1.700   1.00 14.99 ? 486 THR A O     1 
ATOM   1108 C CB    . THR A 1 143 ? -2.623  13.690  -1.410  1.00 17.55 ? 486 THR A CB    1 
ATOM   1109 O OG1   . THR A 1 143 ? -1.877  13.365  -2.597  1.00 16.73 ? 486 THR A OG1   1 
ATOM   1110 C CG2   . THR A 1 143 ? -1.811  14.615  -0.521  1.00 18.61 ? 486 THR A CG2   1 
ATOM   1111 N N     . GLN A 1 144 ? -4.948  13.096  0.515   1.00 16.46 ? 487 GLN A N     1 
ATOM   1112 C CA    . GLN A 1 144 ? -5.730  13.479  1.669   1.00 16.90 ? 487 GLN A CA    1 
ATOM   1113 C C     . GLN A 1 144 ? -5.953  12.280  2.567   1.00 16.18 ? 487 GLN A C     1 
ATOM   1114 O O     . GLN A 1 144 ? -5.919  12.400  3.808   1.00 14.90 ? 487 GLN A O     1 
ATOM   1115 C CB    A GLN A 1 144 ? -7.074  14.114  1.241   0.50 17.67 ? 487 GLN A CB    1 
ATOM   1116 C CB    B GLN A 1 144 ? -7.074  14.098  1.221   0.50 18.36 ? 487 GLN A CB    1 
ATOM   1117 C CG    A GLN A 1 144 ? -6.938  15.435  0.466   0.50 18.11 ? 487 GLN A CG    1 
ATOM   1118 C CG    B GLN A 1 144 ? -6.913  15.449  0.515   0.50 19.44 ? 487 GLN A CG    1 
ATOM   1119 C CD    A GLN A 1 144 ? -5.908  16.388  1.055   0.50 18.77 ? 487 GLN A CD    1 
ATOM   1120 C CD    B GLN A 1 144 ? -8.208  15.963  -0.082  0.50 20.98 ? 487 GLN A CD    1 
ATOM   1121 O OE1   A GLN A 1 144 ? -5.840  16.577  2.279   0.50 20.89 ? 487 GLN A OE1   1 
ATOM   1122 O OE1   B GLN A 1 144 ? -9.259  15.856  0.521   0.50 23.23 ? 487 GLN A OE1   1 
ATOM   1123 N NE2   A GLN A 1 144 ? -5.104  17.011  0.183   0.50 18.53 ? 487 GLN A NE2   1 
ATOM   1124 N NE2   B GLN A 1 144 ? -8.127  16.534  -1.279  0.50 22.17 ? 487 GLN A NE2   1 
ATOM   1125 N N     . LEU A 1 145 ? -6.124  11.102  1.971   1.00 15.73 ? 488 LEU A N     1 
ATOM   1126 C CA    . LEU A 1 145 ? -6.311  9.920   2.775   1.00 14.23 ? 488 LEU A CA    1 
ATOM   1127 C C     . LEU A 1 145 ? -5.075  9.653   3.625   1.00 13.71 ? 488 LEU A C     1 
ATOM   1128 O O     . LEU A 1 145 ? -5.177  9.515   4.840   1.00 13.77 ? 488 LEU A O     1 
ATOM   1129 C CB    . LEU A 1 145 ? -6.604  8.705   1.895   1.00 15.12 ? 488 LEU A CB    1 
ATOM   1130 C CG    . LEU A 1 145 ? -6.712  7.378   2.631   1.00 13.92 ? 488 LEU A CG    1 
ATOM   1131 C CD1   . LEU A 1 145 ? -7.743  7.389   3.754   1.00 14.30 ? 488 LEU A CD1   1 
ATOM   1132 C CD2   . LEU A 1 145 ? -7.076  6.287   1.634   1.00 15.10 ? 488 LEU A CD2   1 
ATOM   1133 N N     . CYS A 1 146 ? -3.914  9.559   2.998   1.00 13.78 ? 489 CYS A N     1 
ATOM   1134 C CA    . CYS A 1 146 ? -2.660  9.352   3.741   1.00 14.46 ? 489 CYS A CA    1 
ATOM   1135 C C     . CYS A 1 146 ? -2.455  10.366  4.858   1.00 16.46 ? 489 CYS A C     1 
ATOM   1136 O O     . CYS A 1 146 ? -1.962  10.017  5.946   1.00 16.10 ? 489 CYS A O     1 
ATOM   1137 C CB    . CYS A 1 146 ? -1.487  9.405   2.796   1.00 15.65 ? 489 CYS A CB    1 
ATOM   1138 S SG    . CYS A 1 146 ? -1.344  7.936   1.763   1.00 16.82 ? 489 CYS A SG    1 
ATOM   1139 N N     . LEU A 1 147 ? -2.842  11.617  4.600   1.00 17.16 ? 490 LEU A N     1 
ATOM   1140 C CA    . LEU A 1 147 ? -2.728  12.676  5.605   1.00 19.05 ? 490 LEU A CA    1 
ATOM   1141 C C     . LEU A 1 147 ? -3.649  12.468  6.831   1.00 19.91 ? 490 LEU A C     1 
ATOM   1142 O O     . LEU A 1 147 ? -3.323  12.953  7.927   1.00 21.31 ? 490 LEU A O     1 
ATOM   1143 C CB    . LEU A 1 147 ? -2.954  14.061  4.975   1.00 18.93 ? 490 LEU A CB    1 
ATOM   1144 C CG    . LEU A 1 147 ? -1.864  14.541  3.988   1.00 21.73 ? 490 LEU A CG    1 
ATOM   1145 C CD1   . LEU A 1 147 ? -2.373  15.678  3.113   1.00 22.16 ? 490 LEU A CD1   1 
ATOM   1146 C CD2   . LEU A 1 147 ? -0.562  14.964  4.657   1.00 22.11 ? 490 LEU A CD2   1 
ATOM   1147 N N     . LEU A 1 148 ? -4.775  11.758  6.662   1.00 18.12 ? 491 LEU A N     1 
ATOM   1148 C CA    . LEU A 1 148 ? -5.651  11.375  7.799   1.00 16.54 ? 491 LEU A CA    1 
ATOM   1149 C C     . LEU A 1 148 ? -5.015  10.401  8.771   1.00 16.29 ? 491 LEU A C     1 
ATOM   1150 O O     . LEU A 1 148 ? -5.417  10.334  9.937   1.00 15.91 ? 491 LEU A O     1 
ATOM   1151 C CB    . LEU A 1 148 ? -6.980  10.775  7.322   1.00 15.39 ? 491 LEU A CB    1 
ATOM   1152 C CG    . LEU A 1 148 ? -7.910  11.701  6.547   1.00 15.36 ? 491 LEU A CG    1 
ATOM   1153 C CD1   . LEU A 1 148 ? -9.207  10.984  6.275   1.00 15.68 ? 491 LEU A CD1   1 
ATOM   1154 C CD2   . LEU A 1 148 ? -8.163  13.005  7.285   1.00 15.24 ? 491 LEU A CD2   1 
ATOM   1155 N N     . PHE A 1 149 ? -4.023  9.632   8.349   1.00 16.94 ? 492 PHE A N     1 
ATOM   1156 C CA    . PHE A 1 149 ? -3.478  8.639   9.286   1.00 18.53 ? 492 PHE A CA    1 
ATOM   1157 C C     . PHE A 1 149 ? -2.843  9.363   10.475  1.00 19.30 ? 492 PHE A C     1 
ATOM   1158 O O     . PHE A 1 149 ? -2.229  10.404  10.281  1.00 17.75 ? 492 PHE A O     1 
ATOM   1159 C CB    . PHE A 1 149 ? -2.430  7.744   8.631   1.00 17.94 ? 492 PHE A CB    1 
ATOM   1160 C CG    . PHE A 1 149 ? -3.001  6.660   7.747   1.00 16.91 ? 492 PHE A CG    1 
ATOM   1161 C CD1   . PHE A 1 149 ? -3.441  6.953   6.465   1.00 16.44 ? 492 PHE A CD1   1 
ATOM   1162 C CD2   . PHE A 1 149 ? -3.069  5.353   8.193   1.00 17.28 ? 492 PHE A CD2   1 
ATOM   1163 C CE1   . PHE A 1 149 ? -3.939  5.955   5.648   1.00 16.84 ? 492 PHE A CE1   1 
ATOM   1164 C CE2   . PHE A 1 149 ? -3.572  4.350   7.374   1.00 17.28 ? 492 PHE A CE2   1 
ATOM   1165 C CZ    . PHE A 1 149 ? -4.003  4.654   6.107   1.00 16.59 ? 492 PHE A CZ    1 
ATOM   1166 N N     . PRO A 1 150 ? -2.961  8.792   11.694  1.00 20.92 ? 493 PRO A N     1 
ATOM   1167 C CA    . PRO A 1 150 ? -2.156  9.331   12.807  1.00 23.09 ? 493 PRO A CA    1 
ATOM   1168 C C     . PRO A 1 150 ? -0.676  9.270   12.458  1.00 25.38 ? 493 PRO A C     1 
ATOM   1169 O O     . PRO A 1 150 ? -0.269  8.400   11.682  1.00 23.33 ? 493 PRO A O     1 
ATOM   1170 C CB    . PRO A 1 150 ? -2.499  8.425   14.004  1.00 21.90 ? 493 PRO A CB    1 
ATOM   1171 C CG    . PRO A 1 150 ? -3.352  7.325   13.493  1.00 21.05 ? 493 PRO A CG    1 
ATOM   1172 C CD    . PRO A 1 150 ? -3.769  7.618   12.081  1.00 20.80 ? 493 PRO A CD    1 
ATOM   1173 N N     . PRO A 1 151 ? 0.120   10.231  12.958  1.00 27.52 ? 494 PRO A N     1 
ATOM   1174 C CA    . PRO A 1 151 ? 1.564   10.190  12.736  1.00 29.30 ? 494 PRO A CA    1 
ATOM   1175 C C     . PRO A 1 151 ? 2.164   8.932   13.320  1.00 24.60 ? 494 PRO A C     1 
ATOM   1176 O O     . PRO A 1 151 ? 1.757   8.508   14.401  1.00 25.43 ? 494 PRO A O     1 
ATOM   1177 C CB    . PRO A 1 151 ? 2.084   11.420  13.501  1.00 31.33 ? 494 PRO A CB    1 
ATOM   1178 C CG    . PRO A 1 151 ? 0.933   12.355  13.558  1.00 34.05 ? 494 PRO A CG    1 
ATOM   1179 C CD    . PRO A 1 151 ? -0.328  11.537  13.478  1.00 31.37 ? 494 PRO A CD    1 
ATOM   1180 N N     . ASP A 1 152 ? 3.082   8.314   12.598  1.00 25.60 ? 495 ASP A N     1 
ATOM   1181 C CA    . ASP A 1 152 ? 3.735   7.130   13.113  1.00 25.84 ? 495 ASP A CA    1 
ATOM   1182 C C     . ASP A 1 152 ? 4.951   7.561   13.911  1.00 29.18 ? 495 ASP A C     1 
ATOM   1183 O O     . ASP A 1 152 ? 5.994   7.886   13.345  1.00 29.03 ? 495 ASP A O     1 
ATOM   1184 C CB    . ASP A 1 152 ? 4.147   6.139   12.016  1.00 25.39 ? 495 ASP A CB    1 
ATOM   1185 C CG    . ASP A 1 152 ? 4.637   4.803   12.598  1.00 26.22 ? 495 ASP A CG    1 
ATOM   1186 O OD1   . ASP A 1 152 ? 5.410   4.810   13.587  1.00 28.36 ? 495 ASP A OD1   1 
ATOM   1187 O OD2   . ASP A 1 152 ? 4.237   3.741   12.095  1.00 21.22 ? 495 ASP A OD2   1 
ATOM   1188 N N     . GLU A 1 153 ? 4.814   7.467   15.228  1.00 32.22 ? 496 GLU A N     1 
ATOM   1189 C CA    . GLU A 1 153 ? 5.803   7.951   16.182  1.00 36.22 ? 496 GLU A CA    1 
ATOM   1190 C C     . GLU A 1 153 ? 7.160   7.244   16.107  1.00 35.73 ? 496 GLU A C     1 
ATOM   1191 O O     . GLU A 1 153 ? 8.055   7.625   16.848  1.00 35.54 ? 496 GLU A O     1 
ATOM   1192 C CB    . GLU A 1 153 ? 5.264   7.790   17.624  1.00 39.97 ? 496 GLU A CB    1 
ATOM   1193 C CG    . GLU A 1 153 ? 3.865   8.349   17.889  1.00 45.03 ? 496 GLU A CG    1 
ATOM   1194 C CD    . GLU A 1 153 ? 3.740   9.847   17.627  1.00 46.89 ? 496 GLU A CD    1 
ATOM   1195 O OE1   . GLU A 1 153 ? 4.771   10.558  17.545  1.00 51.21 ? 496 GLU A OE1   1 
ATOM   1196 O OE2   . GLU A 1 153 ? 2.590   10.312  17.509  1.00 50.96 ? 496 GLU A OE2   1 
ATOM   1197 N N     . SER A 1 154 ? 7.302   6.214   15.254  1.00 31.95 ? 497 SER A N     1 
ATOM   1198 C CA    . SER A 1 154 ? 8.528   5.389   15.195  1.00 32.67 ? 497 SER A CA    1 
ATOM   1199 C C     . SER A 1 154 ? 9.204   5.286   13.822  1.00 32.96 ? 497 SER A C     1 
ATOM   1200 O O     . SER A 1 154 ? 10.187  4.544   13.673  1.00 33.92 ? 497 SER A O     1 
ATOM   1201 C CB    . SER A 1 154 ? 8.216   3.964   15.675  1.00 35.67 ? 497 SER A CB    1 
ATOM   1202 O OG    . SER A 1 154 ? 7.459   3.242   14.715  1.00 40.00 ? 497 SER A OG    1 
ATOM   1203 N N     . ILE A 1 155 ? 8.685   5.984   12.811  1.00 29.69 ? 498 ILE A N     1 
ATOM   1204 C CA    . ILE A 1 155 ? 9.344   5.985   11.504  1.00 27.78 ? 498 ILE A CA    1 
ATOM   1205 C C     . ILE A 1 155 ? 9.970   7.348   11.208  1.00 27.86 ? 498 ILE A C     1 
ATOM   1206 O O     . ILE A 1 155 ? 9.310   8.377   11.261  1.00 26.98 ? 498 ILE A O     1 
ATOM   1207 C CB    . ILE A 1 155 ? 8.386   5.614   10.348  1.00 25.70 ? 498 ILE A CB    1 
ATOM   1208 C CG1   . ILE A 1 155 ? 7.826   4.186   10.526  1.00 23.43 ? 498 ILE A CG1   1 
ATOM   1209 C CG2   . ILE A 1 155 ? 9.132   5.718   9.020   1.00 27.23 ? 498 ILE A CG2   1 
ATOM   1210 C CD1   . ILE A 1 155 ? 6.656   3.874   9.606   1.00 21.68 ? 498 ILE A CD1   1 
ATOM   1211 N N     . ASP A 1 156 ? 11.242  7.328   10.866  1.00 27.01 ? 499 ASP A N     1 
ATOM   1212 C CA    . ASP A 1 156 ? 11.983  8.524   10.564  1.00 31.84 ? 499 ASP A CA    1 
ATOM   1213 C C     . ASP A 1 156 ? 12.055  8.603   9.050   1.00 32.29 ? 499 ASP A C     1 
ATOM   1214 O O     . ASP A 1 156 ? 12.641  7.743   8.394   1.00 31.29 ? 499 ASP A O     1 
ATOM   1215 C CB    . ASP A 1 156 ? 13.379  8.405   11.187  1.00 35.30 ? 499 ASP A CB    1 
ATOM   1216 C CG    . ASP A 1 156 ? 14.189  9.686   11.091  1.00 38.34 ? 499 ASP A CG    1 
ATOM   1217 O OD1   . ASP A 1 156 ? 14.247  10.295  10.007  1.00 35.18 ? 499 ASP A OD1   1 
ATOM   1218 O OD2   . ASP A 1 156 ? 14.794  10.069  12.107  1.00 45.12 ? 499 ASP A OD2   1 
ATOM   1219 N N     . LEU A 1 157 ? 11.485  9.647   8.484   1.00 33.39 ? 500 LEU A N     1 
ATOM   1220 C CA    . LEU A 1 157 ? 11.364  9.716   7.030   1.00 39.38 ? 500 LEU A CA    1 
ATOM   1221 C C     . LEU A 1 157 ? 12.695  9.996   6.309   1.00 38.84 ? 500 LEU A C     1 
ATOM   1222 O O     . LEU A 1 157 ? 12.707  10.111  5.076   1.00 39.12 ? 500 LEU A O     1 
ATOM   1223 C CB    . LEU A 1 157 ? 10.287  10.746  6.660   1.00 39.28 ? 500 LEU A CB    1 
ATOM   1224 C CG    . LEU A 1 157 ? 8.911   10.382  7.251   1.00 42.02 ? 500 LEU A CG    1 
ATOM   1225 C CD1   . LEU A 1 157 ? 7.876   11.493  7.072   1.00 43.36 ? 500 LEU A CD1   1 
ATOM   1226 C CD2   . LEU A 1 157 ? 8.412   9.064   6.662   1.00 40.49 ? 500 LEU A CD2   1 
ATOM   1227 N N     . TYR A 1 158 ? 13.805  10.063  7.075   1.00 38.87 ? 501 TYR A N     1 
ATOM   1228 C CA    . TYR A 1 158 ? 15.155  10.330  6.542   1.00 35.07 ? 501 TYR A CA    1 
ATOM   1229 C C     . TYR A 1 158 ? 15.586  9.311   5.492   1.00 35.97 ? 501 TYR A C     1 
ATOM   1230 O O     . TYR A 1 158 ? 16.058  9.697   4.420   1.00 35.70 ? 501 TYR A O     1 
ATOM   1231 C CB    . TYR A 1 158 ? 16.225  10.386  7.678   1.00 34.72 ? 501 TYR A CB    1 
ATOM   1232 C CG    A TYR A 1 158 ? 16.799  9.025   8.069   0.50 32.77 ? 501 TYR A CG    1 
ATOM   1233 C CD1   A TYR A 1 158 ? 16.059  8.115   8.821   0.50 32.06 ? 501 TYR A CD1   1 
ATOM   1234 C CD2   A TYR A 1 158 ? 18.063  8.640   7.651   0.50 33.17 ? 501 TYR A CD2   1 
ATOM   1235 C CE1   A TYR A 1 158 ? 16.565  6.878   9.149   0.50 30.88 ? 501 TYR A CE1   1 
ATOM   1236 C CE2   A TYR A 1 158 ? 18.576  7.401   7.983   0.50 32.04 ? 501 TYR A CE2   1 
ATOM   1237 C CZ    A TYR A 1 158 ? 17.822  6.527   8.731   0.50 31.66 ? 501 TYR A CZ    1 
ATOM   1238 O OH    A TYR A 1 158 ? 18.341  5.298   9.066   0.50 30.98 ? 501 TYR A OH    1 
ATOM   1239 N N     . GLN A 1 159 ? 15.426  8.016   5.791   1.00 38.61 ? 502 GLN A N     1 
ATOM   1240 C CA    . GLN A 1 159 ? 15.930  6.950   4.904   1.00 44.03 ? 502 GLN A CA    1 
ATOM   1241 C C     . GLN A 1 159 ? 15.043  6.852   3.677   1.00 44.96 ? 502 GLN A C     1 
ATOM   1242 O O     . GLN A 1 159 ? 15.533  6.656   2.553   1.00 47.79 ? 502 GLN A O     1 
ATOM   1243 C CB    . GLN A 1 159 ? 15.969  5.587   5.620   1.00 43.51 ? 502 GLN A CB    1 
ATOM   1244 N N     . VAL A 1 160 ? 13.737  7.010   3.908   1.00 51.27 ? 503 VAL A N     1 
ATOM   1245 C CA    . VAL A 1 160 ? 12.735  6.952   2.839   1.00 49.31 ? 503 VAL A CA    1 
ATOM   1246 C C     . VAL A 1 160 ? 13.045  8.043   1.838   1.00 47.25 ? 503 VAL A C     1 
ATOM   1247 O O     . VAL A 1 160 ? 13.167  7.776   0.642   1.00 48.43 ? 503 VAL A O     1 
ATOM   1248 C CB    . VAL A 1 160 ? 11.289  7.140   3.371   1.00 52.30 ? 503 VAL A CB    1 
ATOM   1249 C CG1   . VAL A 1 160 ? 10.282  6.962   2.243   1.00 53.95 ? 503 VAL A CG1   1 
ATOM   1250 C CG2   . VAL A 1 160 ? 10.988  6.166   4.509   1.00 54.99 ? 503 VAL A CG2   1 
ATOM   1251 N N     . ILE A 1 161 ? 13.192  9.275   2.339   1.00 45.90 ? 504 ILE A N     1 
ATOM   1252 C CA    . ILE A 1 161 ? 13.584  10.407  1.489   1.00 42.28 ? 504 ILE A CA    1 
ATOM   1253 C C     . ILE A 1 161 ? 14.992  10.184  0.908   1.00 40.68 ? 504 ILE A C     1 
ATOM   1254 O O     . ILE A 1 161 ? 15.231  10.513  -0.251  1.00 48.36 ? 504 ILE A O     1 
ATOM   1255 C CB    . ILE A 1 161 ? 13.479  11.765  2.226   1.00 38.13 ? 504 ILE A CB    1 
ATOM   1256 C CG1   . ILE A 1 161 ? 12.021  12.042  2.595   1.00 36.65 ? 504 ILE A CG1   1 
ATOM   1257 C CG2   . ILE A 1 161 ? 13.995  12.912  1.343   1.00 37.20 ? 504 ILE A CG2   1 
ATOM   1258 C CD1   . ILE A 1 161 ? 11.812  13.282  3.436   1.00 34.69 ? 504 ILE A CD1   1 
ATOM   1259 N N     . HIS A 1 162 ? 15.903  9.611   1.693   1.00 42.65 ? 505 HIS A N     1 
ATOM   1260 C CA    . HIS A 1 162 ? 17.256  9.293   1.200   1.00 48.41 ? 505 HIS A CA    1 
ATOM   1261 C C     . HIS A 1 162 ? 17.194  8.486   -0.097  1.00 50.43 ? 505 HIS A C     1 
ATOM   1262 O O     . HIS A 1 162 ? 17.794  8.871   -1.099  1.00 55.29 ? 505 HIS A O     1 
ATOM   1263 C CB    . HIS A 1 162 ? 18.074  8.531   2.254   1.00 47.12 ? 505 HIS A CB    1 
ATOM   1264 N N     . LYS A 1 163 ? 16.445  7.387   -0.070  1.00 57.63 ? 506 LYS A N     1 
ATOM   1265 C CA    . LYS A 1 163 ? 16.275  6.511   -1.245  1.00 60.98 ? 506 LYS A CA    1 
ATOM   1266 C C     . LYS A 1 163 ? 15.826  7.248   -2.510  1.00 64.96 ? 506 LYS A C     1 
ATOM   1267 O O     . LYS A 1 163 ? 16.326  6.984   -3.607  1.00 73.53 ? 506 LYS A O     1 
ATOM   1268 C CB    . LYS A 1 163 ? 15.281  5.403   -0.931  1.00 57.54 ? 506 LYS A CB    1 
ATOM   1269 C CG    . LYS A 1 163 ? 15.821  4.375   0.041   1.00 58.16 ? 506 LYS A CG    1 
ATOM   1270 C CD    . LYS A 1 163 ? 14.726  3.852   0.950   1.00 58.07 ? 506 LYS A CD    1 
ATOM   1271 C CE    . LYS A 1 163 ? 15.119  2.542   1.605   1.00 56.91 ? 506 LYS A CE    1 
ATOM   1272 N NZ    . LYS A 1 163 ? 14.902  1.401   0.676   1.00 55.66 ? 506 LYS A NZ    1 
ATOM   1273 N N     . MET A 1 164 ? 14.891  8.175   -2.355  1.00 62.31 ? 507 MET A N     1 
ATOM   1274 C CA    . MET A 1 164 ? 14.409  8.957   -3.483  1.00 59.25 ? 507 MET A CA    1 
ATOM   1275 C C     . MET A 1 164 ? 15.452  10.018  -3.835  1.00 60.68 ? 507 MET A C     1 
ATOM   1276 O O     . MET A 1 164 ? 16.155  9.909   -4.839  1.00 62.54 ? 507 MET A O     1 
ATOM   1277 C CB    . MET A 1 164 ? 13.083  9.635   -3.136  1.00 55.56 ? 507 MET A CB    1 
ATOM   1278 C CG    . MET A 1 164 ? 12.007  8.709   -2.590  1.00 50.52 ? 507 MET A CG    1 
ATOM   1279 S SD    . MET A 1 164 ? 11.023  9.529   -1.325  1.00 49.82 ? 507 MET A SD    1 
ATOM   1280 C CE    . MET A 1 164 ? 10.553  11.023  -2.195  1.00 46.31 ? 507 MET A CE    1 
ATOM   1281 O "O5'" . G   B 2 1   ? -8.918  -12.843 -14.496 1.00 28.65 ? 1   G   B "O5'" 1 
ATOM   1282 C "C5'" . G   B 2 1   ? -8.831  -13.554 -13.228 1.00 29.69 ? 1   G   B "C5'" 1 
ATOM   1283 C "C4'" . G   B 2 1   ? -9.474  -12.769 -12.094 1.00 25.90 ? 1   G   B "C4'" 1 
ATOM   1284 O "O4'" . G   B 2 1   ? -8.827  -11.458 -11.996 1.00 22.45 ? 1   G   B "O4'" 1 
ATOM   1285 C "C3'" . G   B 2 1   ? -10.982 -12.483 -12.218 1.00 24.30 ? 1   G   B "C3'" 1 
ATOM   1286 O "O3'" . G   B 2 1   ? -11.751 -12.504 -10.993 1.00 23.55 ? 1   G   B "O3'" 1 
ATOM   1287 C "C2'" . G   B 2 1   ? -10.996 -11.045 -12.727 1.00 23.67 ? 1   G   B "C2'" 1 
ATOM   1288 O "O2'" . G   B 2 1   ? -12.228 -10.373 -12.531 1.00 22.51 ? 1   G   B "O2'" 1 
ATOM   1289 C "C1'" . G   B 2 1   ? -9.828  -10.464 -11.931 1.00 22.42 ? 1   G   B "C1'" 1 
ATOM   1290 N N9    . G   B 2 1   ? -9.291  -9.208  -12.447 1.00 23.60 ? 1   G   B N9    1 
ATOM   1291 C C8    . G   B 2 1   ? -9.088  -8.864  -13.765 1.00 24.12 ? 1   G   B C8    1 
ATOM   1292 N N7    . G   B 2 1   ? -8.625  -7.653  -13.910 1.00 23.20 ? 1   G   B N7    1 
ATOM   1293 C C5    . G   B 2 1   ? -8.522  -7.164  -12.614 1.00 23.40 ? 1   G   B C5    1 
ATOM   1294 C C6    . G   B 2 1   ? -8.067  -5.907  -12.140 1.00 25.08 ? 1   G   B C6    1 
ATOM   1295 O O6    . G   B 2 1   ? -7.684  -4.930  -12.796 1.00 22.96 ? 1   G   B O6    1 
ATOM   1296 N N1    . G   B 2 1   ? -8.096  -5.843  -10.748 1.00 24.54 ? 1   G   B N1    1 
ATOM   1297 C C2    . G   B 2 1   ? -8.532  -6.851  -9.919  1.00 23.68 ? 1   G   B C2    1 
ATOM   1298 N N2    . G   B 2 1   ? -8.501  -6.593  -8.598  1.00 21.84 ? 1   G   B N2    1 
ATOM   1299 N N3    . G   B 2 1   ? -8.955  -8.028  -10.351 1.00 20.77 ? 1   G   B N3    1 
ATOM   1300 C C4    . G   B 2 1   ? -8.909  -8.120  -11.698 1.00 22.92 ? 1   G   B C4    1 
ATOM   1301 P P     . G   B 2 2   ? -12.422 -13.867 -10.487 1.00 21.80 ? 2   G   B P     1 
ATOM   1302 O OP1   . G   B 2 2   ? -12.896 -14.585 -11.704 1.00 23.13 ? 2   G   B OP1   1 
ATOM   1303 O OP2   . G   B 2 2   ? -13.355 -13.541 -9.405  1.00 23.26 ? 2   G   B OP2   1 
ATOM   1304 O "O5'" . G   B 2 2   ? -11.175 -14.660 -9.890  1.00 17.63 ? 2   G   B "O5'" 1 
ATOM   1305 C "C5'" . G   B 2 2   ? -10.565 -14.207 -8.685  1.00 16.58 ? 2   G   B "C5'" 1 
ATOM   1306 C "C4'" . G   B 2 2   ? -9.605  -15.231 -8.165  1.00 15.30 ? 2   G   B "C4'" 1 
ATOM   1307 O "O4'" . G   B 2 2   ? -8.711  -15.654 -9.230  1.00 14.89 ? 2   G   B "O4'" 1 
ATOM   1308 C "C3'" . G   B 2 2   ? -8.692  -14.735 -7.055  1.00 15.35 ? 2   G   B "C3'" 1 
ATOM   1309 O "O3'" . G   B 2 2   ? -9.312  -14.911 -5.779  1.00 15.08 ? 2   G   B "O3'" 1 
ATOM   1310 C "C2'" . G   B 2 2   ? -7.480  -15.656 -7.180  1.00 15.30 ? 2   G   B "C2'" 1 
ATOM   1311 O "O2'" . G   B 2 2   ? -7.704  -16.860 -6.483  1.00 16.34 ? 2   G   B "O2'" 1 
ATOM   1312 C "C1'" . G   B 2 2   ? -7.424  -15.947 -8.681  1.00 15.52 ? 2   G   B "C1'" 1 
ATOM   1313 N N9    . G   B 2 2   ? -6.415  -15.174 -9.408  1.00 16.43 ? 2   G   B N9    1 
ATOM   1314 C C8    . G   B 2 2   ? -5.311  -15.676 -10.057 1.00 15.64 ? 2   G   B C8    1 
ATOM   1315 N N7    . G   B 2 2   ? -4.596  -14.754 -10.642 1.00 16.70 ? 2   G   B N7    1 
ATOM   1316 C C5    . G   B 2 2   ? -5.265  -13.567 -10.357 1.00 17.57 ? 2   G   B C5    1 
ATOM   1317 C C6    . G   B 2 2   ? -4.965  -12.229 -10.732 1.00 17.47 ? 2   G   B C6    1 
ATOM   1318 O O6    . G   B 2 2   ? -4.011  -11.811 -11.392 1.00 17.65 ? 2   G   B O6    1 
ATOM   1319 N N1    . G   B 2 2   ? -5.904  -11.333 -10.226 1.00 15.73 ? 2   G   B N1    1 
ATOM   1320 C C2    . G   B 2 2   ? -7.001  -11.679 -9.477  1.00 15.96 ? 2   G   B C2    1 
ATOM   1321 N N2    . G   B 2 2   ? -7.814  -10.672 -9.110  1.00 15.04 ? 2   G   B N2    1 
ATOM   1322 N N3    . G   B 2 2   ? -7.297  -12.922 -9.130  1.00 14.94 ? 2   G   B N3    1 
ATOM   1323 C C4    . G   B 2 2   ? -6.393  -13.809 -9.604  1.00 15.97 ? 2   G   B C4    1 
HETATM 1324 C C2    . 6MZ B 2 3   ? -3.666  -12.233 1.282   1.00 11.32 ? 3   6MZ B C2    1 
HETATM 1325 C C4    . 6MZ B 2 3   ? -4.375  -11.109 -0.648  1.00 11.00 ? 3   6MZ B C4    1 
HETATM 1326 C C5    . 6MZ B 2 3   ? -3.020  -10.786 -1.007  1.00 11.05 ? 3   6MZ B C5    1 
HETATM 1327 O O1P   . 6MZ B 2 3   ? -10.348 -14.138 -3.597  1.00 15.42 ? 3   6MZ B O1P   1 
HETATM 1328 O O2P   . 6MZ B 2 3   ? -10.853 -12.909 -5.802  1.00 15.60 ? 3   6MZ B O2P   1 
HETATM 1329 N N9    . 6MZ B 2 3   ? -5.145  -10.562 -1.568  1.00 12.04 ? 3   6MZ B N9    1 
HETATM 1330 N N3    . 6MZ B 2 3   ? -4.663  -11.823 0.488   1.00 10.51 ? 3   6MZ B N3    1 
HETATM 1331 N N1    . 6MZ B 2 3   ? -2.390  -11.975 0.986   1.00 12.21 ? 3   6MZ B N1    1 
HETATM 1332 C C6    . 6MZ B 2 3   ? -1.991  -11.294 -0.104  1.00 11.44 ? 3   6MZ B C6    1 
HETATM 1333 N N6    . 6MZ B 2 3   ? -0.681  -11.076 -0.358  1.00 13.26 ? 3   6MZ B N6    1 
HETATM 1334 C C9    . 6MZ B 2 3   ? 0.376   -11.527 0.501   1.00 13.13 ? 3   6MZ B C9    1 
HETATM 1335 N N7    . 6MZ B 2 3   ? -3.055  -10.076 -2.167  1.00 11.60 ? 3   6MZ B N7    1 
HETATM 1336 C C8    . 6MZ B 2 3   ? -4.367  -9.963  -2.500  1.00 12.45 ? 3   6MZ B C8    1 
HETATM 1337 O "O5'" . 6MZ B 2 3   ? -8.531  -12.816 -4.843  1.00 13.38 ? 3   6MZ B "O5'" 1 
HETATM 1338 C "C5'" . 6MZ B 2 3   ? -8.476  -11.378 -4.615  1.00 12.35 ? 3   6MZ B "C5'" 1 
HETATM 1339 C "C4'" . 6MZ B 2 3   ? -8.276  -11.092 -3.114  1.00 11.68 ? 3   6MZ B "C4'" 1 
HETATM 1340 O "O4'" . 6MZ B 2 3   ? -6.957  -11.529 -2.685  1.00 11.85 ? 3   6MZ B "O4'" 1 
HETATM 1341 C "C1'" . 6MZ B 2 3   ? -6.601  -10.710 -1.568  1.00 11.55 ? 3   6MZ B "C1'" 1 
HETATM 1342 C "C2'" . 6MZ B 2 3   ? -7.411  -9.431  -1.601  1.00 11.32 ? 3   6MZ B "C2'" 1 
HETATM 1343 O "O2'" . 6MZ B 2 3   ? -8.052  -9.341  -0.313  1.00 11.99 ? 3   6MZ B "O2'" 1 
HETATM 1344 C "C3'" . 6MZ B 2 3   ? -8.338  -9.611  -2.757  1.00 12.09 ? 3   6MZ B "C3'" 1 
HETATM 1345 O "O3'" . 6MZ B 2 3   ? -9.671  -9.207  -2.463  1.00 13.13 ? 3   6MZ B "O3'" 1 
HETATM 1346 P P     . 6MZ B 2 3   ? -9.906  -13.672 -4.938  1.00 15.59 ? 3   6MZ B P     1 
ATOM   1347 P P     . C   B 2 4   ? -10.534 -8.167  -3.302  1.00 14.43 ? 4   C   B P     1 
ATOM   1348 O OP1   . C   B 2 4   ? -11.855 -8.770  -3.555  1.00 14.76 ? 4   C   B OP1   1 
ATOM   1349 O OP2   . C   B 2 4   ? -9.782  -7.501  -4.414  1.00 13.09 ? 4   C   B OP2   1 
ATOM   1350 O "O5'" . C   B 2 4   ? -10.732 -6.976  -2.263  1.00 15.24 ? 4   C   B "O5'" 1 
ATOM   1351 C "C5'" . C   B 2 4   ? -11.905 -6.920  -1.418  1.00 14.14 ? 4   C   B "C5'" 1 
ATOM   1352 C "C4'" . C   B 2 4   ? -12.596 -5.593  -1.579  1.00 12.89 ? 4   C   B "C4'" 1 
ATOM   1353 O "O4'" . C   B 2 4   ? -13.221 -5.516  -2.875  1.00 13.66 ? 4   C   B "O4'" 1 
ATOM   1354 C "C3'" . C   B 2 4   ? -13.746 -5.319  -0.620  1.00 13.44 ? 4   C   B "C3'" 1 
ATOM   1355 O "O3'" . C   B 2 4   ? -13.197 -4.856  0.612   1.00 11.88 ? 4   C   B "O3'" 1 
ATOM   1356 C "C2'" . C   B 2 4   ? -14.532 -4.232  -1.351  1.00 13.79 ? 4   C   B "C2'" 1 
ATOM   1357 O "O2'" . C   B 2 4   ? -14.144 -2.915  -1.039  1.00 13.50 ? 4   C   B "O2'" 1 
ATOM   1358 C "C1'" . C   B 2 4   ? -14.253 -4.543  -2.829  1.00 13.64 ? 4   C   B "C1'" 1 
ATOM   1359 N N1    . C   B 2 4   ? -15.429 -5.084  -3.511  1.00 15.65 ? 4   C   B N1    1 
ATOM   1360 C C2    . C   B 2 4   ? -16.240 -4.232  -4.275  1.00 18.98 ? 4   C   B C2    1 
ATOM   1361 O O2    . C   B 2 4   ? -15.922 -3.038  -4.387  1.00 20.34 ? 4   C   B O2    1 
ATOM   1362 N N3    . C   B 2 4   ? -17.312 -4.747  -4.922  1.00 22.00 ? 4   C   B N3    1 
ATOM   1363 C C4    . C   B 2 4   ? -17.617 -6.039  -4.781  1.00 20.72 ? 4   C   B C4    1 
ATOM   1364 N N4    . C   B 2 4   ? -18.694 -6.497  -5.417  1.00 24.49 ? 4   C   B N4    1 
ATOM   1365 C C5    . C   B 2 4   ? -16.822 -6.921  -3.995  1.00 19.87 ? 4   C   B C5    1 
ATOM   1366 C C6    . C   B 2 4   ? -15.753 -6.405  -3.375  1.00 17.64 ? 4   C   B C6    1 
ATOM   1367 P P     . U   B 2 5   ? -13.936 -5.082  2.043   1.00 12.34 ? 5   U   B P     1 
ATOM   1368 O OP1   . U   B 2 5   ? -12.923 -4.783  3.077   1.00 10.43 ? 5   U   B OP1   1 
ATOM   1369 O OP2   . U   B 2 5   ? -14.700 -6.367  2.023   1.00 11.70 ? 5   U   B OP2   1 
ATOM   1370 O "O5'" . U   B 2 5   ? -15.066 -3.974  2.119   1.00 11.92 ? 5   U   B "O5'" 1 
ATOM   1371 C "C5'" . U   B 2 5   ? -14.721 -2.566  2.162   1.00 12.90 ? 5   U   B "C5'" 1 
ATOM   1372 C "C4'" . U   B 2 5   ? -15.948 -1.735  1.930   1.00 13.28 ? 5   U   B "C4'" 1 
ATOM   1373 O "O4'" . U   B 2 5   ? -16.402 -1.979  0.591   1.00 13.36 ? 5   U   B "O4'" 1 
ATOM   1374 C "C3'" . U   B 2 5   ? -17.124 -2.064  2.833   1.00 13.87 ? 5   U   B "C3'" 1 
ATOM   1375 O "O3'" . U   B 2 5   ? -16.996 -1.252  4.002   1.00 17.55 ? 5   U   B "O3'" 1 
ATOM   1376 C "C2'" . U   B 2 5   ? -18.343 -1.733  1.965   1.00 14.34 ? 5   U   B "C2'" 1 
ATOM   1377 O "O2'" . U   B 2 5   ? -18.768 -0.400  2.130   1.00 13.45 ? 5   U   B "O2'" 1 
ATOM   1378 C "C1'" . U   B 2 5   ? -17.818 -1.955  0.541   1.00 14.79 ? 5   U   B "C1'" 1 
ATOM   1379 N N1    . U   B 2 5   ? -18.266 -3.193  -0.124  1.00 17.17 ? 5   U   B N1    1 
ATOM   1380 C C2    . U   B 2 5   ? -18.966 -3.076  -1.317  1.00 19.09 ? 5   U   B C2    1 
ATOM   1381 O O2    . U   B 2 5   ? -19.237 -2.004  -1.828  1.00 22.50 ? 5   U   B O2    1 
ATOM   1382 N N3    . U   B 2 5   ? -19.324 -4.268  -1.892  1.00 18.92 ? 5   U   B N3    1 
ATOM   1383 C C4    . U   B 2 5   ? -19.059 -5.534  -1.421  1.00 20.19 ? 5   U   B C4    1 
ATOM   1384 O O4    . U   B 2 5   ? -19.446 -6.509  -2.061  1.00 19.15 ? 5   U   B O4    1 
ATOM   1385 C C5    . U   B 2 5   ? -18.329 -5.572  -0.188  1.00 18.26 ? 5   U   B C5    1 
ATOM   1386 C C6    . U   B 2 5   ? -17.971 -4.428  0.405   1.00 17.22 ? 5   U   B C6    1 
HETATM 1387 X UNK   . UNX C 3 .   ? -10.618 13.294  -5.219  1.00 22.47 ? 601 UNX A UNK   1 
HETATM 1388 X UNK   . UNX D 3 .   ? -1.714  -4.584  10.600  1.00 20.41 ? 602 UNX A UNK   1 
HETATM 1389 X UNK   . UNX E 3 .   ? 2.898   -12.366 -7.953  1.00 15.35 ? 603 UNX A UNK   1 
HETATM 1390 X UNK   . UNX F 3 .   ? -20.351 -0.523  -4.234  1.00 19.08 ? 604 UNX A UNK   1 
HETATM 1391 X UNK   . UNX G 3 .   ? -10.698 -7.776  11.064  1.00 26.74 ? 605 UNX A UNK   1 
HETATM 1392 X UNK   . UNX H 3 .   ? -11.231 12.492  13.777  1.00 17.36 ? 606 UNX A UNK   1 
HETATM 1393 X UNK   . UNX I 3 .   ? -11.574 -1.838  0.238   1.00 8.32  ? 607 UNX A UNK   1 
HETATM 1394 O O     . HOH J 4 .   ? -2.188  -7.116  -2.878  1.00 13.91 ? 701 HOH A O     1 
HETATM 1395 O O     . HOH J 4 .   ? 3.513   -9.819  -6.491  1.00 19.55 ? 702 HOH A O     1 
HETATM 1396 O O     . HOH J 4 .   ? -5.889  -8.924  -6.819  1.00 20.36 ? 703 HOH A O     1 
HETATM 1397 O O     . HOH J 4 .   ? -2.565  7.568   -8.056  1.00 14.82 ? 704 HOH A O     1 
HETATM 1398 O O     . HOH J 4 .   ? -1.676  10.199  -8.118  1.00 16.92 ? 705 HOH A O     1 
HETATM 1399 O O     . HOH J 4 .   ? -10.626 4.729   -13.156 1.00 15.74 ? 706 HOH A O     1 
HETATM 1400 O O     . HOH J 4 .   ? -6.655  14.817  4.917   1.00 12.15 ? 707 HOH A O     1 
HETATM 1401 O O     . HOH J 4 .   ? -0.612  10.996  8.201   1.00 19.67 ? 708 HOH A O     1 
HETATM 1402 O O     . HOH J 4 .   ? -6.568  -4.252  11.912  1.00 20.53 ? 709 HOH A O     1 
HETATM 1403 O O     . HOH J 4 .   ? -2.242  2.453   15.459  1.00 28.70 ? 710 HOH A O     1 
HETATM 1404 O O     . HOH J 4 .   ? 9.960   -0.238  6.282   1.00 22.21 ? 711 HOH A O     1 
HETATM 1405 O O     . HOH J 4 .   ? 15.308  -20.299 -0.310  1.00 15.20 ? 712 HOH A O     1 
HETATM 1406 O O     . HOH J 4 .   ? -15.548 5.377   4.998   1.00 18.68 ? 713 HOH A O     1 
HETATM 1407 O O     . HOH J 4 .   ? -13.967 5.958   2.790   1.00 17.71 ? 714 HOH A O     1 
HETATM 1408 O O     . HOH J 4 .   ? -15.267 11.156  7.668   1.00 17.71 ? 715 HOH A O     1 
HETATM 1409 O O     . HOH J 4 .   ? -9.126  11.577  -13.793 1.00 16.72 ? 716 HOH A O     1 
HETATM 1410 O O     . HOH J 4 .   ? 8.066   4.037   -5.391  1.00 12.42 ? 717 HOH A O     1 
HETATM 1411 O O     . HOH J 4 .   ? 7.192   11.189  -3.905  1.00 22.97 ? 718 HOH A O     1 
HETATM 1412 O O     . HOH J 4 .   ? 12.224  -7.684  -4.413  1.00 33.38 ? 719 HOH A O     1 
HETATM 1413 O O     . HOH J 4 .   ? -12.184 -1.517  -7.272  1.00 15.00 ? 720 HOH A O     1 
HETATM 1414 O O     . HOH J 4 .   ? -20.995 2.210   3.982   1.00 20.33 ? 721 HOH A O     1 
HETATM 1415 O O     . HOH J 4 .   ? 2.146   16.255  -1.237  1.00 20.03 ? 722 HOH A O     1 
HETATM 1416 O O     . HOH J 4 .   ? -13.704 -3.741  5.633   0.50 2.11  ? 723 HOH A O     1 
HETATM 1417 O O     . HOH J 4 .   ? -7.973  -19.806 -8.018  1.00 27.65 ? 724 HOH A O     1 
HETATM 1418 O O     A HOH J 4 .   ? -10.970 3.372   -3.629  0.50 3.11  ? 725 HOH A O     1 
HETATM 1419 O O     B HOH J 4 .   ? -13.742 4.076   -4.185  0.50 5.17  ? 725 HOH A O     1 
HETATM 1420 O O     . HOH J 4 .   ? 9.207   -3.430  7.558   1.00 21.00 ? 726 HOH A O     1 
HETATM 1421 O O     . HOH J 4 .   ? -2.120  -5.596  -15.304 1.00 23.75 ? 727 HOH A O     1 
HETATM 1422 O O     . HOH J 4 .   ? -14.627 6.409   -12.013 1.00 18.62 ? 728 HOH A O     1 
HETATM 1423 O O     . HOH J 4 .   ? -7.079  1.253   -10.977 1.00 21.38 ? 729 HOH A O     1 
HETATM 1424 O O     . HOH J 4 .   ? -13.413 13.299  -2.058  1.00 28.10 ? 730 HOH A O     1 
HETATM 1425 O O     . HOH J 4 .   ? 7.006   9.486   10.908  1.00 35.89 ? 731 HOH A O     1 
HETATM 1426 O O     . HOH J 4 .   ? 12.530  -0.031  5.704   1.00 28.99 ? 732 HOH A O     1 
HETATM 1427 O O     . HOH J 4 .   ? -0.654  -22.079 -9.127  1.00 38.62 ? 733 HOH A O     1 
HETATM 1428 O O     . HOH J 4 .   ? -6.961  -19.113 -10.527 1.00 25.12 ? 734 HOH A O     1 
HETATM 1429 O O     . HOH J 4 .   ? -17.739 8.283   9.557   1.00 30.33 ? 735 HOH A O     1 
HETATM 1430 O O     . HOH J 4 .   ? -17.836 1.930   6.901   1.00 16.25 ? 736 HOH A O     1 
HETATM 1431 O O     . HOH J 4 .   ? 3.334   -14.572 -9.830  1.00 28.84 ? 737 HOH A O     1 
HETATM 1432 O O     . HOH J 4 .   ? 6.495   -15.011 -2.215  1.00 25.87 ? 738 HOH A O     1 
HETATM 1433 O O     . HOH J 4 .   ? 8.915   4.871   -7.943  1.00 15.34 ? 739 HOH A O     1 
HETATM 1434 O O     . HOH J 4 .   ? -12.612 0.542   -10.625 1.00 22.63 ? 740 HOH A O     1 
HETATM 1435 O O     . HOH J 4 .   ? -6.469  -16.391 4.266   1.00 20.08 ? 741 HOH A O     1 
HETATM 1436 O O     . HOH J 4 .   ? -9.582  -9.081  13.916  1.00 29.29 ? 742 HOH A O     1 
HETATM 1437 O O     . HOH J 4 .   ? 4.140   -6.795  12.096  1.00 24.39 ? 743 HOH A O     1 
HETATM 1438 O O     . HOH J 4 .   ? 3.767   -11.727 11.264  1.00 35.31 ? 744 HOH A O     1 
HETATM 1439 O O     . HOH J 4 .   ? 12.990  -4.276  5.060   1.00 31.70 ? 745 HOH A O     1 
HETATM 1440 O O     . HOH J 4 .   ? 0.318   1.338   -13.954 1.00 22.27 ? 746 HOH A O     1 
HETATM 1441 O O     . HOH J 4 .   ? -16.453 13.448  -1.271  1.00 25.91 ? 747 HOH A O     1 
HETATM 1442 O O     . HOH J 4 .   ? 1.153   2.801   -15.692 1.00 24.10 ? 748 HOH A O     1 
HETATM 1443 O O     . HOH J 4 .   ? -4.873  -22.366 1.152   1.00 27.34 ? 749 HOH A O     1 
HETATM 1444 O O     . HOH J 4 .   ? 9.052   -8.634  -12.150 1.00 32.04 ? 750 HOH A O     1 
HETATM 1445 O O     . HOH J 4 .   ? 11.150  -13.994 -5.494  1.00 25.73 ? 751 HOH A O     1 
HETATM 1446 O O     . HOH J 4 .   ? 14.970  -14.076 -1.954  1.00 24.24 ? 752 HOH A O     1 
HETATM 1447 O O     . HOH J 4 .   ? 1.288   -1.895  13.388  1.00 25.67 ? 753 HOH A O     1 
HETATM 1448 O O     . HOH J 4 .   ? 6.263   1.824   12.626  1.00 30.88 ? 754 HOH A O     1 
HETATM 1449 O O     . HOH J 4 .   ? -13.867 10.653  -12.434 1.00 24.48 ? 755 HOH A O     1 
HETATM 1450 O O     . HOH J 4 .   ? -16.799 -0.008  -8.600  1.00 24.62 ? 756 HOH A O     1 
HETATM 1451 O O     . HOH J 4 .   ? 2.768   15.133  -9.778  1.00 30.81 ? 757 HOH A O     1 
HETATM 1452 O O     . HOH J 4 .   ? 11.573  4.652   -7.200  1.00 29.45 ? 758 HOH A O     1 
HETATM 1453 O O     . HOH J 4 .   ? 9.439   -15.623 -4.165  1.00 23.48 ? 759 HOH A O     1 
HETATM 1454 O O     . HOH J 4 .   ? 5.170   -17.320 -3.205  1.00 30.28 ? 760 HOH A O     1 
HETATM 1455 O O     . HOH J 4 .   ? 5.586   -17.043 -9.102  1.00 35.10 ? 761 HOH A O     1 
HETATM 1456 O O     . HOH J 4 .   ? 8.574   -15.586 5.191   1.00 25.79 ? 762 HOH A O     1 
HETATM 1457 O O     . HOH J 4 .   ? 12.992  5.281   12.316  1.00 32.82 ? 763 HOH A O     1 
HETATM 1458 O O     . HOH J 4 .   ? 13.027  -1.250  1.193   1.00 30.41 ? 764 HOH A O     1 
HETATM 1459 O O     . HOH J 4 .   ? 12.328  -4.043  2.190   1.00 34.15 ? 765 HOH A O     1 
HETATM 1460 O O     . HOH J 4 .   ? 4.882   -8.322  -13.524 1.00 31.65 ? 766 HOH A O     1 
HETATM 1461 O O     . HOH J 4 .   ? -17.749 -9.088  2.449   1.00 23.74 ? 767 HOH A O     1 
HETATM 1462 O O     . HOH J 4 .   ? -11.810 12.101  -13.719 1.00 23.86 ? 768 HOH A O     1 
HETATM 1463 O O     . HOH J 4 .   ? -7.275  13.414  -13.196 1.00 33.85 ? 769 HOH A O     1 
HETATM 1464 O O     . HOH J 4 .   ? -6.100  17.061  3.491   0.50 17.21 ? 770 HOH A O     1 
HETATM 1465 O O     . HOH J 4 .   ? -3.605  15.818  8.164   1.00 29.86 ? 771 HOH A O     1 
HETATM 1466 O O     . HOH J 4 .   ? -11.129 -9.328  8.594   1.00 33.40 ? 772 HOH A O     1 
HETATM 1467 O O     . HOH J 4 .   ? -8.700  -15.762 3.369   1.00 25.33 ? 773 HOH A O     1 
HETATM 1468 O O     . HOH J 4 .   ? 10.781  7.058   -14.665 1.00 30.49 ? 774 HOH A O     1 
HETATM 1469 O O     . HOH K 4 .   ? -8.641  -8.649  -6.539  1.00 9.60  ? 101 HOH B O     1 
HETATM 1470 O O     . HOH K 4 .   ? -10.221 -10.838 -7.486  1.00 15.39 ? 102 HOH B O     1 
HETATM 1471 O O     A HOH K 4 .   ? -13.505 -10.704 -2.417  0.50 6.69  ? 103 HOH B O     1 
HETATM 1472 O O     B HOH K 4 .   ? -15.019 -9.043  -1.776  0.50 8.32  ? 103 HOH B O     1 
HETATM 1473 O O     . HOH K 4 .   ? -15.368 -8.624  1.179   1.00 20.88 ? 104 HOH B O     1 
HETATM 1474 O O     . HOH K 4 .   ? -11.491 -16.263 -13.001 1.00 13.62 ? 105 HOH B O     1 
HETATM 1475 O O     . HOH K 4 .   ? -19.072 -9.479  -4.581  1.00 29.35 ? 106 HOH B O     1 
HETATM 1476 O O     . HOH K 4 .   ? -9.096  -16.647 -11.868 1.00 20.20 ? 107 HOH B O     1 
HETATM 1477 O O     . HOH K 4 .   ? -5.232  -8.536  -9.525  0.50 7.83  ? 108 HOH B O     1 
HETATM 1478 O O     . HOH K 4 .   ? -15.299 -1.112  -6.165  1.00 19.95 ? 109 HOH B O     1 
HETATM 1479 O O     . HOH K 4 .   ? -2.625  -16.202 -11.974 1.00 27.14 ? 110 HOH B O     1 
HETATM 1480 O O     . HOH K 4 .   ? -13.044 -15.307 -0.303  1.00 18.08 ? 111 HOH B O     1 
HETATM 1481 O O     . HOH K 4 .   ? -11.891 -12.790 -1.499  1.00 25.94 ? 112 HOH B O     1 
HETATM 1482 O O     . HOH K 4 .   ? -13.697 -13.174 -6.733  1.00 30.88 ? 113 HOH B O     1 
HETATM 1483 O O     . HOH K 4 .   ? -7.697  -3.438  -9.229  1.00 19.16 ? 114 HOH B O     1 
HETATM 1484 O O     . HOH K 4 .   ? -7.517  -7.148  -16.284 1.00 25.16 ? 115 HOH B O     1 
# 
